data_7KYH
#
_entry.id   7KYH
#
_cell.length_a   57.315
_cell.length_b   84.050
_cell.length_c   99.723
_cell.angle_alpha   103.780
_cell.angle_beta   91.840
_cell.angle_gamma   108.670
#
_symmetry.space_group_name_H-M   'P 1'
#
loop_
_entity.id
_entity.type
_entity.pdbx_description
1 polymer Bont/A1
2 non-polymer 'ZINC ION'
3 non-polymer N-[(3,5-dichlorophenyl)sulfonyl]-L-phenylalanyl-N-hydroxy-L-valinamide
#
_entity_poly.entity_id   1
_entity_poly.type   'polypeptide(L)'
_entity_poly.pdbx_seq_one_letter_code
;MPFVNKQFNYKDPVNGVDIAYIKIPNVGVMQPVKAFKIHNKIWVIPERDTFTNPEEGDLNPPPEAKQVPVSYYDSTYLST
DNEKDNYLKGVTKLFERIYSTDLGRMLLTSIVRGIPFWGGSTIDTELKVIDTNCINVIQPDGSYRSEELNLVIIGPSADI
IQFECKSFGHEVLNLTRNGYGSTQYIRFSPDFTFGFEESLEVDTNPLLGAGKFATDPAVTLAHELIHAGHRLYGIAINPN
RVFKVNTNAYYEMSGLEVSFEELRTFGGHDAKFIDSLQENEFRLYYYNKFKDIASTLNKAKSIVGTTASLQYMKNVFKEK
YLLSEDTSGKFSVDKLKFDKLYKMLTEIYTEDNFVKFFKVLNRKTYLNFDKAVFKINIVPKVNYTIYDGFNLRNTNLAAN
FNGQNTEINNMNFTKLK
;
_entity_poly.pdbx_strand_id   A,B,C,D
#
# COMPACT_ATOMS: atom_id res chain seq x y z
N PHE A 3 -3.69 -25.44 21.99
CA PHE A 3 -4.09 -24.72 23.22
C PHE A 3 -5.19 -25.53 23.91
N VAL A 4 -6.11 -26.06 23.10
CA VAL A 4 -7.02 -27.19 23.45
C VAL A 4 -6.50 -28.48 22.80
N ASN A 5 -5.80 -29.31 23.58
CA ASN A 5 -5.10 -30.57 23.15
C ASN A 5 -6.10 -31.55 22.53
N LYS A 6 -7.25 -31.78 23.17
CA LYS A 6 -8.19 -32.83 22.73
C LYS A 6 -9.49 -32.20 22.19
N GLN A 7 -10.06 -32.79 21.15
CA GLN A 7 -11.31 -32.30 20.54
C GLN A 7 -12.43 -32.75 21.46
N PHE A 8 -13.27 -31.80 21.87
CA PHE A 8 -14.44 -32.04 22.74
C PHE A 8 -15.70 -32.06 21.88
N ASN A 9 -16.59 -32.98 22.24
CA ASN A 9 -18.00 -33.01 21.82
C ASN A 9 -18.82 -32.78 23.10
N TYR A 10 -20.00 -32.18 23.00
CA TYR A 10 -20.86 -31.85 24.17
C TYR A 10 -21.48 -33.13 24.73
N LYS A 11 -21.62 -34.15 23.89
CA LYS A 11 -22.17 -35.50 24.25
C LYS A 11 -21.13 -36.26 25.08
N ASP A 12 -19.85 -35.99 24.81
CA ASP A 12 -18.71 -36.71 25.42
C ASP A 12 -18.99 -36.85 26.91
N PRO A 13 -18.76 -38.06 27.47
CA PRO A 13 -19.21 -38.36 28.81
C PRO A 13 -18.40 -37.57 29.85
N VAL A 14 -19.07 -37.11 30.91
CA VAL A 14 -18.40 -36.47 32.08
C VAL A 14 -17.43 -37.47 32.72
N ASN A 15 -16.32 -36.94 33.22
CA ASN A 15 -15.16 -37.65 33.80
C ASN A 15 -14.67 -36.94 35.06
N GLY A 16 -15.31 -35.81 35.44
CA GLY A 16 -15.05 -35.04 36.68
C GLY A 16 -13.65 -34.43 36.75
N VAL A 17 -12.85 -34.54 35.67
CA VAL A 17 -11.50 -33.93 35.50
C VAL A 17 -11.61 -32.71 34.57
N ASP A 18 -12.16 -32.89 33.37
CA ASP A 18 -12.29 -31.78 32.39
C ASP A 18 -13.75 -31.61 31.99
N ILE A 19 -14.41 -32.72 31.61
CA ILE A 19 -15.85 -32.66 31.19
C ILE A 19 -16.70 -32.97 32.43
N ALA A 20 -17.40 -31.98 32.99
CA ALA A 20 -17.99 -32.10 34.34
C ALA A 20 -19.25 -31.27 34.45
N TYR A 21 -20.16 -31.69 35.32
CA TYR A 21 -21.22 -30.81 35.86
C TYR A 21 -20.61 -30.03 37.02
N ILE A 22 -20.86 -28.72 37.05
CA ILE A 22 -20.07 -27.71 37.81
C ILE A 22 -21.06 -26.75 38.44
N LYS A 23 -20.63 -26.07 39.49
CA LYS A 23 -21.47 -25.04 40.15
C LYS A 23 -20.68 -23.74 40.22
N ILE A 24 -21.22 -22.71 39.61
CA ILE A 24 -20.71 -21.34 39.78
C ILE A 24 -21.00 -20.95 41.23
N PRO A 25 -20.10 -20.19 41.88
CA PRO A 25 -20.46 -19.40 43.06
C PRO A 25 -21.83 -18.71 42.94
N ASN A 26 -22.79 -19.19 43.73
CA ASN A 26 -24.12 -18.55 43.86
C ASN A 26 -24.40 -18.29 45.35
N VAL A 27 -23.80 -17.26 45.96
CA VAL A 27 -22.33 -17.05 46.09
C VAL A 27 -21.83 -17.69 47.38
N MET A 30 -29.83 -23.39 43.05
CA MET A 30 -29.00 -23.31 41.81
C MET A 30 -28.71 -24.73 41.30
N GLN A 31 -28.42 -24.92 40.01
CA GLN A 31 -28.32 -26.27 39.39
C GLN A 31 -27.06 -26.43 38.55
N PRO A 32 -26.55 -27.67 38.44
CA PRO A 32 -25.29 -27.94 37.76
C PRO A 32 -25.38 -27.97 36.24
N VAL A 33 -24.30 -27.51 35.60
CA VAL A 33 -24.23 -27.43 34.10
C VAL A 33 -22.99 -28.15 33.62
N LYS A 34 -23.12 -28.71 32.44
CA LYS A 34 -22.01 -29.34 31.71
C LYS A 34 -21.07 -28.25 31.20
N ALA A 35 -19.80 -28.45 31.44
CA ALA A 35 -18.73 -27.48 31.20
C ALA A 35 -17.43 -28.25 30.95
N PHE A 36 -16.68 -27.74 29.98
CA PHE A 36 -15.45 -28.34 29.43
C PHE A 36 -14.22 -27.52 29.79
N LYS A 37 -13.14 -28.21 30.07
CA LYS A 37 -11.86 -27.64 30.50
C LYS A 37 -10.89 -27.85 29.34
N ILE A 38 -10.89 -26.87 28.44
CA ILE A 38 -10.17 -26.82 27.15
C ILE A 38 -8.69 -26.48 27.38
N HIS A 39 -8.28 -26.22 28.62
CA HIS A 39 -6.87 -25.85 28.98
C HIS A 39 -6.82 -25.54 30.49
N ASN A 40 -5.67 -25.80 31.11
CA ASN A 40 -5.34 -25.34 32.49
C ASN A 40 -6.05 -24.00 32.69
N LYS A 41 -6.90 -23.91 33.72
CA LYS A 41 -7.51 -22.68 34.28
C LYS A 41 -8.57 -22.09 33.33
N ILE A 42 -8.80 -22.70 32.16
CA ILE A 42 -9.89 -22.27 31.24
C ILE A 42 -10.91 -23.37 30.98
N TRP A 43 -12.15 -23.07 31.41
CA TRP A 43 -13.42 -23.84 31.30
C TRP A 43 -14.39 -23.08 30.38
N VAL A 44 -15.29 -23.80 29.71
CA VAL A 44 -16.23 -23.31 28.67
C VAL A 44 -17.57 -23.93 29.01
N ILE A 45 -18.55 -23.09 29.29
CA ILE A 45 -19.91 -23.53 29.63
C ILE A 45 -20.73 -23.21 28.40
N PRO A 46 -21.18 -24.23 27.64
CA PRO A 46 -22.14 -24.04 26.55
C PRO A 46 -23.56 -23.75 26.99
N GLU A 47 -23.73 -22.90 27.99
CA GLU A 47 -25.13 -22.49 28.36
C GLU A 47 -25.22 -20.96 28.28
N ARG A 48 -26.45 -20.49 28.14
CA ARG A 48 -26.89 -19.10 28.42
C ARG A 48 -26.63 -18.75 29.90
N ASP A 49 -26.13 -17.52 30.12
CA ASP A 49 -25.74 -16.97 31.45
C ASP A 49 -26.96 -16.53 32.27
N THR A 50 -27.57 -17.48 32.98
CA THR A 50 -28.68 -17.29 33.95
C THR A 50 -28.20 -17.55 35.39
N PHE A 51 -26.91 -17.31 35.70
CA PHE A 51 -26.18 -17.88 36.89
C PHE A 51 -25.37 -16.81 37.68
N THR A 52 -24.70 -15.90 36.96
CA THR A 52 -23.65 -14.99 37.49
C THR A 52 -24.29 -13.84 38.28
N ASN A 53 -25.54 -13.49 37.94
CA ASN A 53 -26.34 -12.31 38.44
C ASN A 53 -27.73 -12.79 38.84
N PRO A 54 -28.05 -12.87 40.17
CA PRO A 54 -29.30 -13.43 40.70
C PRO A 54 -30.60 -13.22 39.91
N GLU A 55 -31.04 -14.26 39.22
CA GLU A 55 -32.30 -14.25 38.45
C GLU A 55 -32.29 -13.15 37.39
N GLU A 56 -31.24 -13.16 36.56
CA GLU A 56 -31.10 -12.30 35.36
C GLU A 56 -31.24 -13.27 34.18
N GLY A 57 -32.02 -14.34 34.42
CA GLY A 57 -32.28 -15.50 33.56
C GLY A 57 -33.74 -15.64 33.18
N ASP A 58 -34.53 -14.58 33.33
CA ASP A 58 -35.93 -14.65 32.82
C ASP A 58 -35.73 -14.95 31.35
N LEU A 59 -34.58 -14.49 30.84
CA LEU A 59 -34.01 -14.79 29.51
C LEU A 59 -34.98 -14.40 28.38
N ASN A 60 -35.91 -13.48 28.65
CA ASN A 60 -37.01 -13.11 27.70
C ASN A 60 -37.13 -11.59 27.63
N PRO A 61 -37.29 -11.02 26.41
CA PRO A 61 -37.19 -9.58 26.16
C PRO A 61 -37.64 -8.57 27.20
N PRO A 62 -36.98 -7.38 27.28
CA PRO A 62 -37.36 -6.31 28.20
C PRO A 62 -38.64 -5.58 27.77
N PRO A 63 -39.13 -4.61 28.57
CA PRO A 63 -40.36 -3.88 28.23
C PRO A 63 -40.20 -3.24 26.83
N GLU A 64 -39.19 -2.40 26.67
CA GLU A 64 -38.76 -1.87 25.35
C GLU A 64 -37.23 -2.00 25.24
N ALA A 65 -36.77 -2.72 24.21
CA ALA A 65 -35.35 -3.06 23.94
C ALA A 65 -34.80 -2.19 22.79
N LYS A 66 -33.46 -2.09 22.68
CA LYS A 66 -32.75 -1.23 21.69
C LYS A 66 -32.88 -1.80 20.26
N GLN A 67 -33.25 -3.08 20.13
CA GLN A 67 -33.44 -3.75 18.81
C GLN A 67 -32.21 -3.55 17.90
N VAL A 68 -32.46 -3.29 16.62
CA VAL A 68 -31.36 -3.11 15.62
C VAL A 68 -30.67 -1.75 15.87
N PRO A 69 -29.34 -1.65 15.70
CA PRO A 69 -28.44 -2.79 15.75
C PRO A 69 -27.63 -2.81 17.05
N VAL A 70 -28.28 -3.15 18.17
CA VAL A 70 -27.58 -3.19 19.49
C VAL A 70 -28.07 -4.37 20.33
N SER A 71 -29.38 -4.60 20.36
CA SER A 71 -29.94 -5.72 21.16
C SER A 71 -30.52 -6.84 20.27
N TYR A 72 -30.20 -8.09 20.61
CA TYR A 72 -30.85 -9.31 20.05
C TYR A 72 -31.31 -10.22 21.18
N TYR A 73 -32.53 -10.79 21.07
CA TYR A 73 -33.24 -11.57 22.13
C TYR A 73 -34.01 -12.78 21.55
N ASP A 74 -33.28 -13.89 21.30
CA ASP A 74 -33.84 -15.26 21.05
C ASP A 74 -33.78 -16.10 22.34
N SER A 75 -34.93 -16.43 22.93
CA SER A 75 -35.07 -17.14 24.24
C SER A 75 -34.62 -18.59 24.13
N THR A 76 -34.37 -19.04 22.89
CA THR A 76 -34.17 -20.46 22.48
C THR A 76 -32.71 -20.75 22.08
N TYR A 77 -31.90 -19.72 21.80
CA TYR A 77 -30.48 -19.88 21.38
C TYR A 77 -29.76 -20.62 22.49
N LEU A 78 -28.92 -21.60 22.15
CA LEU A 78 -28.09 -22.38 23.11
C LEU A 78 -28.98 -23.20 24.06
N SER A 79 -30.02 -23.84 23.51
CA SER A 79 -30.94 -24.77 24.22
C SER A 79 -30.69 -26.20 23.74
N THR A 80 -30.46 -26.37 22.44
CA THR A 80 -30.17 -27.65 21.76
C THR A 80 -28.68 -28.01 21.98
N ASP A 81 -28.40 -29.30 22.24
CA ASP A 81 -27.06 -29.90 22.39
C ASP A 81 -26.27 -29.61 21.09
N ASN A 82 -26.96 -29.74 19.94
CA ASN A 82 -26.41 -29.50 18.58
C ASN A 82 -25.82 -28.07 18.51
N GLU A 83 -26.49 -27.08 19.10
CA GLU A 83 -26.00 -25.67 19.24
C GLU A 83 -24.85 -25.61 20.25
N LYS A 84 -25.02 -26.20 21.43
CA LYS A 84 -23.99 -26.26 22.52
C LYS A 84 -22.69 -26.91 22.00
N ASP A 85 -22.78 -27.89 21.12
CA ASP A 85 -21.58 -28.62 20.58
C ASP A 85 -20.93 -27.75 19.51
N ASN A 86 -21.75 -27.17 18.63
CA ASN A 86 -21.33 -26.07 17.71
C ASN A 86 -20.72 -24.90 18.48
N TYR A 87 -21.20 -24.60 19.70
CA TYR A 87 -20.74 -23.43 20.49
C TYR A 87 -19.31 -23.68 20.92
N LEU A 88 -19.06 -24.87 21.48
CA LEU A 88 -17.80 -25.27 22.16
C LEU A 88 -16.75 -25.44 21.06
N LYS A 89 -17.18 -26.03 19.94
CA LYS A 89 -16.43 -26.09 18.65
C LYS A 89 -16.22 -24.68 18.10
N GLY A 90 -17.18 -23.76 18.28
CA GLY A 90 -17.01 -22.31 18.01
C GLY A 90 -15.85 -21.71 18.78
N VAL A 91 -15.90 -21.82 20.10
CA VAL A 91 -15.09 -21.03 21.05
C VAL A 91 -13.70 -21.62 21.05
N THR A 92 -13.61 -22.92 20.77
CA THR A 92 -12.35 -23.69 20.77
C THR A 92 -11.54 -23.20 19.56
N LYS A 93 -12.22 -23.04 18.43
CA LYS A 93 -11.67 -22.48 17.16
C LYS A 93 -11.11 -21.06 17.34
N LEU A 94 -11.90 -20.11 17.89
CA LEU A 94 -11.42 -18.71 18.12
C LEU A 94 -10.19 -18.69 19.05
N PHE A 95 -10.11 -19.54 20.06
CA PHE A 95 -8.94 -19.63 20.98
C PHE A 95 -7.68 -20.04 20.22
N GLU A 96 -7.81 -20.93 19.24
CA GLU A 96 -6.61 -21.49 18.51
C GLU A 96 -6.16 -20.46 17.47
N ARG A 97 -7.13 -19.90 16.74
CA ARG A 97 -6.97 -18.66 15.91
C ARG A 97 -6.17 -17.62 16.68
N ILE A 98 -6.60 -17.34 17.91
CA ILE A 98 -5.96 -16.36 18.81
C ILE A 98 -4.57 -16.90 19.20
N TYR A 99 -4.44 -18.20 19.49
CA TYR A 99 -3.17 -18.87 19.89
C TYR A 99 -2.17 -18.88 18.72
N SER A 100 -2.62 -19.07 17.48
CA SER A 100 -1.80 -19.08 16.22
C SER A 100 -0.96 -17.80 16.06
N THR A 101 -1.49 -16.67 16.55
CA THR A 101 -0.80 -15.34 16.63
C THR A 101 0.18 -15.42 17.78
N ASP A 102 1.41 -14.96 17.56
CA ASP A 102 2.46 -14.83 18.60
C ASP A 102 1.92 -14.05 19.78
N LEU A 103 0.92 -13.20 19.57
CA LEU A 103 0.46 -12.16 20.54
C LEU A 103 -0.69 -12.72 21.38
N GLY A 104 -1.71 -13.32 20.76
CA GLY A 104 -2.71 -14.19 21.41
C GLY A 104 -2.12 -15.33 22.24
N ARG A 105 -1.00 -15.92 21.81
CA ARG A 105 -0.31 -17.04 22.49
C ARG A 105 0.26 -16.55 23.82
N MET A 106 0.98 -15.41 23.79
CA MET A 106 1.54 -14.63 24.95
C MET A 106 0.39 -14.20 25.85
N LEU A 107 -0.74 -13.84 25.27
CA LEU A 107 -1.89 -13.31 26.02
C LEU A 107 -2.50 -14.43 26.88
N LEU A 108 -2.90 -15.55 26.25
CA LEU A 108 -3.47 -16.74 26.93
C LEU A 108 -2.44 -17.23 27.94
N THR A 109 -1.19 -17.14 27.57
CA THR A 109 -0.11 -17.57 28.47
C THR A 109 -0.14 -16.63 29.66
N SER A 110 -0.59 -15.40 29.44
CA SER A 110 -0.60 -14.33 30.48
C SER A 110 -1.84 -14.57 31.36
N ILE A 111 -2.94 -14.96 30.71
CA ILE A 111 -4.24 -15.34 31.33
C ILE A 111 -4.13 -16.59 32.20
N VAL A 112 -3.35 -17.60 31.76
CA VAL A 112 -3.32 -18.98 32.33
C VAL A 112 -2.53 -18.90 33.63
N ARG A 113 -1.42 -18.16 33.56
CA ARG A 113 -0.44 -17.88 34.64
C ARG A 113 -0.96 -16.88 35.68
N GLY A 114 -2.04 -16.14 35.40
CA GLY A 114 -2.53 -15.06 36.27
C GLY A 114 -3.53 -15.58 37.28
N ILE A 115 -3.00 -16.39 38.21
CA ILE A 115 -3.80 -17.08 39.25
C ILE A 115 -4.29 -15.98 40.17
N PRO A 116 -5.64 -15.86 40.35
CA PRO A 116 -6.24 -14.96 41.31
C PRO A 116 -5.65 -15.21 42.69
N PHE A 117 -5.29 -14.11 43.34
CA PHE A 117 -4.43 -14.16 44.55
C PHE A 117 -5.29 -14.73 45.68
N TRP A 118 -4.60 -15.36 46.64
CA TRP A 118 -5.09 -16.16 47.78
C TRP A 118 -5.20 -15.22 48.98
N GLY A 119 -6.09 -14.22 48.90
CA GLY A 119 -6.20 -13.12 49.89
C GLY A 119 -7.49 -13.18 50.68
N GLY A 120 -7.87 -14.40 51.07
CA GLY A 120 -9.23 -14.75 51.52
C GLY A 120 -9.36 -14.87 53.02
N SER A 121 -8.26 -14.76 53.75
CA SER A 121 -8.27 -14.82 55.22
C SER A 121 -8.18 -13.43 55.81
N THR A 122 -8.90 -13.19 56.91
CA THR A 122 -8.89 -11.87 57.59
C THR A 122 -7.50 -11.63 58.19
N ILE A 123 -6.72 -12.70 58.36
CA ILE A 123 -5.34 -12.59 58.94
C ILE A 123 -4.39 -12.13 57.83
N ASP A 124 -3.21 -11.63 58.21
CA ASP A 124 -2.20 -11.13 57.23
C ASP A 124 -0.98 -12.05 57.24
N THR A 125 -1.04 -13.14 58.02
CA THR A 125 0.11 -14.09 58.10
C THR A 125 -0.25 -15.43 57.39
N GLU A 126 -1.40 -15.45 56.71
CA GLU A 126 -1.98 -16.69 56.14
C GLU A 126 -2.54 -16.53 54.72
N LEU A 127 -2.15 -17.44 53.82
CA LEU A 127 -2.71 -17.53 52.47
C LEU A 127 -3.99 -18.37 52.54
N LYS A 128 -5.03 -17.96 51.83
CA LYS A 128 -6.37 -18.60 51.85
C LYS A 128 -7.12 -18.24 50.55
N VAL A 129 -7.69 -19.24 49.92
CA VAL A 129 -8.34 -19.07 48.61
C VAL A 129 -9.57 -18.23 48.86
N ILE A 130 -9.98 -17.43 47.86
CA ILE A 130 -11.25 -16.66 47.80
C ILE A 130 -12.18 -17.51 46.93
N ASP A 131 -13.08 -18.25 47.58
CA ASP A 131 -13.96 -19.26 46.96
C ASP A 131 -14.60 -18.73 45.70
N THR A 132 -14.66 -17.40 45.51
CA THR A 132 -15.34 -16.73 44.34
C THR A 132 -14.49 -17.01 43.07
N ASN A 133 -13.21 -17.28 43.30
CA ASN A 133 -12.20 -17.55 42.26
C ASN A 133 -12.11 -19.06 42.05
N CYS A 134 -13.18 -19.76 42.38
CA CYS A 134 -13.22 -21.23 42.32
C CYS A 134 -14.60 -21.68 41.81
N ILE A 135 -14.65 -22.86 41.21
CA ILE A 135 -15.92 -23.53 40.79
C ILE A 135 -16.03 -24.84 41.58
N ASN A 136 -17.19 -25.47 41.57
CA ASN A 136 -17.40 -26.72 42.33
C ASN A 136 -17.74 -27.81 41.31
N VAL A 137 -16.76 -28.67 41.08
CA VAL A 137 -16.85 -29.80 40.13
C VAL A 137 -17.50 -30.99 40.87
N ILE A 138 -18.67 -31.42 40.40
CA ILE A 138 -19.41 -32.59 40.94
C ILE A 138 -18.64 -33.89 40.70
N GLN A 139 -18.41 -34.63 41.77
CA GLN A 139 -17.74 -35.94 41.75
C GLN A 139 -18.83 -37.00 41.75
N PRO A 140 -18.47 -38.26 41.40
CA PRO A 140 -19.39 -39.39 41.28
C PRO A 140 -20.45 -39.56 42.38
N ASP A 141 -20.14 -39.25 43.65
CA ASP A 141 -21.03 -39.47 44.83
C ASP A 141 -21.89 -38.23 45.11
N GLY A 142 -22.04 -37.33 44.12
CA GLY A 142 -22.86 -36.09 44.17
C GLY A 142 -22.16 -34.95 44.88
N SER A 143 -21.11 -35.25 45.66
CA SER A 143 -20.30 -34.28 46.43
C SER A 143 -19.57 -33.37 45.42
N TYR A 144 -19.07 -32.20 45.88
CA TYR A 144 -18.45 -31.13 45.05
C TYR A 144 -17.00 -30.89 45.50
N ARG A 145 -16.09 -30.59 44.56
CA ARG A 145 -14.65 -30.39 44.87
C ARG A 145 -14.15 -29.07 44.29
N SER A 146 -14.04 -28.04 45.12
CA SER A 146 -13.52 -26.70 44.74
C SER A 146 -12.38 -26.95 43.74
N GLU A 147 -12.49 -26.43 42.51
CA GLU A 147 -11.33 -26.21 41.61
C GLU A 147 -11.08 -24.71 41.36
N GLU A 148 -9.85 -24.29 41.51
CA GLU A 148 -9.40 -22.94 41.10
C GLU A 148 -9.34 -22.82 39.58
N LEU A 149 -9.92 -21.74 39.06
CA LEU A 149 -9.80 -21.37 37.62
C LEU A 149 -9.59 -19.85 37.45
N ASN A 150 -9.05 -19.48 36.29
CA ASN A 150 -8.83 -18.07 35.93
C ASN A 150 -9.90 -17.60 34.96
N LEU A 151 -10.46 -18.45 34.12
CA LEU A 151 -11.35 -17.93 33.06
C LEU A 151 -12.50 -18.87 32.69
N VAL A 152 -13.72 -18.34 32.60
CA VAL A 152 -14.92 -19.11 32.18
C VAL A 152 -15.52 -18.40 30.97
N ILE A 153 -15.74 -19.14 29.91
CA ILE A 153 -16.41 -18.60 28.70
C ILE A 153 -17.78 -19.26 28.68
N ILE A 154 -18.79 -18.46 28.98
CA ILE A 154 -20.22 -18.90 29.09
C ILE A 154 -20.98 -18.02 28.10
N GLY A 155 -22.12 -18.49 27.66
CA GLY A 155 -22.93 -17.81 26.63
C GLY A 155 -23.68 -16.65 27.25
N PRO A 156 -24.38 -15.86 26.44
CA PRO A 156 -24.96 -14.63 26.92
C PRO A 156 -26.23 -14.89 27.72
N SER A 157 -26.71 -13.86 28.44
CA SER A 157 -28.05 -13.77 29.06
C SER A 157 -28.99 -13.22 28.00
N ALA A 158 -30.10 -12.59 28.39
CA ALA A 158 -31.20 -12.13 27.49
C ALA A 158 -30.59 -11.55 26.19
N ASP A 159 -29.91 -10.41 26.27
CA ASP A 159 -29.28 -9.76 25.10
C ASP A 159 -28.16 -10.69 24.69
N ILE A 160 -28.21 -11.17 23.46
CA ILE A 160 -27.26 -12.21 22.97
C ILE A 160 -25.97 -11.54 22.56
N ILE A 161 -26.02 -10.26 22.18
CA ILE A 161 -24.82 -9.54 21.64
C ILE A 161 -24.16 -8.71 22.73
N GLN A 162 -24.68 -8.77 23.96
CA GLN A 162 -24.11 -8.06 25.14
C GLN A 162 -22.98 -8.92 25.71
N PHE A 163 -21.87 -8.91 25.01
CA PHE A 163 -20.63 -9.59 25.41
C PHE A 163 -19.94 -8.66 26.40
N GLU A 164 -19.41 -9.24 27.47
CA GLU A 164 -18.67 -8.53 28.54
C GLU A 164 -17.83 -9.57 29.29
N CYS A 165 -16.83 -9.10 30.06
CA CYS A 165 -15.98 -9.79 31.08
C CYS A 165 -16.30 -9.24 32.50
N LYS A 166 -17.08 -10.01 33.28
CA LYS A 166 -17.48 -9.68 34.69
C LYS A 166 -16.82 -10.62 35.69
N SER A 167 -16.97 -10.32 36.97
CA SER A 167 -16.32 -11.06 38.07
C SER A 167 -17.05 -10.80 39.39
N PHE A 168 -17.10 -11.81 40.25
CA PHE A 168 -17.60 -11.72 41.63
C PHE A 168 -16.59 -10.87 42.42
N GLY A 169 -17.15 -10.03 43.30
CA GLY A 169 -16.35 -9.12 44.11
C GLY A 169 -16.27 -9.54 45.55
N HIS A 170 -15.86 -8.61 46.40
CA HIS A 170 -15.66 -8.82 47.86
C HIS A 170 -16.38 -7.73 48.64
N GLU A 171 -16.49 -7.94 49.94
CA GLU A 171 -17.14 -7.00 50.85
C GLU A 171 -16.30 -5.73 50.91
N VAL A 172 -14.97 -5.90 50.92
CA VAL A 172 -13.99 -4.80 51.10
C VAL A 172 -13.04 -4.67 49.90
N LEU A 173 -12.73 -5.78 49.23
CA LEU A 173 -11.71 -5.86 48.16
C LEU A 173 -12.30 -5.61 46.75
N ASN A 174 -11.67 -4.67 46.02
CA ASN A 174 -11.78 -4.50 44.56
C ASN A 174 -10.68 -5.36 43.92
N LEU A 175 -11.10 -6.53 43.45
CA LEU A 175 -10.18 -7.67 43.19
C LEU A 175 -9.50 -7.50 41.83
N THR A 176 -10.19 -6.88 40.88
CA THR A 176 -9.72 -6.48 39.53
C THR A 176 -8.84 -5.23 39.57
N ARG A 177 -8.86 -4.48 40.68
CA ARG A 177 -8.18 -3.17 40.76
C ARG A 177 -7.26 -3.06 41.98
N ASN A 178 -6.88 -4.16 42.61
CA ASN A 178 -5.94 -4.16 43.77
C ASN A 178 -4.80 -5.15 43.54
N GLY A 179 -4.46 -5.46 42.30
CA GLY A 179 -3.37 -6.42 42.00
C GLY A 179 -3.70 -7.90 42.23
N TYR A 180 -4.70 -8.18 43.06
CA TYR A 180 -4.99 -9.59 43.46
C TYR A 180 -5.40 -10.42 42.25
N GLY A 181 -6.61 -10.16 41.77
CA GLY A 181 -7.21 -10.86 40.67
C GLY A 181 -8.49 -11.51 41.10
N SER A 182 -9.24 -11.97 40.12
CA SER A 182 -10.59 -12.50 40.29
C SER A 182 -10.92 -13.36 39.07
N THR A 183 -11.56 -14.51 39.33
CA THR A 183 -11.98 -15.45 38.26
C THR A 183 -12.82 -14.64 37.26
N GLN A 184 -12.48 -14.71 35.98
CA GLN A 184 -13.19 -13.91 34.96
C GLN A 184 -14.21 -14.74 34.20
N TYR A 185 -15.42 -14.21 34.02
CA TYR A 185 -16.52 -14.87 33.27
C TYR A 185 -16.80 -13.99 32.05
N ILE A 186 -16.61 -14.54 30.85
CA ILE A 186 -16.77 -13.83 29.55
C ILE A 186 -18.06 -14.27 28.86
N ARG A 187 -19.07 -13.40 28.81
CA ARG A 187 -20.33 -13.73 28.10
C ARG A 187 -20.02 -13.62 26.61
N PHE A 188 -20.21 -14.68 25.84
CA PHE A 188 -19.81 -14.65 24.41
C PHE A 188 -20.55 -15.70 23.57
N SER A 189 -20.76 -15.39 22.28
CA SER A 189 -21.38 -16.27 21.26
C SER A 189 -20.61 -16.15 19.97
N PRO A 190 -20.00 -17.22 19.43
CA PRO A 190 -19.37 -17.18 18.12
C PRO A 190 -20.35 -17.52 16.98
N ASP A 191 -21.63 -17.63 17.30
CA ASP A 191 -22.72 -17.97 16.35
C ASP A 191 -23.43 -16.70 15.90
N PHE A 192 -22.85 -15.53 16.18
CA PHE A 192 -23.35 -14.19 15.79
C PHE A 192 -22.16 -13.24 15.68
N THR A 193 -22.27 -12.16 14.92
CA THR A 193 -21.20 -11.12 14.79
C THR A 193 -21.80 -9.78 14.39
N PHE A 194 -21.07 -8.70 14.64
CA PHE A 194 -21.56 -7.32 14.38
C PHE A 194 -21.01 -6.83 13.04
N GLY A 195 -21.90 -6.33 12.19
CA GLY A 195 -21.54 -5.56 11.00
C GLY A 195 -21.19 -4.12 11.31
N PHE A 196 -20.20 -3.57 10.60
CA PHE A 196 -19.83 -2.13 10.56
C PHE A 196 -19.73 -1.66 9.09
N GLU A 197 -19.02 -0.56 8.89
CA GLU A 197 -18.78 0.10 7.57
C GLU A 197 -17.36 0.71 7.61
N GLU A 198 -16.61 0.57 6.53
CA GLU A 198 -15.22 1.13 6.38
C GLU A 198 -14.31 0.70 7.52
N ALA A 210 -26.26 0.76 1.69
CA ALA A 210 -25.12 -0.20 1.63
C ALA A 210 -24.61 -0.49 3.04
N GLY A 211 -24.44 -1.78 3.34
CA GLY A 211 -23.82 -2.29 4.58
C GLY A 211 -22.58 -3.10 4.27
N LYS A 212 -21.40 -2.49 4.42
CA LYS A 212 -20.11 -3.11 4.03
C LYS A 212 -19.90 -4.43 4.78
N PHE A 213 -19.11 -4.43 5.85
CA PHE A 213 -18.36 -5.61 6.36
C PHE A 213 -18.92 -6.07 7.73
N ALA A 214 -18.10 -6.81 8.49
CA ALA A 214 -18.50 -7.70 9.61
C ALA A 214 -17.28 -8.06 10.46
N THR A 215 -17.41 -7.99 11.79
CA THR A 215 -16.30 -8.19 12.75
C THR A 215 -15.99 -9.69 12.81
N ASP A 216 -14.70 -10.01 12.73
CA ASP A 216 -14.13 -11.35 12.98
C ASP A 216 -14.25 -11.61 14.48
N PRO A 217 -15.11 -12.60 14.86
CA PRO A 217 -15.38 -12.95 16.26
C PRO A 217 -14.14 -13.20 17.13
N ALA A 218 -13.02 -13.49 16.50
CA ALA A 218 -11.75 -13.71 17.20
C ALA A 218 -11.31 -12.39 17.79
N VAL A 219 -11.74 -11.32 17.15
CA VAL A 219 -11.30 -9.93 17.51
C VAL A 219 -12.15 -9.56 18.72
N THR A 220 -13.46 -9.83 18.59
CA THR A 220 -14.48 -9.70 19.65
C THR A 220 -14.07 -10.54 20.86
N LEU A 221 -13.41 -11.69 20.67
CA LEU A 221 -13.09 -12.63 21.79
C LEU A 221 -11.84 -12.13 22.44
N ALA A 222 -10.92 -11.70 21.61
CA ALA A 222 -9.57 -11.18 21.98
C ALA A 222 -9.72 -9.94 22.85
N HIS A 223 -10.78 -9.16 22.58
CA HIS A 223 -11.17 -7.93 23.31
C HIS A 223 -11.47 -8.26 24.77
N GLU A 224 -12.36 -9.23 24.99
CA GLU A 224 -12.77 -9.78 26.31
C GLU A 224 -11.61 -10.46 27.04
N LEU A 225 -10.63 -11.01 26.32
CA LEU A 225 -9.49 -11.68 26.97
C LEU A 225 -8.50 -10.63 27.44
N ILE A 226 -8.52 -9.49 26.79
CA ILE A 226 -7.68 -8.30 27.18
C ILE A 226 -8.19 -7.91 28.56
N HIS A 227 -9.52 -7.83 28.64
CA HIS A 227 -10.25 -7.32 29.83
C HIS A 227 -10.04 -8.26 31.02
N ALA A 228 -10.27 -9.56 30.82
CA ALA A 228 -10.04 -10.56 31.90
C ALA A 228 -8.57 -10.50 32.32
N GLY A 229 -7.67 -10.32 31.34
CA GLY A 229 -6.23 -10.19 31.62
C GLY A 229 -5.99 -9.06 32.60
N HIS A 230 -6.51 -7.87 32.28
CA HIS A 230 -6.38 -6.68 33.21
C HIS A 230 -6.92 -7.06 34.59
N ARG A 231 -8.13 -7.63 34.63
CA ARG A 231 -8.79 -8.02 35.91
C ARG A 231 -8.03 -9.19 36.56
N LEU A 232 -7.51 -10.12 35.74
CA LEU A 232 -6.78 -11.30 36.28
C LEU A 232 -5.55 -10.82 37.06
N TYR A 233 -4.93 -9.76 36.62
CA TYR A 233 -3.66 -9.21 37.17
C TYR A 233 -3.94 -8.01 38.09
N GLY A 234 -5.20 -7.56 38.17
CA GLY A 234 -5.66 -6.58 39.19
C GLY A 234 -5.36 -5.12 38.82
N ILE A 235 -5.15 -4.85 37.53
CA ILE A 235 -4.68 -3.55 36.94
C ILE A 235 -5.78 -2.97 36.04
N ALA A 236 -7.03 -3.32 36.31
CA ALA A 236 -8.22 -2.78 35.64
C ALA A 236 -8.48 -1.39 36.22
N ILE A 237 -8.92 -0.48 35.35
CA ILE A 237 -9.19 0.95 35.65
C ILE A 237 -10.63 0.97 36.13
N ASN A 238 -10.93 1.72 37.19
CA ASN A 238 -12.30 1.81 37.75
C ASN A 238 -13.23 2.16 36.60
N PRO A 239 -14.37 1.48 36.44
CA PRO A 239 -15.32 1.81 35.37
C PRO A 239 -15.81 3.27 35.27
N ASN A 240 -15.71 4.03 36.37
CA ASN A 240 -16.25 5.41 36.57
C ASN A 240 -15.20 6.46 36.14
N VAL A 258 -16.28 7.46 26.59
CA VAL A 258 -15.76 6.06 26.63
C VAL A 258 -14.94 5.89 27.91
N SER A 259 -15.10 4.74 28.57
CA SER A 259 -14.28 4.30 29.72
C SER A 259 -12.82 4.29 29.27
N PHE A 260 -11.96 4.70 30.20
CA PHE A 260 -10.48 4.61 30.12
C PHE A 260 -10.14 3.13 29.84
N GLU A 261 -10.83 2.21 30.49
CA GLU A 261 -10.49 0.77 30.51
C GLU A 261 -10.68 0.22 29.10
N GLU A 262 -11.82 0.52 28.48
CA GLU A 262 -12.11 0.06 27.09
C GLU A 262 -11.16 0.79 26.13
N LEU A 263 -10.80 2.03 26.48
CA LEU A 263 -9.85 2.82 25.64
C LEU A 263 -8.46 2.16 25.62
N ARG A 264 -7.97 1.68 26.74
CA ARG A 264 -6.63 1.02 26.82
C ARG A 264 -6.63 -0.27 26.00
N THR A 265 -7.82 -0.81 25.80
CA THR A 265 -8.08 -2.23 25.48
C THR A 265 -8.23 -2.35 23.98
N PHE A 266 -9.04 -1.50 23.35
CA PHE A 266 -9.15 -1.37 21.87
C PHE A 266 -7.85 -0.83 21.27
N GLY A 267 -7.09 0.03 21.97
CA GLY A 267 -5.73 0.45 21.58
C GLY A 267 -5.71 1.50 20.48
N GLY A 268 -4.65 1.43 19.65
CA GLY A 268 -4.51 2.17 18.39
C GLY A 268 -4.29 3.65 18.61
N HIS A 269 -4.97 4.47 17.81
CA HIS A 269 -4.92 5.95 17.82
C HIS A 269 -5.65 6.49 19.06
N ASP A 270 -6.92 6.11 19.28
CA ASP A 270 -7.77 6.66 20.38
C ASP A 270 -7.13 6.43 21.76
N ALA A 271 -6.04 5.67 21.87
CA ALA A 271 -5.30 5.40 23.12
C ALA A 271 -4.23 6.48 23.34
N LYS A 272 -4.35 7.61 22.63
CA LYS A 272 -3.54 8.85 22.83
C LYS A 272 -4.40 9.86 23.61
N PHE A 273 -5.73 9.79 23.46
CA PHE A 273 -6.65 10.70 24.18
C PHE A 273 -6.41 10.60 25.69
N ILE A 274 -5.84 9.47 26.15
CA ILE A 274 -5.57 9.21 27.60
C ILE A 274 -4.48 10.18 28.10
N ASP A 275 -4.84 11.05 29.04
CA ASP A 275 -3.86 11.82 29.86
C ASP A 275 -2.80 10.81 30.27
N SER A 276 -1.56 10.98 29.78
CA SER A 276 -0.37 10.15 30.12
C SER A 276 -0.07 10.22 31.62
N LEU A 277 -0.38 11.35 32.28
CA LEU A 277 -0.17 11.58 33.74
C LEU A 277 -1.41 11.13 34.54
N GLN A 278 -2.42 10.52 33.89
CA GLN A 278 -3.43 9.60 34.50
C GLN A 278 -3.00 8.15 34.27
N GLU A 279 -2.10 7.90 33.31
CA GLU A 279 -1.54 6.56 32.91
C GLU A 279 -0.34 6.22 33.80
N ASN A 280 0.57 7.19 33.98
CA ASN A 280 1.67 7.25 35.00
C ASN A 280 1.10 6.97 36.41
N GLU A 281 0.02 7.67 36.75
CA GLU A 281 -0.68 7.70 38.06
C GLU A 281 -1.22 6.31 38.39
N PHE A 282 -1.48 5.50 37.37
CA PHE A 282 -2.00 4.12 37.49
C PHE A 282 -0.85 3.12 37.43
N ARG A 283 0.05 3.29 36.46
CA ARG A 283 1.25 2.42 36.26
C ARG A 283 2.11 2.45 37.52
N LEU A 284 1.90 3.45 38.38
CA LEU A 284 2.54 3.53 39.73
C LEU A 284 1.59 2.96 40.81
N TYR A 285 0.27 3.08 40.66
CA TYR A 285 -0.74 2.59 41.65
C TYR A 285 -0.71 1.05 41.68
N TYR A 286 -0.31 0.39 40.59
CA TYR A 286 -0.39 -1.08 40.43
C TYR A 286 1.01 -1.70 40.63
N TYR A 287 2.03 -0.86 40.87
CA TYR A 287 3.39 -1.22 41.32
C TYR A 287 3.39 -1.41 42.84
N ASN A 288 2.77 -0.43 43.53
CA ASN A 288 2.65 -0.30 45.01
C ASN A 288 1.66 -1.34 45.50
N LYS A 289 0.67 -1.69 44.66
CA LYS A 289 -0.27 -2.85 44.84
C LYS A 289 0.50 -4.18 44.70
N PHE A 290 1.34 -4.32 43.65
CA PHE A 290 2.21 -5.49 43.39
C PHE A 290 3.29 -5.61 44.48
N LYS A 291 3.64 -4.51 45.15
CA LYS A 291 4.64 -4.50 46.26
C LYS A 291 3.98 -4.92 47.57
N ASP A 292 2.67 -4.68 47.67
CA ASP A 292 1.83 -5.03 48.85
C ASP A 292 1.48 -6.53 48.81
N ILE A 293 1.54 -7.14 47.63
CA ILE A 293 1.36 -8.60 47.41
C ILE A 293 2.62 -9.29 47.92
N ALA A 294 3.75 -8.74 47.51
CA ALA A 294 5.11 -9.22 47.80
C ALA A 294 5.33 -9.15 49.30
N SER A 295 4.64 -8.21 49.94
CA SER A 295 4.69 -7.97 51.42
C SER A 295 3.90 -9.11 52.08
N THR A 296 2.60 -9.21 51.75
CA THR A 296 1.64 -10.27 52.17
C THR A 296 2.27 -11.67 52.09
N LEU A 297 3.05 -11.97 51.04
CA LEU A 297 3.69 -13.30 50.85
C LEU A 297 4.86 -13.43 51.85
N ASN A 298 5.71 -12.42 51.93
CA ASN A 298 6.91 -12.43 52.82
C ASN A 298 6.47 -12.60 54.29
N LYS A 299 5.28 -12.11 54.64
CA LYS A 299 4.74 -12.03 56.03
C LYS A 299 3.86 -13.25 56.29
N ALA A 300 3.60 -14.05 55.25
CA ALA A 300 2.84 -15.32 55.31
C ALA A 300 3.63 -16.33 56.13
N LYS A 301 2.94 -17.04 57.02
CA LYS A 301 3.52 -18.00 58.00
C LYS A 301 2.72 -19.30 57.95
N SER A 302 1.40 -19.19 57.84
CA SER A 302 0.47 -20.31 57.60
C SER A 302 -0.22 -20.18 56.23
N ILE A 303 -0.97 -21.22 55.86
CA ILE A 303 -1.83 -21.34 54.64
C ILE A 303 -2.90 -22.39 54.93
N VAL A 304 -4.03 -22.23 54.23
CA VAL A 304 -5.32 -22.95 54.37
C VAL A 304 -5.56 -23.81 53.13
N GLY A 305 -6.03 -25.02 53.38
CA GLY A 305 -6.27 -26.01 52.33
C GLY A 305 -5.37 -27.23 52.47
N THR A 306 -5.85 -28.31 51.88
CA THR A 306 -5.20 -29.63 51.71
C THR A 306 -4.28 -29.52 50.48
N THR A 307 -4.86 -29.12 49.33
CA THR A 307 -4.18 -28.86 48.03
C THR A 307 -2.68 -28.63 48.23
N ALA A 308 -2.23 -27.39 48.48
CA ALA A 308 -0.86 -26.92 48.14
C ALA A 308 -0.15 -26.30 49.35
N SER A 309 1.18 -26.30 49.37
CA SER A 309 2.00 -25.73 50.48
C SER A 309 2.15 -24.20 50.35
N LEU A 310 2.52 -23.55 51.44
CA LEU A 310 2.77 -22.08 51.51
C LEU A 310 3.82 -21.71 50.47
N GLN A 311 4.84 -22.55 50.34
CA GLN A 311 5.97 -22.37 49.39
C GLN A 311 5.54 -22.66 47.94
N TYR A 312 4.62 -23.58 47.68
CA TYR A 312 4.16 -23.89 46.29
C TYR A 312 3.42 -22.65 45.76
N MET A 313 2.62 -22.03 46.61
CA MET A 313 1.67 -20.94 46.19
C MET A 313 2.45 -19.62 46.17
N LYS A 314 3.53 -19.52 46.91
CA LYS A 314 4.38 -18.31 46.92
C LYS A 314 5.22 -18.24 45.64
N ASN A 315 5.74 -19.37 45.17
CA ASN A 315 6.36 -19.55 43.83
C ASN A 315 5.28 -19.35 42.75
N VAL A 316 4.02 -19.69 43.01
CA VAL A 316 2.94 -19.56 41.98
C VAL A 316 2.73 -18.09 41.63
N PHE A 317 2.73 -17.23 42.67
CA PHE A 317 2.49 -15.77 42.54
C PHE A 317 3.83 -15.13 42.19
N LYS A 318 4.89 -15.72 42.75
CA LYS A 318 6.25 -15.27 42.41
C LYS A 318 6.41 -15.54 40.93
N GLU A 319 5.41 -16.21 40.31
CA GLU A 319 5.52 -16.48 38.86
C GLU A 319 4.56 -15.55 38.12
N LYS A 320 3.46 -15.19 38.78
CA LYS A 320 2.39 -14.30 38.29
C LYS A 320 2.92 -12.87 38.22
N TYR A 321 3.44 -12.36 39.34
CA TYR A 321 3.76 -10.93 39.57
C TYR A 321 5.25 -10.71 39.27
N LEU A 322 5.80 -11.61 38.45
CA LEU A 322 7.26 -11.71 38.13
C LEU A 322 8.06 -11.11 39.27
N LEU A 323 7.97 -11.68 40.47
CA LEU A 323 8.72 -11.18 41.66
C LEU A 323 10.16 -11.69 41.58
N SER A 324 10.98 -11.23 42.51
CA SER A 324 12.44 -11.54 42.61
C SER A 324 12.70 -12.07 44.02
N GLU A 325 13.60 -13.05 44.15
CA GLU A 325 13.80 -13.94 45.32
C GLU A 325 15.28 -13.90 45.65
N ASP A 326 15.61 -13.18 46.72
CA ASP A 326 16.98 -13.08 47.26
C ASP A 326 17.25 -14.40 48.01
N THR A 327 18.42 -14.52 48.64
CA THR A 327 18.93 -15.77 49.25
C THR A 327 18.09 -16.11 50.48
N SER A 328 17.75 -15.08 51.26
CA SER A 328 16.80 -15.15 52.41
C SER A 328 15.51 -15.83 51.95
N GLY A 329 15.09 -15.56 50.71
CA GLY A 329 13.84 -16.05 50.11
C GLY A 329 12.72 -15.06 50.33
N LYS A 330 13.05 -13.77 50.27
CA LYS A 330 12.05 -12.65 50.33
C LYS A 330 11.89 -12.14 48.91
N PHE A 331 10.64 -12.10 48.46
CA PHE A 331 10.16 -11.51 47.18
C PHE A 331 10.31 -9.99 47.23
N SER A 332 10.68 -9.42 46.08
CA SER A 332 10.66 -7.97 45.76
C SER A 332 10.01 -7.80 44.40
N VAL A 333 9.40 -6.64 44.16
CA VAL A 333 8.89 -6.26 42.82
C VAL A 333 9.97 -5.44 42.11
N ASP A 334 10.69 -6.09 41.19
CA ASP A 334 11.54 -5.51 40.11
C ASP A 334 10.70 -4.49 39.33
N LYS A 335 11.17 -3.24 39.28
CA LYS A 335 10.47 -2.09 38.65
C LYS A 335 10.50 -2.25 37.12
N LEU A 336 11.48 -3.03 36.61
CA LEU A 336 11.77 -3.26 35.18
C LEU A 336 10.92 -4.41 34.61
N LYS A 337 10.87 -5.56 35.30
CA LYS A 337 10.03 -6.74 34.91
C LYS A 337 8.56 -6.35 34.99
N PHE A 338 8.16 -5.63 36.05
CA PHE A 338 6.78 -5.06 36.28
C PHE A 338 6.39 -4.11 35.14
N ASP A 339 7.32 -3.25 34.69
CA ASP A 339 7.04 -2.22 33.64
C ASP A 339 6.83 -2.90 32.27
N LYS A 340 7.63 -3.91 31.90
CA LYS A 340 7.37 -4.76 30.69
C LYS A 340 6.05 -5.54 30.79
N LEU A 341 5.69 -6.11 31.95
CA LEU A 341 4.44 -6.88 32.17
C LEU A 341 3.23 -5.95 32.05
N TYR A 342 3.28 -4.82 32.74
CA TYR A 342 2.24 -3.75 32.70
C TYR A 342 2.10 -3.22 31.27
N LYS A 343 3.22 -2.97 30.57
CA LYS A 343 3.22 -2.54 29.14
C LYS A 343 2.56 -3.64 28.31
N MET A 344 2.99 -4.89 28.48
CA MET A 344 2.48 -6.01 27.66
C MET A 344 0.97 -6.10 27.84
N LEU A 345 0.50 -5.99 29.08
CA LEU A 345 -0.91 -6.27 29.51
C LEU A 345 -1.82 -5.14 29.04
N THR A 346 -1.32 -3.89 29.14
CA THR A 346 -2.08 -2.62 28.96
C THR A 346 -1.96 -2.03 27.55
N GLU A 347 -0.80 -2.05 26.88
CA GLU A 347 -0.62 -1.36 25.57
C GLU A 347 -0.03 -2.23 24.44
N ILE A 348 0.48 -3.44 24.72
CA ILE A 348 0.86 -4.47 23.70
C ILE A 348 -0.38 -5.31 23.37
N TYR A 349 -1.27 -5.54 24.36
CA TYR A 349 -2.46 -6.41 24.26
C TYR A 349 -3.66 -5.51 24.03
N THR A 350 -4.04 -5.36 22.75
CA THR A 350 -5.09 -4.39 22.29
C THR A 350 -5.85 -4.91 21.07
N GLU A 351 -7.13 -4.61 20.97
CA GLU A 351 -7.92 -4.99 19.78
C GLU A 351 -7.16 -4.61 18.50
N ASP A 352 -6.52 -3.45 18.50
CA ASP A 352 -5.96 -2.78 17.29
C ASP A 352 -4.74 -3.59 16.84
N ASN A 353 -3.79 -3.79 17.77
CA ASN A 353 -2.64 -4.71 17.62
C ASN A 353 -3.13 -6.13 17.26
N PHE A 354 -4.34 -6.56 17.60
CA PHE A 354 -4.82 -7.92 17.23
C PHE A 354 -5.15 -7.96 15.73
N VAL A 355 -5.84 -6.94 15.20
CA VAL A 355 -6.27 -6.84 13.77
C VAL A 355 -5.01 -6.70 12.89
N LYS A 356 -3.91 -6.15 13.40
CA LYS A 356 -2.60 -6.18 12.69
C LYS A 356 -2.29 -7.64 12.36
N PHE A 357 -2.00 -8.44 13.41
CA PHE A 357 -1.71 -9.91 13.42
C PHE A 357 -2.74 -10.70 12.58
N PHE A 358 -4.04 -10.45 12.76
CA PHE A 358 -5.14 -11.24 12.12
C PHE A 358 -5.34 -10.88 10.62
N LYS A 359 -4.58 -9.93 10.10
CA LYS A 359 -4.76 -9.29 8.77
C LYS A 359 -6.26 -9.24 8.46
N VAL A 360 -7.04 -8.54 9.29
CA VAL A 360 -8.52 -8.41 9.16
C VAL A 360 -8.88 -6.93 9.08
N LEU A 361 -10.15 -6.68 8.77
CA LEU A 361 -10.76 -5.33 8.84
C LEU A 361 -11.68 -5.28 10.06
N ASN A 362 -11.50 -4.19 10.78
CA ASN A 362 -12.15 -3.91 12.08
C ASN A 362 -12.37 -2.41 12.13
N ARG A 363 -13.51 -1.97 12.66
CA ARG A 363 -13.76 -0.59 13.12
C ARG A 363 -12.42 -0.03 13.60
N LYS A 364 -12.00 1.14 13.10
CA LYS A 364 -10.67 1.76 13.38
C LYS A 364 -10.74 2.50 14.72
N THR A 365 -11.94 2.55 15.30
CA THR A 365 -12.24 3.25 16.57
C THR A 365 -13.50 2.60 17.20
N TYR A 366 -13.78 2.96 18.44
CA TYR A 366 -14.80 2.35 19.34
C TYR A 366 -16.16 3.05 19.17
N LEU A 367 -16.37 3.85 18.11
CA LEU A 367 -17.55 4.76 17.90
C LEU A 367 -18.25 4.44 16.58
N ASN A 368 -18.05 3.23 16.06
CA ASN A 368 -18.56 2.78 14.73
C ASN A 368 -19.81 1.94 14.98
N PHE A 369 -20.95 2.64 15.19
CA PHE A 369 -22.29 2.07 15.49
C PHE A 369 -22.54 0.87 14.57
N ASP A 370 -22.02 -0.29 14.98
CA ASP A 370 -22.34 -1.61 14.39
C ASP A 370 -23.84 -1.58 14.07
N LYS A 371 -24.19 -1.42 12.79
CA LYS A 371 -25.58 -1.18 12.32
C LYS A 371 -26.24 -2.51 11.92
N ALA A 372 -25.69 -3.65 12.36
CA ALA A 372 -26.31 -4.99 12.20
C ALA A 372 -25.66 -6.04 13.13
N VAL A 373 -26.45 -7.03 13.55
CA VAL A 373 -26.00 -8.35 14.09
C VAL A 373 -26.31 -9.41 13.02
N PHE A 374 -25.31 -10.20 12.64
CA PHE A 374 -25.44 -11.27 11.61
C PHE A 374 -25.36 -12.66 12.27
N LYS A 375 -26.16 -13.61 11.77
CA LYS A 375 -26.02 -15.06 12.05
C LYS A 375 -24.76 -15.57 11.36
N ILE A 376 -24.02 -16.48 12.00
CA ILE A 376 -22.77 -17.05 11.43
C ILE A 376 -22.57 -18.50 11.90
N ASN A 377 -21.61 -19.18 11.27
CA ASN A 377 -21.14 -20.54 11.60
C ASN A 377 -19.69 -20.66 11.13
N ILE A 378 -18.76 -20.44 12.05
CA ILE A 378 -17.30 -20.31 11.80
C ILE A 378 -16.66 -21.70 11.93
N VAL A 379 -17.48 -22.72 12.24
CA VAL A 379 -17.04 -24.10 12.60
C VAL A 379 -16.50 -24.80 11.35
N PRO A 380 -17.27 -24.83 10.24
CA PRO A 380 -16.79 -25.37 8.96
C PRO A 380 -15.53 -24.71 8.42
N LYS A 381 -14.56 -25.50 7.92
CA LYS A 381 -13.26 -24.96 7.45
C LYS A 381 -13.41 -24.34 6.06
N VAL A 382 -14.61 -24.40 5.46
CA VAL A 382 -14.96 -23.74 4.16
C VAL A 382 -15.62 -22.39 4.42
N ASN A 383 -16.18 -22.22 5.62
CA ASN A 383 -16.84 -20.98 6.09
C ASN A 383 -15.77 -20.01 6.63
N TYR A 384 -14.98 -20.46 7.61
CA TYR A 384 -14.00 -19.68 8.41
C TYR A 384 -12.99 -20.69 9.00
N THR A 385 -11.72 -20.29 9.17
CA THR A 385 -10.54 -21.11 9.57
C THR A 385 -9.59 -20.34 10.49
N ILE A 386 -8.87 -21.06 11.34
CA ILE A 386 -7.87 -20.53 12.31
C ILE A 386 -7.04 -19.45 11.64
N TYR A 387 -6.54 -19.69 10.43
CA TYR A 387 -5.34 -18.96 9.90
C TYR A 387 -5.71 -17.66 9.15
N ASP A 388 -6.87 -17.62 8.50
CA ASP A 388 -7.29 -16.47 7.63
C ASP A 388 -8.70 -15.99 8.02
N GLY A 389 -9.30 -16.60 9.04
CA GLY A 389 -10.68 -16.31 9.45
C GLY A 389 -11.60 -16.58 8.30
N PHE A 390 -12.57 -15.68 8.07
CA PHE A 390 -13.51 -15.62 6.91
C PHE A 390 -12.75 -15.43 5.58
N ASN A 391 -11.62 -14.69 5.61
CA ASN A 391 -10.89 -14.24 4.39
C ASN A 391 -9.98 -15.36 3.88
N LEU A 392 -10.60 -16.41 3.34
CA LEU A 392 -9.95 -17.70 2.96
C LEU A 392 -8.91 -17.47 1.86
N ARG A 393 -7.68 -17.95 2.08
CA ARG A 393 -6.63 -18.03 1.06
C ARG A 393 -7.09 -18.94 -0.08
N ASN A 394 -6.54 -18.70 -1.27
CA ASN A 394 -6.80 -19.43 -2.55
C ASN A 394 -8.26 -19.22 -3.00
N THR A 395 -8.98 -18.24 -2.44
CA THR A 395 -10.39 -17.89 -2.79
C THR A 395 -10.49 -16.42 -3.27
N ASN A 396 -11.71 -15.97 -3.66
CA ASN A 396 -12.02 -14.55 -3.98
C ASN A 396 -11.89 -13.68 -2.71
N LEU A 397 -11.99 -14.30 -1.52
CA LEU A 397 -12.21 -13.64 -0.18
C LEU A 397 -10.89 -13.09 0.39
N ALA A 398 -9.74 -13.53 -0.10
CA ALA A 398 -8.41 -13.25 0.51
C ALA A 398 -7.97 -11.78 0.24
N ALA A 399 -8.71 -11.01 -0.57
CA ALA A 399 -8.35 -9.64 -1.01
C ALA A 399 -9.44 -8.62 -0.65
N ASN A 400 -9.02 -7.45 -0.13
CA ASN A 400 -9.89 -6.33 0.33
C ASN A 400 -10.87 -6.86 1.38
N PHE A 401 -10.42 -7.87 2.13
CA PHE A 401 -11.20 -8.58 3.18
C PHE A 401 -12.60 -8.92 2.64
N ASN A 402 -12.67 -9.60 1.49
CA ASN A 402 -13.93 -9.91 0.78
C ASN A 402 -14.69 -11.04 1.52
N GLY A 403 -13.98 -11.83 2.32
CA GLY A 403 -14.54 -12.80 3.29
C GLY A 403 -15.42 -12.10 4.31
N GLN A 404 -14.98 -10.95 4.79
CA GLN A 404 -15.68 -10.11 5.81
C GLN A 404 -16.83 -9.30 5.20
N ASN A 405 -16.87 -9.13 3.86
CA ASN A 405 -17.92 -8.31 3.17
C ASN A 405 -19.22 -9.12 3.24
N THR A 406 -20.27 -8.52 3.82
CA THR A 406 -21.63 -9.11 3.99
C THR A 406 -22.34 -9.32 2.64
N GLU A 407 -21.95 -8.57 1.59
CA GLU A 407 -22.55 -8.63 0.21
C GLU A 407 -21.93 -9.82 -0.53
N ILE A 408 -20.61 -9.77 -0.73
CA ILE A 408 -19.84 -10.74 -1.57
C ILE A 408 -20.13 -12.16 -1.04
N ASN A 409 -19.95 -12.35 0.27
CA ASN A 409 -20.06 -13.60 1.07
C ASN A 409 -21.39 -13.58 1.85
N ASN A 410 -22.52 -13.49 1.15
CA ASN A 410 -23.89 -13.40 1.71
C ASN A 410 -24.29 -14.69 2.47
N MET A 411 -23.71 -15.85 2.13
CA MET A 411 -24.06 -17.17 2.74
C MET A 411 -23.72 -17.10 4.24
N ASN A 412 -22.51 -16.62 4.52
CA ASN A 412 -21.80 -16.62 5.84
C ASN A 412 -22.27 -15.46 6.73
N PHE A 413 -23.07 -14.54 6.19
CA PHE A 413 -23.62 -13.36 6.91
C PHE A 413 -25.10 -13.14 6.52
N THR A 414 -26.01 -13.47 7.44
CA THR A 414 -27.48 -13.27 7.29
C THR A 414 -27.94 -12.25 8.34
N LYS A 415 -28.13 -11.00 7.92
CA LYS A 415 -28.61 -9.91 8.81
C LYS A 415 -29.83 -10.41 9.57
N LEU A 416 -30.05 -9.90 10.79
CA LEU A 416 -31.14 -10.37 11.69
C LEU A 416 -31.97 -9.19 12.17
N LYS A 417 -33.30 -9.32 12.08
CA LYS A 417 -34.31 -8.30 12.46
C LYS A 417 -33.71 -6.90 12.30
N PHE B 3 -0.90 29.90 -10.45
CA PHE B 3 -2.16 30.38 -9.74
C PHE B 3 -1.98 31.83 -9.30
N VAL B 4 -0.75 32.15 -8.87
CA VAL B 4 -0.14 33.49 -8.77
C VAL B 4 0.77 33.73 -9.98
N ASN B 5 0.27 34.45 -11.00
CA ASN B 5 0.97 34.66 -12.31
C ASN B 5 2.33 35.33 -12.07
N LYS B 6 2.37 36.48 -11.39
CA LYS B 6 3.60 37.28 -11.19
C LYS B 6 4.13 37.08 -9.75
N GLN B 7 5.45 37.02 -9.62
CA GLN B 7 6.19 36.89 -8.35
C GLN B 7 6.13 38.25 -7.67
N PHE B 8 5.69 38.27 -6.41
CA PHE B 8 5.55 39.50 -5.59
C PHE B 8 6.68 39.55 -4.58
N ASN B 9 7.17 40.78 -4.37
CA ASN B 9 8.09 41.19 -3.27
C ASN B 9 7.32 42.23 -2.44
N TYR B 10 7.59 42.35 -1.12
CA TYR B 10 6.81 43.19 -0.17
C TYR B 10 7.20 44.65 -0.38
N LYS B 11 8.44 44.85 -0.82
CA LYS B 11 9.00 46.17 -1.21
C LYS B 11 8.27 46.66 -2.46
N ASP B 12 7.86 45.76 -3.35
CA ASP B 12 7.29 46.10 -4.69
C ASP B 12 6.30 47.24 -4.54
N PRO B 13 6.35 48.25 -5.42
CA PRO B 13 5.60 49.48 -5.24
C PRO B 13 4.10 49.26 -5.48
N VAL B 14 3.28 49.94 -4.70
CA VAL B 14 1.80 49.89 -4.77
C VAL B 14 1.42 50.57 -6.09
N ASN B 15 0.32 50.06 -6.66
CA ASN B 15 -0.18 50.35 -8.02
C ASN B 15 -1.72 50.41 -8.00
N GLY B 16 -2.34 50.28 -6.81
CA GLY B 16 -3.78 50.33 -6.52
C GLY B 16 -4.60 49.30 -7.28
N VAL B 17 -3.97 48.32 -7.92
CA VAL B 17 -4.66 47.23 -8.70
C VAL B 17 -4.49 45.91 -7.93
N ASP B 18 -3.26 45.52 -7.61
CA ASP B 18 -2.90 44.18 -7.03
C ASP B 18 -1.79 44.25 -5.98
N ILE B 19 -1.13 45.41 -5.80
CA ILE B 19 -0.30 45.78 -4.60
C ILE B 19 -0.84 47.12 -4.08
N ALA B 20 -1.43 47.13 -2.90
CA ALA B 20 -2.22 48.28 -2.45
C ALA B 20 -2.30 48.29 -0.93
N TYR B 21 -2.40 49.49 -0.38
CA TYR B 21 -2.85 49.72 1.01
C TYR B 21 -4.37 49.69 0.98
N ILE B 22 -4.94 49.00 1.97
CA ILE B 22 -6.32 48.46 1.91
C ILE B 22 -6.90 48.61 3.31
N LYS B 23 -8.22 48.59 3.38
CA LYS B 23 -8.96 48.72 4.64
C LYS B 23 -9.99 47.59 4.71
N ILE B 24 -9.81 46.78 5.73
CA ILE B 24 -10.81 45.76 6.12
C ILE B 24 -12.03 46.53 6.64
N PRO B 25 -13.25 46.01 6.39
CA PRO B 25 -14.41 46.40 7.17
C PRO B 25 -14.09 46.50 8.67
N ASN B 26 -14.12 47.73 9.21
CA ASN B 26 -13.82 47.97 10.65
C ASN B 26 -14.70 49.11 11.15
N VAL B 27 -15.95 48.82 11.50
CA VAL B 27 -16.51 47.44 11.39
C VAL B 27 -17.65 47.44 10.38
N MET B 30 -8.76 53.33 12.53
CA MET B 30 -8.24 52.12 11.83
C MET B 30 -7.29 52.56 10.72
N GLN B 31 -6.20 51.82 10.51
CA GLN B 31 -5.12 52.20 9.55
C GLN B 31 -4.96 51.20 8.40
N PRO B 32 -4.54 51.70 7.21
CA PRO B 32 -4.32 50.87 6.04
C PRO B 32 -3.05 50.01 6.04
N VAL B 33 -3.16 48.80 5.44
CA VAL B 33 -2.05 47.81 5.34
C VAL B 33 -1.80 47.43 3.88
N LYS B 34 -0.54 47.20 3.56
CA LYS B 34 -0.08 46.61 2.29
C LYS B 34 -0.60 45.18 2.17
N ALA B 35 -1.25 44.91 1.06
CA ALA B 35 -1.85 43.62 0.71
C ALA B 35 -1.70 43.37 -0.79
N PHE B 36 -1.39 42.11 -1.12
CA PHE B 36 -1.14 41.69 -2.52
C PHE B 36 -2.25 40.76 -3.01
N LYS B 37 -2.69 41.00 -4.24
CA LYS B 37 -3.73 40.22 -4.93
C LYS B 37 -3.02 39.24 -5.84
N ILE B 38 -2.76 38.05 -5.29
CA ILE B 38 -2.05 36.87 -5.86
C ILE B 38 -2.95 36.14 -6.89
N HIS B 39 -4.24 36.49 -7.00
CA HIS B 39 -5.19 35.87 -7.95
C HIS B 39 -6.59 36.54 -7.83
N ASN B 40 -7.30 36.66 -8.95
CA ASN B 40 -8.67 37.27 -9.02
C ASN B 40 -9.50 36.81 -7.81
N LYS B 41 -9.90 37.77 -6.97
CA LYS B 41 -10.67 37.55 -5.72
C LYS B 41 -9.81 36.75 -4.72
N ILE B 42 -8.54 37.13 -4.59
CA ILE B 42 -7.58 36.46 -3.64
C ILE B 42 -6.48 37.45 -3.25
N TRP B 43 -6.53 37.91 -1.99
CA TRP B 43 -5.57 38.87 -1.40
C TRP B 43 -4.83 38.15 -0.26
N VAL B 44 -3.69 38.72 0.15
CA VAL B 44 -2.72 38.22 1.12
C VAL B 44 -2.22 39.48 1.87
N ILE B 45 -2.51 39.53 3.16
CA ILE B 45 -2.07 40.59 4.09
C ILE B 45 -0.95 39.99 4.93
N PRO B 46 0.32 40.39 4.66
CA PRO B 46 1.46 40.02 5.49
C PRO B 46 1.51 40.74 6.83
N GLU B 47 0.36 40.92 7.46
CA GLU B 47 0.34 41.58 8.79
C GLU B 47 -0.27 40.58 9.79
N ARG B 48 0.04 40.74 11.07
CA ARG B 48 -0.71 40.16 12.21
C ARG B 48 -2.14 40.73 12.25
N ASP B 49 -3.13 39.86 12.48
CA ASP B 49 -4.59 40.18 12.48
C ASP B 49 -4.95 40.91 13.77
N THR B 50 -4.82 42.23 13.75
CA THR B 50 -5.24 43.14 14.84
C THR B 50 -6.34 44.04 14.25
N PHE B 51 -7.12 43.50 13.32
CA PHE B 51 -8.14 44.29 12.58
C PHE B 51 -9.53 43.64 12.50
N THR B 52 -9.64 42.31 12.51
CA THR B 52 -10.96 41.67 12.31
C THR B 52 -11.81 41.61 13.58
N ASN B 53 -11.19 41.67 14.76
CA ASN B 53 -11.93 41.62 16.05
C ASN B 53 -11.62 42.89 16.83
N PRO B 54 -12.60 43.78 17.12
CA PRO B 54 -12.35 45.02 17.84
C PRO B 54 -11.41 44.98 19.05
N GLU B 55 -10.11 45.11 18.76
CA GLU B 55 -8.98 45.22 19.72
C GLU B 55 -8.42 43.89 20.25
N GLU B 56 -8.41 42.84 19.44
CA GLU B 56 -7.70 41.60 19.85
C GLU B 56 -6.25 41.89 19.43
N GLY B 57 -5.88 43.17 19.55
CA GLY B 57 -4.59 43.73 19.08
C GLY B 57 -3.58 43.93 20.19
N ASP B 58 -3.94 43.62 21.45
CA ASP B 58 -2.99 43.73 22.58
C ASP B 58 -1.74 42.93 22.19
N LEU B 59 -1.98 42.03 21.23
CA LEU B 59 -0.99 41.14 20.54
C LEU B 59 0.07 40.63 21.52
N ASN B 60 -0.18 40.72 22.85
CA ASN B 60 0.77 40.31 23.92
C ASN B 60 0.08 39.32 24.88
N PRO B 61 0.83 38.33 25.44
CA PRO B 61 0.23 37.12 26.02
C PRO B 61 -0.87 37.31 27.06
N PRO B 62 -1.71 36.28 27.28
CA PRO B 62 -2.81 36.35 28.25
C PRO B 62 -2.36 36.16 29.70
N PRO B 63 -3.30 36.23 30.66
CA PRO B 63 -3.00 36.02 32.07
C PRO B 63 -2.24 34.71 32.29
N GLU B 64 -2.88 33.58 31.94
CA GLU B 64 -2.27 32.23 31.86
C GLU B 64 -2.63 31.56 30.53
N ALA B 65 -1.60 31.21 29.76
CA ALA B 65 -1.68 30.64 28.40
C ALA B 65 -1.55 29.11 28.45
N LYS B 66 -2.02 28.45 27.39
CA LYS B 66 -1.96 26.97 27.23
C LYS B 66 -0.52 26.54 26.98
N GLN B 67 0.36 27.51 26.72
CA GLN B 67 1.82 27.36 26.47
C GLN B 67 1.99 26.43 25.28
N VAL B 68 3.24 26.00 25.02
CA VAL B 68 3.52 25.08 23.87
C VAL B 68 2.87 23.72 24.14
N PRO B 69 2.40 23.00 23.10
CA PRO B 69 2.32 23.53 21.74
C PRO B 69 0.90 23.99 21.38
N VAL B 70 0.01 24.07 22.37
CA VAL B 70 -1.40 24.49 22.14
C VAL B 70 -1.45 26.02 22.04
N SER B 71 -0.32 26.69 22.24
CA SER B 71 -0.24 28.18 22.18
C SER B 71 1.21 28.66 21.98
N TYR B 72 1.40 29.72 21.18
CA TYR B 72 2.71 30.41 20.97
C TYR B 72 2.48 31.92 20.79
N TYR B 73 3.26 32.75 21.48
CA TYR B 73 3.09 34.23 21.57
C TYR B 73 4.44 34.97 21.51
N ASP B 74 4.98 35.16 20.30
CA ASP B 74 6.02 36.18 19.99
C ASP B 74 5.32 37.47 19.54
N SER B 75 5.51 38.58 20.27
CA SER B 75 4.85 39.92 20.02
C SER B 75 5.40 40.58 18.75
N THR B 76 6.53 40.05 18.26
CA THR B 76 7.45 40.62 17.24
C THR B 76 7.32 39.91 15.88
N TYR B 77 6.75 38.71 15.81
CA TYR B 77 6.62 37.94 14.55
C TYR B 77 5.84 38.79 13.54
N LEU B 78 6.29 38.81 12.29
CA LEU B 78 5.60 39.47 11.15
C LEU B 78 5.55 41.00 11.41
N SER B 79 6.68 41.54 11.87
CA SER B 79 6.91 42.98 12.16
C SER B 79 7.88 43.55 11.11
N THR B 80 8.95 42.81 10.80
CA THR B 80 9.96 43.13 9.77
C THR B 80 9.45 42.80 8.36
N ASP B 81 9.79 43.68 7.41
CA ASP B 81 9.56 43.55 5.94
C ASP B 81 10.14 42.24 5.43
N ASN B 82 11.35 41.89 5.90
CA ASN B 82 12.07 40.64 5.53
C ASN B 82 11.18 39.42 5.88
N GLU B 83 10.46 39.48 7.01
CA GLU B 83 9.52 38.41 7.45
C GLU B 83 8.27 38.43 6.56
N LYS B 84 7.73 39.61 6.35
CA LYS B 84 6.50 39.86 5.55
C LYS B 84 6.72 39.41 4.09
N ASP B 85 7.93 39.59 3.56
CA ASP B 85 8.31 39.16 2.18
C ASP B 85 8.42 37.64 2.16
N ASN B 86 9.17 37.07 3.11
CA ASN B 86 9.20 35.61 3.38
C ASN B 86 7.80 35.01 3.60
N TYR B 87 6.86 35.78 4.18
CA TYR B 87 5.49 35.29 4.54
C TYR B 87 4.71 35.08 3.26
N LEU B 88 4.71 36.10 2.39
CA LEU B 88 3.86 36.21 1.18
C LEU B 88 4.38 35.22 0.13
N LYS B 89 5.72 35.10 0.04
CA LYS B 89 6.46 33.99 -0.63
C LYS B 89 6.17 32.62 0.03
N GLY B 90 6.00 32.56 1.36
CA GLY B 90 5.47 31.38 2.06
C GLY B 90 4.11 30.95 1.51
N VAL B 91 3.16 31.87 1.53
CA VAL B 91 1.71 31.62 1.35
C VAL B 91 1.50 31.37 -0.14
N THR B 92 2.31 32.04 -0.94
CA THR B 92 2.24 31.96 -2.43
C THR B 92 2.67 30.53 -2.80
N LYS B 93 3.69 29.99 -2.13
CA LYS B 93 4.25 28.62 -2.37
C LYS B 93 3.26 27.51 -2.06
N LEU B 94 2.60 27.57 -0.91
CA LEU B 94 1.59 26.60 -0.44
C LEU B 94 0.39 26.56 -1.39
N PHE B 95 -0.06 27.70 -1.90
CA PHE B 95 -1.17 27.84 -2.88
C PHE B 95 -0.84 27.14 -4.20
N GLU B 96 0.44 27.16 -4.62
CA GLU B 96 0.90 26.56 -5.90
C GLU B 96 0.98 25.05 -5.70
N ARG B 97 1.61 24.64 -4.58
CA ARG B 97 1.64 23.25 -4.04
C ARG B 97 0.22 22.68 -4.06
N ILE B 98 -0.73 23.48 -3.61
CA ILE B 98 -2.14 23.07 -3.47
C ILE B 98 -2.71 23.06 -4.89
N TYR B 99 -2.30 24.01 -5.74
CA TYR B 99 -2.79 24.17 -7.15
C TYR B 99 -2.27 23.02 -8.06
N SER B 100 -1.02 22.55 -7.84
CA SER B 100 -0.33 21.39 -8.51
C SER B 100 -1.14 20.09 -8.46
N THR B 101 -1.87 19.89 -7.37
CA THR B 101 -2.82 18.78 -7.15
C THR B 101 -4.06 19.11 -7.95
N ASP B 102 -4.58 18.14 -8.70
CA ASP B 102 -5.87 18.24 -9.41
C ASP B 102 -6.95 18.65 -8.42
N LEU B 103 -6.83 18.29 -7.15
CA LEU B 103 -7.92 18.45 -6.14
C LEU B 103 -7.89 19.87 -5.56
N GLY B 104 -6.72 20.37 -5.18
CA GLY B 104 -6.52 21.79 -4.80
C GLY B 104 -6.85 22.78 -5.90
N ARG B 105 -6.60 22.43 -7.17
CA ARG B 105 -6.83 23.32 -8.33
C ARG B 105 -8.33 23.52 -8.51
N MET B 106 -9.10 22.43 -8.42
CA MET B 106 -10.60 22.39 -8.41
C MET B 106 -11.10 23.17 -7.19
N LEU B 107 -10.43 23.05 -6.03
CA LEU B 107 -10.79 23.73 -4.76
C LEU B 107 -10.66 25.25 -4.90
N LEU B 108 -9.46 25.74 -5.23
CA LEU B 108 -9.22 27.19 -5.49
C LEU B 108 -10.22 27.65 -6.57
N THR B 109 -10.49 26.82 -7.55
CA THR B 109 -11.38 27.19 -8.67
C THR B 109 -12.78 27.30 -8.08
N SER B 110 -13.06 26.52 -7.04
CA SER B 110 -14.37 26.52 -6.34
C SER B 110 -14.49 27.78 -5.47
N ILE B 111 -13.37 28.18 -4.85
CA ILE B 111 -13.18 29.39 -4.01
C ILE B 111 -13.30 30.68 -4.83
N VAL B 112 -12.82 30.69 -6.07
CA VAL B 112 -12.58 31.94 -6.85
C VAL B 112 -13.90 32.29 -7.46
N ARG B 113 -14.57 31.24 -7.93
CA ARG B 113 -15.96 31.23 -8.49
C ARG B 113 -17.00 31.50 -7.42
N GLY B 114 -16.64 31.39 -6.13
CA GLY B 114 -17.59 31.64 -5.03
C GLY B 114 -17.58 33.10 -4.60
N ILE B 115 -18.43 33.86 -5.27
CA ILE B 115 -18.61 35.30 -5.01
C ILE B 115 -19.71 35.35 -3.97
N PRO B 116 -19.50 36.00 -2.83
CA PRO B 116 -20.54 36.15 -1.84
C PRO B 116 -21.79 36.79 -2.44
N PHE B 117 -22.95 36.27 -2.08
CA PHE B 117 -24.23 36.75 -2.66
C PHE B 117 -24.48 38.23 -2.37
N TRP B 118 -25.13 38.88 -3.33
CA TRP B 118 -25.51 40.32 -3.30
C TRP B 118 -26.89 40.42 -2.64
N GLY B 119 -26.99 40.09 -1.35
CA GLY B 119 -28.25 40.10 -0.59
C GLY B 119 -28.33 41.25 0.41
N GLY B 120 -27.88 42.44 0.01
CA GLY B 120 -27.58 43.55 0.94
C GLY B 120 -28.69 44.59 1.02
N SER B 121 -29.76 44.39 0.28
CA SER B 121 -30.89 45.35 0.24
C SER B 121 -32.05 44.78 1.04
N THR B 122 -32.75 45.70 1.71
CA THR B 122 -33.99 45.49 2.47
C THR B 122 -35.16 45.24 1.52
N ILE B 123 -34.98 45.52 0.23
CA ILE B 123 -35.97 45.32 -0.88
C ILE B 123 -35.71 43.97 -1.58
N ASP B 124 -36.76 43.25 -1.97
CA ASP B 124 -36.67 41.82 -2.37
C ASP B 124 -36.46 41.75 -3.89
N THR B 125 -36.51 42.90 -4.58
CA THR B 125 -36.40 43.07 -6.06
C THR B 125 -34.99 43.53 -6.45
N GLU B 126 -34.12 43.83 -5.49
CA GLU B 126 -32.86 44.58 -5.67
C GLU B 126 -31.64 43.71 -5.28
N LEU B 127 -30.75 43.47 -6.26
CA LEU B 127 -29.40 42.96 -5.96
C LEU B 127 -28.57 44.13 -5.43
N LYS B 128 -27.95 43.93 -4.27
CA LYS B 128 -27.08 44.91 -3.59
C LYS B 128 -25.94 44.17 -2.90
N VAL B 129 -24.73 44.65 -3.07
CA VAL B 129 -23.55 44.04 -2.43
C VAL B 129 -23.69 44.22 -0.92
N ILE B 130 -23.02 43.33 -0.17
CA ILE B 130 -22.88 43.43 1.30
C ILE B 130 -21.45 43.87 1.49
N ASP B 131 -21.27 45.07 2.01
CA ASP B 131 -19.97 45.79 2.08
C ASP B 131 -18.99 44.96 2.86
N THR B 132 -19.46 44.02 3.71
CA THR B 132 -18.62 43.13 4.59
C THR B 132 -17.85 42.17 3.67
N ASN B 133 -18.39 41.95 2.48
CA ASN B 133 -17.79 41.13 1.41
C ASN B 133 -16.83 41.97 0.52
N CYS B 134 -16.35 43.09 1.03
CA CYS B 134 -15.59 44.08 0.21
C CYS B 134 -14.43 44.57 1.10
N ILE B 135 -13.29 44.87 0.48
CA ILE B 135 -12.23 45.70 1.10
C ILE B 135 -12.22 47.05 0.38
N ASN B 136 -11.54 48.04 0.95
CA ASN B 136 -11.45 49.42 0.40
C ASN B 136 -10.01 49.63 0.00
N VAL B 137 -9.75 49.58 -1.30
CA VAL B 137 -8.39 49.81 -1.86
C VAL B 137 -8.15 51.33 -2.02
N ILE B 138 -7.15 51.83 -1.30
CA ILE B 138 -6.76 53.26 -1.32
C ILE B 138 -6.21 53.62 -2.71
N GLN B 139 -6.77 54.68 -3.30
CA GLN B 139 -6.34 55.22 -4.60
C GLN B 139 -5.39 56.39 -4.36
N PRO B 140 -4.68 56.82 -5.42
CA PRO B 140 -3.65 57.86 -5.31
C PRO B 140 -4.04 59.11 -4.53
N ASP B 141 -5.31 59.55 -4.62
CA ASP B 141 -5.82 60.79 -3.97
C ASP B 141 -6.29 60.53 -2.52
N GLY B 142 -5.89 59.40 -1.92
CA GLY B 142 -6.21 59.02 -0.52
C GLY B 142 -7.61 58.42 -0.37
N SER B 143 -8.44 58.55 -1.41
CA SER B 143 -9.83 58.06 -1.47
C SER B 143 -9.80 56.54 -1.64
N TYR B 144 -10.92 55.84 -1.38
CA TYR B 144 -11.02 54.36 -1.25
C TYR B 144 -12.05 53.81 -2.24
N ARG B 145 -11.78 52.64 -2.83
CA ARG B 145 -12.64 52.03 -3.89
C ARG B 145 -13.04 50.59 -3.51
N SER B 146 -14.19 50.38 -2.87
CA SER B 146 -14.78 49.03 -2.64
C SER B 146 -14.29 48.12 -3.75
N GLU B 147 -13.58 47.04 -3.43
CA GLU B 147 -13.39 45.87 -4.33
C GLU B 147 -13.95 44.60 -3.67
N GLU B 148 -14.78 43.85 -4.36
CA GLU B 148 -15.32 42.52 -3.92
C GLU B 148 -14.17 41.51 -3.92
N LEU B 149 -14.03 40.76 -2.84
CA LEU B 149 -13.07 39.62 -2.76
C LEU B 149 -13.71 38.42 -2.04
N ASN B 150 -13.29 37.21 -2.39
CA ASN B 150 -13.74 35.92 -1.79
C ASN B 150 -12.88 35.56 -0.54
N LEU B 151 -11.57 35.75 -0.62
CA LEU B 151 -10.68 35.21 0.42
C LEU B 151 -9.52 36.16 0.73
N VAL B 152 -9.23 36.31 2.01
CA VAL B 152 -8.08 37.15 2.47
C VAL B 152 -7.26 36.25 3.37
N ILE B 153 -5.97 36.13 3.07
CA ILE B 153 -5.04 35.35 3.91
C ILE B 153 -4.22 36.37 4.69
N ILE B 154 -4.50 36.47 5.98
CA ILE B 154 -3.79 37.41 6.88
C ILE B 154 -3.10 36.53 7.92
N GLY B 155 -2.09 37.08 8.57
CA GLY B 155 -1.29 36.36 9.56
C GLY B 155 -2.00 36.27 10.91
N PRO B 156 -1.47 35.44 11.81
CA PRO B 156 -2.10 35.23 13.09
C PRO B 156 -2.23 36.53 13.89
N SER B 157 -3.23 36.60 14.77
CA SER B 157 -3.25 37.50 15.95
C SER B 157 -2.39 36.83 17.02
N ALA B 158 -2.65 37.14 18.29
CA ALA B 158 -1.66 36.96 19.39
C ALA B 158 -1.16 35.51 19.44
N ASP B 159 -2.05 34.55 19.75
CA ASP B 159 -1.72 33.11 19.60
C ASP B 159 -1.43 32.93 18.12
N ILE B 160 -0.20 32.54 17.82
CA ILE B 160 0.37 32.52 16.45
C ILE B 160 -0.07 31.25 15.73
N ILE B 161 -0.26 30.16 16.47
CA ILE B 161 -0.65 28.84 15.91
C ILE B 161 -2.17 28.65 15.91
N GLN B 162 -2.93 29.68 16.31
CA GLN B 162 -4.43 29.65 16.28
C GLN B 162 -4.88 30.09 14.88
N PHE B 163 -4.78 29.16 13.95
CA PHE B 163 -5.25 29.33 12.57
C PHE B 163 -6.73 29.00 12.56
N GLU B 164 -7.45 29.77 11.76
CA GLU B 164 -8.92 29.70 11.61
C GLU B 164 -9.32 30.55 10.40
N CYS B 165 -10.60 30.40 10.01
CA CYS B 165 -11.32 30.95 8.84
C CYS B 165 -12.63 31.53 9.39
N LYS B 166 -12.57 32.83 9.67
CA LYS B 166 -13.70 33.66 10.15
C LYS B 166 -14.25 34.55 9.02
N SER B 167 -15.36 35.19 9.32
CA SER B 167 -16.13 36.00 8.37
C SER B 167 -16.99 36.98 9.18
N PHE B 168 -17.07 38.21 8.70
CA PHE B 168 -18.00 39.26 9.18
C PHE B 168 -19.43 38.75 8.97
N GLY B 169 -20.30 39.05 9.94
CA GLY B 169 -21.70 38.59 9.93
C GLY B 169 -22.63 39.71 9.57
N HIS B 170 -23.91 39.49 9.85
CA HIS B 170 -25.10 40.29 9.45
C HIS B 170 -26.15 40.30 10.57
N GLU B 171 -26.99 41.33 10.60
CA GLU B 171 -27.90 41.69 11.72
C GLU B 171 -28.93 40.58 11.88
N VAL B 172 -29.25 39.94 10.76
CA VAL B 172 -30.33 38.92 10.55
C VAL B 172 -29.76 37.65 9.89
N LEU B 173 -28.74 37.79 9.02
CA LEU B 173 -28.26 36.76 8.07
C LEU B 173 -27.06 35.98 8.64
N ASN B 174 -27.20 34.65 8.67
CA ASN B 174 -26.06 33.69 8.76
C ASN B 174 -25.58 33.35 7.35
N LEU B 175 -24.50 34.03 6.97
CA LEU B 175 -24.09 34.21 5.55
C LEU B 175 -23.31 32.97 5.09
N THR B 176 -22.59 32.32 6.01
CA THR B 176 -21.93 31.00 5.84
C THR B 176 -22.91 29.82 5.89
N ARG B 177 -24.20 30.03 6.22
CA ARG B 177 -25.18 28.94 6.46
C ARG B 177 -26.54 29.19 5.81
N ASN B 178 -26.67 30.13 4.86
CA ASN B 178 -27.91 30.38 4.05
C ASN B 178 -27.60 30.41 2.55
N GLY B 179 -26.50 29.83 2.08
CA GLY B 179 -26.15 29.72 0.65
C GLY B 179 -25.49 30.97 0.07
N TYR B 180 -25.49 32.09 0.80
CA TYR B 180 -25.11 33.42 0.27
C TYR B 180 -23.59 33.44 0.14
N GLY B 181 -22.99 33.34 1.28
CA GLY B 181 -21.54 33.30 1.37
C GLY B 181 -21.10 34.62 1.91
N SER B 182 -19.82 34.75 2.28
CA SER B 182 -19.29 36.02 2.83
C SER B 182 -17.76 36.05 2.70
N THR B 183 -17.15 37.21 2.99
CA THR B 183 -15.68 37.36 2.92
C THR B 183 -15.00 36.30 3.80
N GLN B 184 -13.97 35.64 3.28
CA GLN B 184 -13.24 34.59 4.04
C GLN B 184 -11.88 35.14 4.50
N TYR B 185 -11.73 35.23 5.83
CA TYR B 185 -10.48 35.68 6.50
C TYR B 185 -9.83 34.45 7.15
N ILE B 186 -8.64 34.08 6.67
CA ILE B 186 -7.89 32.89 7.11
C ILE B 186 -6.67 33.38 7.86
N ARG B 187 -6.70 33.24 9.19
CA ARG B 187 -5.52 33.50 10.05
C ARG B 187 -4.59 32.32 9.83
N PHE B 188 -3.36 32.57 9.42
CA PHE B 188 -2.43 31.55 8.90
C PHE B 188 -1.00 32.10 8.88
N SER B 189 -0.03 31.22 9.13
CA SER B 189 1.43 31.49 9.03
C SER B 189 2.16 30.26 8.54
N PRO B 190 2.89 30.37 7.41
CA PRO B 190 3.71 29.28 6.91
C PRO B 190 5.11 29.22 7.50
N ASP B 191 5.37 29.99 8.58
CA ASP B 191 6.70 30.18 9.25
C ASP B 191 6.78 29.37 10.56
N PHE B 192 5.75 28.57 10.82
CA PHE B 192 5.70 27.50 11.85
C PHE B 192 4.83 26.34 11.33
N THR B 193 4.93 25.17 11.99
CA THR B 193 4.03 23.98 11.84
C THR B 193 4.01 23.17 13.14
N PHE B 194 3.01 22.30 13.25
CA PHE B 194 2.75 21.51 14.47
C PHE B 194 3.34 20.12 14.27
N GLY B 195 4.02 19.60 15.28
CA GLY B 195 4.54 18.22 15.30
C GLY B 195 3.56 17.24 15.93
N PHE B 196 3.36 16.07 15.31
CA PHE B 196 2.52 14.96 15.82
C PHE B 196 3.41 13.73 16.04
N GLU B 197 2.80 12.55 16.19
CA GLU B 197 3.44 11.20 16.30
C GLU B 197 2.56 10.18 15.57
N GLU B 198 3.16 9.17 14.93
CA GLU B 198 2.44 8.10 14.19
C GLU B 198 1.68 8.72 13.00
N ALA B 210 10.46 10.63 22.59
CA ALA B 210 10.55 10.61 21.11
C ALA B 210 9.42 11.46 20.52
N GLY B 211 9.76 12.40 19.64
CA GLY B 211 8.81 13.23 18.89
C GLY B 211 8.98 13.01 17.40
N LYS B 212 8.16 12.16 16.80
CA LYS B 212 8.36 11.72 15.40
C LYS B 212 8.37 12.95 14.48
N PHE B 213 7.20 13.28 13.91
CA PHE B 213 7.03 13.99 12.61
C PHE B 213 6.45 15.42 12.77
N ALA B 214 6.04 16.01 11.65
CA ALA B 214 5.60 17.41 11.52
C ALA B 214 4.59 17.57 10.38
N THR B 215 3.54 18.34 10.62
CA THR B 215 2.44 18.59 9.68
C THR B 215 2.95 19.42 8.52
N ASP B 216 2.62 19.02 7.30
CA ASP B 216 3.04 19.77 6.10
C ASP B 216 2.13 21.00 6.01
N PRO B 217 2.61 22.25 6.09
CA PRO B 217 1.76 23.44 6.06
C PRO B 217 0.73 23.61 4.94
N ALA B 218 0.89 22.96 3.80
CA ALA B 218 -0.08 23.04 2.69
C ALA B 218 -1.27 22.17 3.07
N VAL B 219 -1.10 21.36 4.10
CA VAL B 219 -2.25 20.52 4.59
C VAL B 219 -3.03 21.38 5.58
N THR B 220 -2.30 22.04 6.49
CA THR B 220 -2.82 23.08 7.38
C THR B 220 -3.59 24.15 6.58
N LEU B 221 -3.06 24.60 5.44
CA LEU B 221 -3.63 25.72 4.63
C LEU B 221 -4.85 25.23 3.91
N ALA B 222 -4.75 24.02 3.37
CA ALA B 222 -5.81 23.32 2.62
C ALA B 222 -7.05 23.12 3.50
N HIS B 223 -6.81 22.88 4.80
CA HIS B 223 -7.85 22.67 5.83
C HIS B 223 -8.71 23.93 5.93
N GLU B 224 -8.06 25.09 6.06
CA GLU B 224 -8.70 26.44 6.09
C GLU B 224 -9.37 26.78 4.75
N LEU B 225 -8.81 26.33 3.61
CA LEU B 225 -9.44 26.58 2.29
C LEU B 225 -10.70 25.75 2.16
N ILE B 226 -10.75 24.59 2.82
CA ILE B 226 -11.96 23.71 2.84
C ILE B 226 -13.07 24.53 3.50
N HIS B 227 -12.74 25.14 4.64
CA HIS B 227 -13.70 25.89 5.49
C HIS B 227 -14.19 27.13 4.75
N ALA B 228 -13.24 27.88 4.17
CA ALA B 228 -13.45 28.95 3.15
C ALA B 228 -14.51 28.57 2.15
N GLY B 229 -14.29 27.45 1.48
CA GLY B 229 -15.22 26.77 0.54
C GLY B 229 -16.62 26.62 1.04
N HIS B 230 -16.80 26.13 2.25
CA HIS B 230 -18.13 25.80 2.84
C HIS B 230 -18.83 27.12 3.10
N ARG B 231 -18.08 28.06 3.66
CA ARG B 231 -18.58 29.41 4.07
C ARG B 231 -18.82 30.27 2.85
N LEU B 232 -17.95 30.14 1.82
CA LEU B 232 -18.09 30.87 0.54
C LEU B 232 -19.39 30.45 -0.15
N TYR B 233 -19.83 29.21 0.00
CA TYR B 233 -20.98 28.63 -0.70
C TYR B 233 -22.15 28.53 0.26
N GLY B 234 -21.97 28.90 1.52
CA GLY B 234 -23.06 29.11 2.51
C GLY B 234 -23.62 27.80 3.04
N ILE B 235 -22.81 26.74 3.01
CA ILE B 235 -23.16 25.33 3.33
C ILE B 235 -22.34 24.86 4.56
N ALA B 236 -21.90 25.82 5.37
CA ALA B 236 -21.18 25.56 6.63
C ALA B 236 -22.20 25.16 7.69
N ILE B 237 -21.80 24.25 8.56
CA ILE B 237 -22.64 23.65 9.62
C ILE B 237 -22.46 24.55 10.83
N ASN B 238 -23.55 24.87 11.51
CA ASN B 238 -23.60 25.71 12.73
C ASN B 238 -22.54 25.16 13.67
N PRO B 239 -21.63 26.01 14.22
CA PRO B 239 -20.54 25.55 15.09
C PRO B 239 -20.96 24.84 16.38
N ASN B 240 -22.25 24.93 16.71
CA ASN B 240 -22.88 24.40 17.96
C ASN B 240 -23.34 22.95 17.75
N VAL B 258 -16.05 16.96 19.10
CA VAL B 258 -15.61 17.66 17.86
C VAL B 258 -16.83 18.19 17.10
N SER B 259 -16.69 19.36 16.49
CA SER B 259 -17.73 20.01 15.64
C SER B 259 -17.93 19.11 14.42
N PHE B 260 -19.18 19.08 13.93
CA PHE B 260 -19.62 18.39 12.69
C PHE B 260 -18.81 18.97 11.54
N GLU B 261 -18.65 20.30 11.55
CA GLU B 261 -18.08 21.11 10.45
C GLU B 261 -16.64 20.73 10.23
N GLU B 262 -15.86 20.63 11.30
CA GLU B 262 -14.42 20.28 11.26
C GLU B 262 -14.24 18.78 11.05
N LEU B 263 -15.31 18.02 11.21
CA LEU B 263 -15.36 16.56 10.94
C LEU B 263 -15.50 16.29 9.45
N ARG B 264 -16.48 16.92 8.79
CA ARG B 264 -16.66 16.93 7.30
C ARG B 264 -15.36 17.33 6.60
N THR B 265 -14.65 18.27 7.24
CA THR B 265 -13.54 19.06 6.67
C THR B 265 -12.29 18.19 6.68
N PHE B 266 -11.95 17.54 7.79
CA PHE B 266 -10.76 16.63 7.91
C PHE B 266 -10.99 15.37 7.08
N GLY B 267 -12.25 14.92 6.92
CA GLY B 267 -12.68 13.75 6.12
C GLY B 267 -12.31 12.39 6.74
N GLY B 268 -11.92 11.45 5.87
CA GLY B 268 -11.31 10.15 6.22
C GLY B 268 -12.28 9.21 6.89
N HIS B 269 -11.77 8.46 7.89
CA HIS B 269 -12.52 7.46 8.69
C HIS B 269 -13.53 8.15 9.63
N ASP B 270 -13.11 9.14 10.42
CA ASP B 270 -13.96 9.78 11.47
C ASP B 270 -15.17 10.50 10.82
N ALA B 271 -15.19 10.66 9.50
CA ALA B 271 -16.31 11.27 8.74
C ALA B 271 -17.38 10.23 8.43
N LYS B 272 -17.49 9.19 9.25
CA LYS B 272 -18.61 8.19 9.26
C LYS B 272 -19.32 8.24 10.63
N PHE B 273 -18.59 8.65 11.68
CA PHE B 273 -19.14 9.11 12.98
C PHE B 273 -20.40 9.96 12.76
N ILE B 274 -20.52 10.65 11.61
CA ILE B 274 -21.61 11.61 11.27
C ILE B 274 -22.89 10.83 10.92
N ASP B 275 -23.92 10.98 11.75
CA ASP B 275 -25.30 10.57 11.45
C ASP B 275 -25.54 10.92 9.98
N SER B 276 -25.73 9.90 9.13
CA SER B 276 -26.07 10.07 7.69
C SER B 276 -27.38 10.86 7.54
N LEU B 277 -28.32 10.77 8.50
CA LEU B 277 -29.66 11.44 8.48
C LEU B 277 -29.64 12.79 9.23
N GLN B 278 -28.47 13.27 9.63
CA GLN B 278 -28.16 14.71 9.91
C GLN B 278 -27.49 15.32 8.66
N GLU B 279 -26.69 14.52 7.93
CA GLU B 279 -26.03 14.85 6.62
C GLU B 279 -27.12 15.00 5.53
N ASN B 280 -28.11 14.10 5.47
CA ASN B 280 -29.30 14.13 4.56
C ASN B 280 -30.09 15.40 4.86
N GLU B 281 -30.33 15.66 6.16
CA GLU B 281 -31.12 16.78 6.75
C GLU B 281 -30.49 18.14 6.42
N PHE B 282 -29.20 18.16 6.11
CA PHE B 282 -28.42 19.38 5.77
C PHE B 282 -28.32 19.56 4.24
N ARG B 283 -28.01 18.47 3.51
CA ARG B 283 -27.85 18.38 2.02
C ARG B 283 -29.19 18.68 1.33
N LEU B 284 -30.28 18.74 2.10
CA LEU B 284 -31.62 19.22 1.65
C LEU B 284 -31.84 20.66 2.14
N TYR B 285 -31.30 21.03 3.31
CA TYR B 285 -31.45 22.39 3.87
C TYR B 285 -30.73 23.36 2.92
N TYR B 286 -29.64 22.93 2.26
CA TYR B 286 -28.74 23.81 1.46
C TYR B 286 -29.10 23.76 -0.05
N TYR B 287 -30.15 23.01 -0.40
CA TYR B 287 -30.81 22.92 -1.73
C TYR B 287 -31.96 23.93 -1.79
N ASN B 288 -32.74 23.95 -0.70
CA ASN B 288 -33.91 24.83 -0.44
C ASN B 288 -33.37 26.27 -0.27
N LYS B 289 -32.17 26.40 0.30
CA LYS B 289 -31.39 27.67 0.38
C LYS B 289 -30.98 28.11 -1.04
N PHE B 290 -30.30 27.25 -1.80
CA PHE B 290 -29.87 27.44 -3.21
C PHE B 290 -31.06 27.70 -4.13
N LYS B 291 -32.26 27.24 -3.74
CA LYS B 291 -33.54 27.44 -4.49
C LYS B 291 -34.13 28.81 -4.16
N ASP B 292 -33.94 29.29 -2.94
CA ASP B 292 -34.38 30.61 -2.44
C ASP B 292 -33.50 31.71 -3.04
N ILE B 293 -32.23 31.40 -3.33
CA ILE B 293 -31.26 32.23 -4.12
C ILE B 293 -31.79 32.40 -5.55
N ALA B 294 -32.11 31.28 -6.18
CA ALA B 294 -32.62 31.18 -7.55
C ALA B 294 -33.87 32.03 -7.67
N SER B 295 -34.62 32.12 -6.56
CA SER B 295 -35.92 32.83 -6.49
C SER B 295 -35.62 34.32 -6.48
N THR B 296 -34.77 34.74 -5.53
CA THR B 296 -34.25 36.11 -5.31
C THR B 296 -33.72 36.69 -6.63
N LEU B 297 -33.09 35.91 -7.51
CA LEU B 297 -32.58 36.42 -8.82
C LEU B 297 -33.76 36.57 -9.80
N ASN B 298 -34.64 35.59 -9.84
CA ASN B 298 -35.78 35.58 -10.80
C ASN B 298 -36.68 36.80 -10.52
N LYS B 299 -36.72 37.27 -9.28
CA LYS B 299 -37.61 38.34 -8.75
C LYS B 299 -36.85 39.68 -8.71
N ALA B 300 -35.55 39.66 -8.98
CA ALA B 300 -34.67 40.84 -9.11
C ALA B 300 -35.07 41.67 -10.32
N LYS B 301 -35.40 42.95 -10.13
CA LYS B 301 -35.87 43.88 -11.19
C LYS B 301 -34.90 45.07 -11.28
N SER B 302 -34.25 45.42 -10.17
CA SER B 302 -33.19 46.45 -10.05
C SER B 302 -31.94 45.84 -9.44
N ILE B 303 -30.86 46.63 -9.48
CA ILE B 303 -29.52 46.33 -8.89
C ILE B 303 -28.84 47.68 -8.57
N VAL B 304 -27.95 47.66 -7.58
CA VAL B 304 -27.30 48.83 -6.93
C VAL B 304 -25.83 48.80 -7.32
N GLY B 305 -25.28 49.96 -7.59
CA GLY B 305 -23.86 49.96 -7.95
C GLY B 305 -23.68 50.52 -9.33
N THR B 306 -22.45 50.95 -9.64
CA THR B 306 -22.12 51.52 -10.97
C THR B 306 -20.89 50.80 -11.55
N THR B 307 -20.90 49.47 -11.52
CA THR B 307 -19.75 48.67 -12.03
C THR B 307 -20.27 47.54 -12.93
N ALA B 308 -21.40 46.93 -12.56
CA ALA B 308 -21.99 45.82 -13.36
C ALA B 308 -23.51 46.01 -13.48
N SER B 309 -24.17 45.07 -14.17
CA SER B 309 -25.64 45.12 -14.37
C SER B 309 -26.30 43.92 -13.72
N LEU B 310 -27.62 43.90 -13.75
CA LEU B 310 -28.43 42.85 -13.10
C LEU B 310 -28.16 41.52 -13.81
N GLN B 311 -27.92 41.55 -15.11
CA GLN B 311 -27.77 40.36 -15.97
C GLN B 311 -26.33 39.84 -15.83
N TYR B 312 -25.35 40.72 -15.64
CA TYR B 312 -23.94 40.30 -15.41
C TYR B 312 -23.84 39.50 -14.11
N MET B 313 -24.51 39.96 -13.06
CA MET B 313 -24.37 39.39 -11.68
C MET B 313 -25.31 38.20 -11.56
N LYS B 314 -26.43 38.21 -12.29
CA LYS B 314 -27.33 37.03 -12.37
C LYS B 314 -26.62 35.84 -13.00
N ASN B 315 -25.78 36.08 -14.01
CA ASN B 315 -24.93 35.05 -14.69
C ASN B 315 -23.75 34.69 -13.77
N VAL B 316 -23.27 35.65 -12.98
CA VAL B 316 -22.10 35.39 -12.10
C VAL B 316 -22.51 34.49 -10.94
N PHE B 317 -23.80 34.48 -10.60
CA PHE B 317 -24.36 33.69 -9.48
C PHE B 317 -25.02 32.43 -10.03
N LYS B 318 -25.32 32.45 -11.32
CA LYS B 318 -25.81 31.23 -11.99
C LYS B 318 -24.56 30.39 -12.17
N GLU B 319 -23.40 31.05 -12.25
CA GLU B 319 -22.13 30.30 -12.43
C GLU B 319 -21.69 29.69 -11.09
N LYS B 320 -22.03 30.32 -9.97
CA LYS B 320 -21.64 29.91 -8.61
C LYS B 320 -22.46 28.67 -8.20
N TYR B 321 -23.78 28.80 -8.26
CA TYR B 321 -24.81 27.91 -7.67
C TYR B 321 -25.23 26.92 -8.76
N LEU B 322 -24.37 26.79 -9.77
CA LEU B 322 -24.58 25.99 -11.02
C LEU B 322 -26.07 25.95 -11.34
N LEU B 323 -26.67 27.11 -11.58
CA LEU B 323 -28.13 27.18 -11.84
C LEU B 323 -28.36 26.85 -13.31
N SER B 324 -29.62 26.73 -13.68
CA SER B 324 -30.08 26.32 -15.02
C SER B 324 -31.04 27.40 -15.54
N GLU B 325 -30.92 27.73 -16.83
CA GLU B 325 -31.57 28.86 -17.50
C GLU B 325 -32.46 28.35 -18.65
N ASP B 326 -33.77 28.39 -18.46
CA ASP B 326 -34.76 28.05 -19.51
C ASP B 326 -34.81 29.21 -20.50
N THR B 327 -35.64 29.07 -21.55
CA THR B 327 -35.74 30.02 -22.69
C THR B 327 -36.29 31.37 -22.21
N SER B 328 -37.18 31.37 -21.21
CA SER B 328 -37.75 32.57 -20.53
C SER B 328 -36.64 33.39 -19.88
N GLY B 329 -35.58 32.71 -19.43
CA GLY B 329 -34.44 33.31 -18.70
C GLY B 329 -34.63 33.26 -17.19
N LYS B 330 -35.30 32.21 -16.70
CA LYS B 330 -35.50 31.94 -15.24
C LYS B 330 -34.56 30.84 -14.78
N PHE B 331 -33.88 31.06 -13.65
CA PHE B 331 -32.96 30.08 -13.03
C PHE B 331 -33.76 29.02 -12.27
N SER B 332 -33.27 27.78 -12.32
CA SER B 332 -33.66 26.65 -11.43
C SER B 332 -32.39 26.01 -10.87
N VAL B 333 -32.51 25.37 -9.72
CA VAL B 333 -31.46 24.51 -9.11
C VAL B 333 -31.73 23.07 -9.55
N ASP B 334 -30.96 22.60 -10.54
CA ASP B 334 -30.76 21.17 -10.90
C ASP B 334 -30.35 20.43 -9.63
N LYS B 335 -31.07 19.35 -9.28
CA LYS B 335 -30.79 18.54 -8.06
C LYS B 335 -29.53 17.72 -8.26
N LEU B 336 -29.12 17.50 -9.52
CA LEU B 336 -28.00 16.60 -9.92
C LEU B 336 -26.69 17.38 -9.84
N LYS B 337 -26.64 18.56 -10.46
CA LYS B 337 -25.47 19.49 -10.40
C LYS B 337 -25.28 19.93 -8.94
N PHE B 338 -26.36 20.25 -8.20
CA PHE B 338 -26.29 20.69 -6.78
C PHE B 338 -25.65 19.57 -5.96
N ASP B 339 -26.04 18.31 -6.22
CA ASP B 339 -25.60 17.12 -5.43
C ASP B 339 -24.11 16.85 -5.67
N LYS B 340 -23.61 16.99 -6.91
CA LYS B 340 -22.15 16.84 -7.23
C LYS B 340 -21.34 18.02 -6.67
N LEU B 341 -21.88 19.24 -6.68
CA LEU B 341 -21.24 20.47 -6.13
C LEU B 341 -21.12 20.30 -4.63
N TYR B 342 -22.23 19.88 -3.98
CA TYR B 342 -22.32 19.69 -2.49
C TYR B 342 -21.34 18.59 -2.08
N LYS B 343 -21.35 17.45 -2.80
CA LYS B 343 -20.43 16.29 -2.62
C LYS B 343 -18.99 16.76 -2.73
N MET B 344 -18.68 17.48 -3.82
CA MET B 344 -17.31 17.96 -4.09
C MET B 344 -16.84 18.88 -2.96
N LEU B 345 -17.71 19.80 -2.51
CA LEU B 345 -17.37 20.83 -1.47
C LEU B 345 -17.21 20.20 -0.09
N THR B 346 -18.10 19.26 0.27
CA THR B 346 -18.09 18.72 1.65
C THR B 346 -17.40 17.36 1.81
N GLU B 347 -17.48 16.45 0.84
CA GLU B 347 -16.87 15.10 1.09
C GLU B 347 -15.81 14.71 0.07
N ILE B 348 -15.54 15.50 -0.98
CA ILE B 348 -14.35 15.32 -1.86
C ILE B 348 -13.19 16.20 -1.37
N TYR B 349 -13.51 17.40 -0.86
CA TYR B 349 -12.54 18.39 -0.36
C TYR B 349 -12.41 18.17 1.15
N THR B 350 -11.32 17.56 1.60
CA THR B 350 -11.13 17.01 2.97
C THR B 350 -9.62 16.93 3.29
N GLU B 351 -9.19 17.29 4.49
CA GLU B 351 -7.75 17.15 4.85
C GLU B 351 -7.22 15.79 4.43
N ASP B 352 -8.03 14.73 4.60
CA ASP B 352 -7.63 13.29 4.43
C ASP B 352 -7.31 13.07 2.95
N ASN B 353 -8.25 13.45 2.07
CA ASN B 353 -8.10 13.34 0.60
C ASN B 353 -6.92 14.20 0.13
N PHE B 354 -6.54 15.24 0.88
CA PHE B 354 -5.40 16.12 0.50
C PHE B 354 -4.06 15.40 0.77
N VAL B 355 -3.95 14.65 1.87
CA VAL B 355 -2.71 13.91 2.25
C VAL B 355 -2.50 12.71 1.32
N LYS B 356 -3.56 12.17 0.72
CA LYS B 356 -3.45 11.19 -0.39
C LYS B 356 -2.60 11.84 -1.49
N PHE B 357 -3.15 12.89 -2.11
CA PHE B 357 -2.57 13.70 -3.21
C PHE B 357 -1.16 14.17 -2.87
N PHE B 358 -0.96 14.69 -1.65
CA PHE B 358 0.32 15.33 -1.24
C PHE B 358 1.40 14.25 -0.99
N LYS B 359 1.01 12.98 -0.97
CA LYS B 359 1.87 11.84 -0.56
C LYS B 359 2.71 12.28 0.65
N VAL B 360 2.05 12.71 1.72
CA VAL B 360 2.66 13.17 3.01
C VAL B 360 2.11 12.32 4.18
N LEU B 361 2.72 12.50 5.35
CA LEU B 361 2.19 11.93 6.62
C LEU B 361 1.52 13.05 7.41
N ASN B 362 0.35 12.72 7.94
CA ASN B 362 -0.57 13.62 8.66
C ASN B 362 -1.32 12.77 9.69
N ARG B 363 -1.52 13.34 10.89
CA ARG B 363 -2.47 12.83 11.91
C ARG B 363 -3.62 12.14 11.18
N LYS B 364 -3.94 10.88 11.48
CA LYS B 364 -4.96 10.08 10.75
C LYS B 364 -6.36 10.45 11.25
N THR B 365 -6.46 11.46 12.11
CA THR B 365 -7.67 11.79 12.89
C THR B 365 -7.45 13.10 13.67
N TYR B 366 -8.55 13.84 13.86
CA TYR B 366 -8.63 15.19 14.48
C TYR B 366 -8.32 15.20 15.98
N LEU B 367 -7.30 14.44 16.38
CA LEU B 367 -6.80 14.43 17.79
C LEU B 367 -5.29 14.51 17.79
N ASN B 368 -4.58 13.46 18.18
CA ASN B 368 -3.11 13.45 17.91
C ASN B 368 -2.55 14.80 18.38
N PHE B 369 -2.77 15.11 19.68
CA PHE B 369 -2.34 16.35 20.37
C PHE B 369 -0.95 16.75 19.87
N ASP B 370 -0.95 17.50 18.77
CA ASP B 370 0.26 18.16 18.22
C ASP B 370 1.09 18.62 19.41
N LYS B 371 2.07 17.80 19.86
CA LYS B 371 2.81 18.00 21.14
C LYS B 371 3.97 19.01 20.96
N ALA B 372 4.03 19.74 19.84
CA ALA B 372 5.09 20.73 19.57
C ALA B 372 4.72 21.68 18.42
N VAL B 373 5.13 22.94 18.55
CA VAL B 373 5.18 23.94 17.43
C VAL B 373 6.66 24.11 17.06
N PHE B 374 6.97 23.94 15.78
CA PHE B 374 8.33 24.04 15.19
C PHE B 374 8.46 25.29 14.32
N LYS B 375 9.55 26.05 14.48
CA LYS B 375 10.00 27.09 13.51
C LYS B 375 10.32 26.42 12.18
N ILE B 376 10.00 27.07 11.06
CA ILE B 376 10.24 26.53 9.68
C ILE B 376 10.54 27.68 8.72
N ASN B 377 10.98 27.32 7.52
CA ASN B 377 11.22 28.22 6.36
C ASN B 377 11.12 27.38 5.09
N ILE B 378 9.93 27.33 4.49
CA ILE B 378 9.55 26.44 3.36
C ILE B 378 9.89 27.11 2.01
N VAL B 379 10.50 28.30 2.05
CA VAL B 379 10.66 29.25 0.91
C VAL B 379 11.82 28.77 0.05
N PRO B 380 13.01 28.51 0.65
CA PRO B 380 14.08 27.81 -0.04
C PRO B 380 13.61 26.48 -0.65
N LYS B 381 14.10 26.16 -1.86
CA LYS B 381 13.73 24.96 -2.65
C LYS B 381 14.65 23.78 -2.30
N VAL B 382 15.63 24.04 -1.44
CA VAL B 382 16.51 22.98 -0.86
C VAL B 382 15.90 22.57 0.48
N ASN B 383 14.98 23.39 1.01
CA ASN B 383 14.28 23.19 2.29
C ASN B 383 12.93 22.50 2.04
N TYR B 384 12.08 23.07 1.18
CA TYR B 384 10.72 22.56 0.87
C TYR B 384 10.32 23.03 -0.54
N THR B 385 9.58 22.21 -1.30
CA THR B 385 9.16 22.58 -2.68
C THR B 385 7.70 22.21 -2.95
N ILE B 386 7.10 22.92 -3.90
CA ILE B 386 5.75 22.73 -4.48
C ILE B 386 5.44 21.24 -4.52
N TYR B 387 6.31 20.43 -5.14
CA TYR B 387 5.94 19.10 -5.71
C TYR B 387 6.04 17.97 -4.66
N ASP B 388 7.01 18.05 -3.75
CA ASP B 388 7.35 16.99 -2.77
C ASP B 388 7.23 17.48 -1.31
N GLY B 389 6.94 18.77 -1.09
CA GLY B 389 6.91 19.39 0.25
C GLY B 389 8.30 19.32 0.83
N PHE B 390 8.43 19.00 2.13
CA PHE B 390 9.68 18.71 2.86
C PHE B 390 10.37 17.42 2.37
N ASN B 391 9.59 16.49 1.78
CA ASN B 391 10.03 15.11 1.42
C ASN B 391 10.71 15.14 0.06
N LEU B 392 11.83 15.86 -0.04
CA LEU B 392 12.53 16.10 -1.32
C LEU B 392 12.86 14.77 -2.03
N ARG B 393 12.33 14.62 -3.26
CA ARG B 393 12.75 13.58 -4.22
C ARG B 393 14.26 13.69 -4.40
N ASN B 394 14.90 12.56 -4.74
CA ASN B 394 16.36 12.43 -5.03
C ASN B 394 17.19 12.75 -3.77
N THR B 395 16.62 12.56 -2.57
CA THR B 395 17.28 12.78 -1.24
C THR B 395 16.94 11.62 -0.30
N ASN B 396 17.49 11.64 0.92
CA ASN B 396 17.17 10.69 2.03
C ASN B 396 15.72 10.88 2.50
N LEU B 397 15.11 12.03 2.20
CA LEU B 397 13.84 12.53 2.80
C LEU B 397 12.61 11.97 2.06
N ALA B 398 12.77 11.38 0.88
CA ALA B 398 11.63 11.00 -0.01
C ALA B 398 11.00 9.66 0.41
N ALA B 399 11.53 9.04 1.46
CA ALA B 399 11.13 7.69 1.94
C ALA B 399 10.80 7.71 3.45
N ASN B 400 9.67 7.10 3.82
CA ASN B 400 9.12 7.00 5.19
C ASN B 400 8.87 8.42 5.72
N PHE B 401 8.57 9.36 4.81
CA PHE B 401 8.41 10.81 5.04
C PHE B 401 9.53 11.30 5.97
N ASN B 402 10.79 11.02 5.62
CA ASN B 402 12.01 11.36 6.42
C ASN B 402 12.25 12.88 6.36
N GLY B 403 11.69 13.57 5.37
CA GLY B 403 11.62 15.04 5.28
C GLY B 403 10.81 15.65 6.40
N GLN B 404 9.71 14.99 6.81
CA GLN B 404 8.73 15.42 7.86
C GLN B 404 9.24 15.04 9.26
N ASN B 405 10.19 14.11 9.36
CA ASN B 405 10.78 13.65 10.65
C ASN B 405 11.58 14.81 11.22
N THR B 406 11.30 15.20 12.48
CA THR B 406 11.95 16.33 13.20
C THR B 406 13.40 15.98 13.57
N GLU B 407 13.73 14.69 13.69
CA GLU B 407 15.05 14.16 14.14
C GLU B 407 16.02 14.17 12.95
N ILE B 408 15.66 13.46 11.87
CA ILE B 408 16.49 13.26 10.65
C ILE B 408 16.83 14.61 10.01
N ASN B 409 15.82 15.48 9.82
CA ASN B 409 15.83 16.83 9.22
C ASN B 409 15.67 17.87 10.34
N ASN B 410 16.68 18.00 11.22
CA ASN B 410 16.61 18.82 12.47
C ASN B 410 16.70 20.31 12.12
N MET B 411 17.35 20.64 11.00
CA MET B 411 17.62 22.02 10.49
C MET B 411 16.27 22.69 10.19
N ASN B 412 15.36 21.94 9.54
CA ASN B 412 14.07 22.46 9.01
C ASN B 412 13.01 22.45 10.13
N PHE B 413 13.31 21.83 11.27
CA PHE B 413 12.38 21.68 12.43
C PHE B 413 13.12 21.96 13.75
N THR B 414 12.93 23.17 14.30
CA THR B 414 13.44 23.65 15.61
C THR B 414 12.24 23.82 16.55
N LYS B 415 12.08 22.89 17.49
CA LYS B 415 11.03 22.91 18.54
C LYS B 415 11.15 24.24 19.26
N LEU B 416 10.03 24.82 19.72
CA LEU B 416 9.97 26.16 20.37
C LEU B 416 9.27 26.05 21.73
N LYS B 417 9.88 26.67 22.74
CA LYS B 417 9.44 26.69 24.16
C LYS B 417 8.69 25.39 24.47
N PHE C 3 15.34 15.22 -41.46
CA PHE C 3 14.28 15.72 -40.52
C PHE C 3 14.65 17.12 -40.03
N VAL C 4 15.96 17.37 -39.85
CA VAL C 4 16.61 18.71 -39.76
C VAL C 4 17.34 18.99 -41.07
N ASN C 5 16.73 19.80 -41.93
CA ASN C 5 17.17 20.11 -43.32
C ASN C 5 18.53 20.79 -43.32
N LYS C 6 18.74 21.84 -42.50
CA LYS C 6 19.99 22.64 -42.49
C LYS C 6 20.79 22.35 -41.20
N GLN C 7 22.09 22.21 -41.33
CA GLN C 7 23.03 22.04 -40.19
C GLN C 7 23.13 23.39 -39.51
N PHE C 8 22.95 23.36 -38.19
CA PHE C 8 22.95 24.53 -37.28
C PHE C 8 24.26 24.50 -36.49
N ASN C 9 24.84 25.69 -36.33
CA ASN C 9 25.90 26.00 -35.34
C ASN C 9 25.28 26.97 -34.32
N TYR C 10 25.70 26.92 -33.06
CA TYR C 10 25.17 27.79 -31.97
C TYR C 10 25.57 29.25 -32.21
N LYS C 11 26.73 29.48 -32.83
CA LYS C 11 27.25 30.80 -33.25
C LYS C 11 26.36 31.41 -34.35
N ASP C 12 25.69 30.56 -35.13
CA ASP C 12 25.01 30.99 -36.37
C ASP C 12 24.11 32.15 -36.01
N PRO C 13 24.03 33.20 -36.86
CA PRO C 13 23.38 34.44 -36.46
C PRO C 13 21.87 34.28 -36.39
N VAL C 14 21.24 34.92 -35.41
CA VAL C 14 19.76 34.93 -35.25
C VAL C 14 19.15 35.62 -36.48
N ASN C 15 17.98 35.14 -36.88
CA ASN C 15 17.20 35.51 -38.08
C ASN C 15 15.70 35.60 -37.74
N GLY C 16 15.30 35.31 -36.48
CA GLY C 16 13.93 35.47 -35.95
C GLY C 16 12.92 34.54 -36.59
N VAL C 17 13.40 33.59 -37.42
CA VAL C 17 12.58 32.57 -38.14
C VAL C 17 12.84 31.19 -37.52
N ASP C 18 14.10 30.71 -37.53
CA ASP C 18 14.53 29.36 -37.03
C ASP C 18 15.79 29.37 -36.15
N ILE C 19 16.51 30.50 -36.03
CA ILE C 19 17.55 30.76 -34.98
C ILE C 19 17.15 32.08 -34.31
N ALA C 20 16.75 32.06 -33.04
CA ALA C 20 16.11 33.23 -32.41
C ALA C 20 16.30 33.23 -30.91
N TYR C 21 16.31 34.40 -30.29
CA TYR C 21 16.13 34.55 -28.82
C TYR C 21 14.64 34.48 -28.56
N ILE C 22 14.24 33.70 -27.57
CA ILE C 22 12.84 33.21 -27.39
C ILE C 22 12.50 33.36 -25.92
N LYS C 23 11.22 33.40 -25.61
CA LYS C 23 10.69 33.44 -24.22
C LYS C 23 9.69 32.28 -24.01
N ILE C 24 10.06 31.35 -23.13
CA ILE C 24 9.21 30.17 -22.82
C ILE C 24 8.07 30.62 -21.89
N PRO C 25 6.89 29.97 -21.92
CA PRO C 25 5.76 30.34 -21.06
C PRO C 25 6.19 30.45 -19.59
N ASN C 26 6.35 31.68 -19.09
CA ASN C 26 6.76 31.92 -17.68
C ASN C 26 5.98 33.13 -17.13
N VAL C 27 4.77 32.88 -16.61
CA VAL C 27 4.20 31.51 -16.56
C VAL C 27 2.89 31.50 -17.37
N MET C 30 12.36 37.37 -16.22
CA MET C 30 12.68 36.24 -17.14
C MET C 30 13.41 36.78 -18.37
N GLN C 31 14.43 36.07 -18.86
CA GLN C 31 15.36 36.59 -19.90
C GLN C 31 15.40 35.65 -21.10
N PRO C 32 15.73 36.15 -22.30
CA PRO C 32 15.67 35.38 -23.55
C PRO C 32 16.87 34.47 -23.84
N VAL C 33 16.58 33.32 -24.48
CA VAL C 33 17.60 32.27 -24.79
C VAL C 33 17.59 32.00 -26.29
N LYS C 34 18.77 31.79 -26.84
CA LYS C 34 18.98 31.22 -28.19
C LYS C 34 18.42 29.80 -28.25
N ALA C 35 17.59 29.60 -29.24
CA ALA C 35 16.84 28.37 -29.55
C ALA C 35 16.78 28.21 -31.07
N PHE C 36 16.78 26.95 -31.50
CA PHE C 36 17.01 26.52 -32.88
C PHE C 36 15.79 25.72 -33.28
N LYS C 37 15.19 26.01 -34.41
CA LYS C 37 13.99 25.34 -34.97
C LYS C 37 14.47 24.40 -36.08
N ILE C 38 14.71 23.15 -35.68
CA ILE C 38 15.32 22.02 -36.45
C ILE C 38 14.24 21.37 -37.31
N HIS C 39 12.97 21.74 -37.14
CA HIS C 39 11.82 21.24 -37.96
C HIS C 39 10.53 21.98 -37.52
N ASN C 40 9.57 22.12 -38.43
CA ASN C 40 8.18 22.49 -38.08
C ASN C 40 7.91 21.97 -36.67
N LYS C 41 7.51 22.88 -35.77
CA LYS C 41 6.87 22.64 -34.46
C LYS C 41 7.88 22.12 -33.44
N ILE C 42 9.16 22.02 -33.82
CA ILE C 42 10.23 21.47 -32.96
C ILE C 42 11.45 22.41 -32.91
N TRP C 43 11.65 22.93 -31.72
CA TRP C 43 12.70 23.88 -31.25
C TRP C 43 13.59 23.17 -30.24
N VAL C 44 14.84 23.61 -30.15
CA VAL C 44 15.95 23.03 -29.34
C VAL C 44 16.61 24.21 -28.63
N ILE C 45 16.51 24.22 -27.31
CA ILE C 45 17.16 25.22 -26.44
C ILE C 45 18.41 24.54 -25.92
N PRO C 46 19.61 24.94 -26.35
CA PRO C 46 20.85 24.46 -25.72
C PRO C 46 21.15 25.06 -24.35
N GLU C 47 20.18 25.20 -23.47
CA GLU C 47 20.48 25.76 -22.12
C GLU C 47 19.96 24.76 -21.09
N ARG C 48 20.48 24.85 -19.86
CA ARG C 48 19.93 24.21 -18.65
C ARG C 48 18.55 24.81 -18.33
N ASP C 49 17.59 23.98 -17.91
CA ASP C 49 16.14 24.32 -17.69
C ASP C 49 15.98 25.02 -16.33
N THR C 50 16.21 26.33 -16.32
CA THR C 50 16.01 27.27 -15.18
C THR C 50 14.76 28.13 -15.43
N PHE C 51 13.77 27.63 -16.18
CA PHE C 51 12.73 28.43 -16.90
C PHE C 51 11.32 27.87 -16.63
N THR C 52 11.14 26.55 -16.81
CA THR C 52 9.82 25.86 -16.93
C THR C 52 9.13 25.83 -15.56
N ASN C 53 9.90 25.72 -14.46
CA ASN C 53 9.45 25.61 -13.04
C ASN C 53 10.06 26.78 -12.24
N PRO C 54 9.23 27.76 -11.77
CA PRO C 54 9.71 28.97 -11.10
C PRO C 54 10.88 28.84 -10.12
N GLU C 55 12.10 28.96 -10.66
CA GLU C 55 13.39 29.11 -9.93
C GLU C 55 13.87 27.73 -9.43
N GLU C 56 13.49 26.64 -10.13
CA GLU C 56 14.24 25.34 -10.16
C GLU C 56 15.51 25.65 -10.96
N GLY C 57 16.22 26.72 -10.54
CA GLY C 57 17.22 27.55 -11.26
C GLY C 57 18.50 27.82 -10.48
N ASP C 58 18.52 27.56 -9.16
CA ASP C 58 19.73 27.61 -8.27
C ASP C 58 20.81 26.73 -8.88
N LEU C 59 20.39 25.61 -9.48
CA LEU C 59 21.22 24.75 -10.35
C LEU C 59 22.42 24.17 -9.59
N ASN C 60 22.41 24.24 -8.24
CA ASN C 60 23.51 23.74 -7.37
C ASN C 60 22.96 22.69 -6.41
N PRO C 61 23.75 21.65 -6.06
CA PRO C 61 23.25 20.44 -5.39
C PRO C 61 22.29 20.62 -4.21
N PRO C 62 21.45 19.60 -3.90
CA PRO C 62 20.50 19.66 -2.79
C PRO C 62 21.16 19.32 -1.46
N PRO C 63 20.41 19.29 -0.33
CA PRO C 63 21.02 19.04 0.98
C PRO C 63 21.79 17.70 1.00
N GLU C 64 21.08 16.61 0.69
CA GLU C 64 21.66 15.27 0.42
C GLU C 64 21.03 14.71 -0.86
N ALA C 65 21.87 14.42 -1.85
CA ALA C 65 21.50 13.92 -3.19
C ALA C 65 21.57 12.40 -3.19
N LYS C 66 20.93 11.74 -4.17
CA LYS C 66 20.97 10.26 -4.36
C LYS C 66 22.35 9.83 -4.84
N GLN C 67 23.17 10.80 -5.25
CA GLN C 67 24.53 10.63 -5.81
C GLN C 67 24.45 9.66 -6.99
N VAL C 68 25.59 9.05 -7.35
CA VAL C 68 25.65 8.10 -8.51
C VAL C 68 24.89 6.82 -8.16
N PRO C 69 24.29 6.10 -9.13
CA PRO C 69 24.08 6.62 -10.48
C PRO C 69 22.64 7.11 -10.67
N VAL C 70 22.01 7.56 -9.58
CA VAL C 70 20.60 8.05 -9.60
C VAL C 70 20.57 9.59 -9.59
N SER C 71 21.72 10.27 -9.48
CA SER C 71 21.81 11.76 -9.54
C SER C 71 23.21 12.23 -9.96
N TYR C 72 23.26 13.29 -10.77
CA TYR C 72 24.51 13.99 -11.19
C TYR C 72 24.28 15.51 -11.21
N TYR C 73 25.17 16.27 -10.58
CA TYR C 73 25.07 17.74 -10.35
C TYR C 73 26.41 18.46 -10.67
N ASP C 74 26.65 18.72 -11.95
CA ASP C 74 27.65 19.73 -12.41
C ASP C 74 26.90 21.04 -12.69
N SER C 75 27.23 22.12 -11.98
CA SER C 75 26.60 23.47 -12.08
C SER C 75 27.00 24.17 -13.38
N THR C 76 28.08 23.67 -14.01
CA THR C 76 28.82 24.29 -15.14
C THR C 76 28.47 23.64 -16.48
N TYR C 77 27.85 22.44 -16.46
CA TYR C 77 27.50 21.76 -17.73
C TYR C 77 26.52 22.64 -18.50
N LEU C 78 26.74 22.75 -19.85
CA LEU C 78 25.89 23.54 -20.80
C LEU C 78 25.99 25.03 -20.44
N SER C 79 27.21 25.49 -20.16
CA SER C 79 27.59 26.89 -19.84
C SER C 79 28.33 27.51 -21.02
N THR C 80 29.27 26.76 -21.61
CA THR C 80 30.12 27.13 -22.78
C THR C 80 29.36 26.91 -24.10
N ASP C 81 29.63 27.80 -25.06
CA ASP C 81 29.09 27.80 -26.46
C ASP C 81 29.50 26.49 -27.14
N ASN C 82 30.73 26.04 -26.89
CA ASN C 82 31.31 24.79 -27.47
C ASN C 82 30.44 23.60 -27.02
N GLU C 83 30.02 23.56 -25.76
CA GLU C 83 29.12 22.51 -25.22
C GLU C 83 27.75 22.63 -25.89
N LYS C 84 27.18 23.83 -25.90
CA LYS C 84 25.83 24.13 -26.46
C LYS C 84 25.79 23.77 -27.97
N ASP C 85 26.89 23.95 -28.70
CA ASP C 85 26.99 23.61 -30.15
C ASP C 85 27.07 22.09 -30.30
N ASN C 86 27.88 21.44 -29.46
CA ASN C 86 27.91 19.96 -29.32
C ASN C 86 26.54 19.42 -28.89
N TYR C 87 25.77 20.18 -28.09
CA TYR C 87 24.43 19.75 -27.56
C TYR C 87 23.47 19.64 -28.73
N LEU C 88 23.33 20.74 -29.48
CA LEU C 88 22.41 20.90 -30.62
C LEU C 88 22.74 19.88 -31.71
N LYS C 89 24.05 19.73 -32.00
CA LYS C 89 24.63 18.66 -32.86
C LYS C 89 24.36 17.27 -32.24
N GLY C 90 24.45 17.14 -30.93
CA GLY C 90 24.01 15.93 -30.20
C GLY C 90 22.56 15.57 -30.53
N VAL C 91 21.64 16.48 -30.23
CA VAL C 91 20.17 16.25 -30.20
C VAL C 91 19.73 16.12 -31.66
N THR C 92 20.43 16.79 -32.55
CA THR C 92 20.10 16.82 -33.99
C THR C 92 20.41 15.43 -34.56
N LYS C 93 21.53 14.84 -34.13
CA LYS C 93 21.95 13.48 -34.53
C LYS C 93 20.97 12.41 -34.07
N LEU C 94 20.54 12.41 -32.79
CA LEU C 94 19.61 11.41 -32.18
C LEU C 94 18.24 11.47 -32.86
N PHE C 95 17.76 12.65 -33.27
CA PHE C 95 16.47 12.84 -33.99
C PHE C 95 16.51 12.17 -35.38
N GLU C 96 17.68 12.17 -36.04
CA GLU C 96 17.84 11.66 -37.43
C GLU C 96 17.98 10.14 -37.35
N ARG C 97 18.76 9.66 -36.37
CA ARG C 97 18.84 8.23 -35.93
C ARG C 97 17.43 7.70 -35.74
N ILE C 98 16.62 8.51 -35.06
CA ILE C 98 15.22 8.17 -34.70
C ILE C 98 14.42 8.22 -35.99
N TYR C 99 14.72 9.19 -36.87
CA TYR C 99 14.02 9.40 -38.17
C TYR C 99 14.36 8.28 -39.17
N SER C 100 15.60 7.75 -39.14
CA SER C 100 16.12 6.66 -40.02
C SER C 100 15.30 5.37 -39.87
N THR C 101 14.76 5.12 -38.66
CA THR C 101 13.79 4.04 -38.33
C THR C 101 12.47 4.45 -38.97
N ASP C 102 11.79 3.52 -39.65
CA ASP C 102 10.40 3.70 -40.15
C ASP C 102 9.50 4.12 -38.98
N LEU C 103 9.82 3.68 -37.75
CA LEU C 103 8.92 3.80 -36.57
C LEU C 103 9.13 5.16 -35.89
N GLY C 104 10.36 5.57 -35.65
CA GLY C 104 10.68 6.97 -35.30
C GLY C 104 10.17 8.02 -36.28
N ARG C 105 10.22 7.76 -37.59
CA ARG C 105 9.81 8.71 -38.66
C ARG C 105 8.30 8.96 -38.57
N MET C 106 7.52 7.90 -38.33
CA MET C 106 6.04 7.92 -38.11
C MET C 106 5.74 8.65 -36.78
N LEU C 107 6.55 8.37 -35.76
CA LEU C 107 6.46 9.01 -34.42
C LEU C 107 6.59 10.54 -34.57
N LEU C 108 7.74 11.03 -35.06
CA LEU C 108 8.03 12.48 -35.24
C LEU C 108 6.92 13.07 -36.11
N THR C 109 6.44 12.31 -37.08
CA THR C 109 5.35 12.72 -37.99
C THR C 109 4.08 12.85 -37.16
N SER C 110 3.96 12.07 -36.11
CA SER C 110 2.78 12.04 -35.21
C SER C 110 2.91 13.23 -34.28
N ILE C 111 4.13 13.51 -33.83
CA ILE C 111 4.50 14.65 -32.93
C ILE C 111 4.29 15.97 -33.65
N VAL C 112 4.62 16.06 -34.95
CA VAL C 112 4.70 17.35 -35.70
C VAL C 112 3.28 17.78 -36.03
N ARG C 113 2.48 16.78 -36.36
CA ARG C 113 1.06 16.88 -36.80
C ARG C 113 0.17 17.11 -35.58
N GLY C 114 0.72 16.96 -34.36
CA GLY C 114 -0.05 16.88 -33.11
C GLY C 114 -0.19 18.24 -32.45
N ILE C 115 -0.93 19.11 -33.13
CA ILE C 115 -1.01 20.55 -32.77
C ILE C 115 -1.85 20.56 -31.51
N PRO C 116 -1.32 21.15 -30.40
CA PRO C 116 -2.12 21.43 -29.22
C PRO C 116 -3.37 22.22 -29.58
N PHE C 117 -4.49 21.82 -29.01
CA PHE C 117 -5.82 22.23 -29.48
C PHE C 117 -6.07 23.64 -28.96
N TRP C 118 -6.88 24.39 -29.73
CA TRP C 118 -7.21 25.83 -29.60
C TRP C 118 -8.44 25.94 -28.71
N GLY C 119 -8.28 25.53 -27.45
CA GLY C 119 -9.37 25.45 -26.46
C GLY C 119 -9.27 26.53 -25.39
N GLY C 120 -8.94 27.75 -25.80
CA GLY C 120 -8.44 28.83 -24.92
C GLY C 120 -9.50 29.88 -24.62
N SER C 121 -10.68 29.79 -25.20
CA SER C 121 -11.75 30.78 -24.95
C SER C 121 -12.77 30.19 -23.99
N THR C 122 -13.15 31.04 -23.03
CA THR C 122 -14.31 30.97 -22.12
C THR C 122 -15.60 30.65 -22.89
N ILE C 123 -15.74 31.12 -24.13
CA ILE C 123 -17.03 31.02 -24.91
C ILE C 123 -16.92 29.89 -25.93
N ASP C 124 -17.97 29.09 -26.06
CA ASP C 124 -17.89 27.68 -26.52
C ASP C 124 -18.02 27.61 -28.05
N THR C 125 -18.22 28.75 -28.71
CA THR C 125 -18.33 28.95 -30.19
C THR C 125 -16.99 29.45 -30.77
N GLU C 126 -15.99 29.69 -29.93
CA GLU C 126 -14.72 30.38 -30.26
C GLU C 126 -13.51 29.42 -30.20
N LEU C 127 -12.81 29.27 -31.33
CA LEU C 127 -11.45 28.68 -31.34
C LEU C 127 -10.45 29.77 -30.90
N LYS C 128 -9.60 29.46 -29.92
CA LYS C 128 -8.62 30.40 -29.34
C LYS C 128 -7.38 29.62 -28.89
N VAL C 129 -6.20 30.11 -29.26
CA VAL C 129 -4.92 29.49 -28.89
C VAL C 129 -4.84 29.54 -27.38
N ILE C 130 -4.20 28.53 -26.79
CA ILE C 130 -3.76 28.56 -25.36
C ILE C 130 -2.29 28.98 -25.43
N ASP C 131 -2.02 30.19 -24.93
CA ASP C 131 -0.71 30.88 -25.01
C ASP C 131 0.38 30.04 -24.41
N THR C 132 0.06 29.06 -23.55
CA THR C 132 1.04 28.13 -22.89
C THR C 132 1.61 27.16 -23.94
N ASN C 133 0.89 26.97 -25.05
CA ASN C 133 1.29 26.15 -26.21
C ASN C 133 2.11 27.00 -27.20
N CYS C 134 2.62 28.15 -26.77
CA CYS C 134 3.28 29.14 -27.64
C CYS C 134 4.59 29.56 -26.95
N ILE C 135 5.61 29.92 -27.74
CA ILE C 135 6.78 30.71 -27.29
C ILE C 135 6.74 32.10 -27.95
N ASN C 136 7.60 33.00 -27.47
CA ASN C 136 7.62 34.42 -27.89
C ASN C 136 8.97 34.63 -28.53
N VAL C 137 8.98 34.65 -29.86
CA VAL C 137 10.21 34.87 -30.66
C VAL C 137 10.45 36.38 -30.79
N ILE C 138 11.62 36.81 -30.34
CA ILE C 138 11.98 38.25 -30.33
C ILE C 138 12.30 38.70 -31.75
N GLN C 139 11.64 39.77 -32.20
CA GLN C 139 11.81 40.34 -33.54
C GLN C 139 12.76 41.52 -33.41
N PRO C 140 13.36 41.98 -34.54
CA PRO C 140 14.44 42.97 -34.53
C PRO C 140 14.21 44.22 -33.66
N ASP C 141 12.96 44.69 -33.49
CA ASP C 141 12.59 45.91 -32.71
C ASP C 141 12.37 45.58 -31.22
N GLY C 142 12.85 44.42 -30.75
CA GLY C 142 12.75 43.95 -29.34
C GLY C 142 11.36 43.43 -28.98
N SER C 143 10.36 43.67 -29.83
CA SER C 143 8.97 43.16 -29.68
C SER C 143 9.01 41.64 -29.81
N TYR C 144 7.91 40.96 -29.50
CA TYR C 144 7.81 39.48 -29.39
C TYR C 144 6.61 39.00 -30.23
N ARG C 145 6.74 37.84 -30.90
CA ARG C 145 5.72 37.29 -31.82
C ARG C 145 5.38 35.83 -31.46
N SER C 146 4.36 35.63 -30.65
CA SER C 146 3.77 34.30 -30.36
C SER C 146 4.00 33.42 -31.59
N GLU C 147 4.71 32.30 -31.43
CA GLU C 147 4.69 31.17 -32.39
C GLU C 147 4.18 29.90 -31.69
N GLU C 148 3.26 29.19 -32.29
CA GLU C 148 2.82 27.84 -31.83
C GLU C 148 3.91 26.81 -32.11
N LEU C 149 4.27 26.03 -31.09
CA LEU C 149 5.10 24.81 -31.25
C LEU C 149 4.51 23.59 -30.51
N ASN C 150 4.84 22.41 -31.02
CA ASN C 150 4.52 21.08 -30.42
C ASN C 150 5.57 20.69 -29.35
N LEU C 151 6.85 20.77 -29.67
CA LEU C 151 7.87 20.18 -28.78
C LEU C 151 9.09 21.08 -28.63
N VAL C 152 9.62 21.14 -27.41
CA VAL C 152 10.83 21.94 -27.11
C VAL C 152 11.80 21.02 -26.39
N ILE C 153 13.00 20.86 -26.92
CA ILE C 153 14.04 20.03 -26.27
C ILE C 153 15.01 20.98 -25.61
N ILE C 154 14.97 21.03 -24.29
CA ILE C 154 15.84 21.90 -23.45
C ILE C 154 16.72 20.96 -22.60
N GLY C 155 17.80 21.47 -22.04
CA GLY C 155 18.78 20.65 -21.31
C GLY C 155 18.32 20.46 -19.87
N PRO C 156 18.98 19.57 -19.12
CA PRO C 156 18.57 19.29 -17.76
C PRO C 156 18.56 20.55 -16.91
N SER C 157 17.77 20.55 -15.84
CA SER C 157 17.98 21.42 -14.65
C SER C 157 19.01 20.72 -13.79
N ALA C 158 19.01 21.00 -12.47
CA ALA C 158 20.13 20.69 -11.53
C ALA C 158 20.60 19.25 -11.74
N ASP C 159 19.76 18.27 -11.41
CA ASP C 159 20.05 16.84 -11.65
C ASP C 159 20.11 16.68 -13.15
N ILE C 160 21.28 16.36 -13.67
CA ILE C 160 21.58 16.40 -15.13
C ILE C 160 20.96 15.17 -15.81
N ILE C 161 20.82 14.06 -15.09
CA ILE C 161 20.27 12.80 -15.67
C ILE C 161 18.77 12.66 -15.37
N GLN C 162 18.14 13.67 -14.76
CA GLN C 162 16.67 13.67 -14.52
C GLN C 162 16.00 14.17 -15.80
N PHE C 163 15.83 13.25 -16.74
CA PHE C 163 15.19 13.50 -18.05
C PHE C 163 13.71 13.20 -17.86
N GLU C 164 12.87 14.08 -18.41
CA GLU C 164 11.40 14.03 -18.29
C GLU C 164 10.80 14.90 -19.41
N CYS C 165 9.47 14.78 -19.59
CA CYS C 165 8.54 15.42 -20.58
C CYS C 165 7.39 16.02 -19.78
N LYS C 166 7.49 17.33 -19.54
CA LYS C 166 6.53 18.14 -18.75
C LYS C 166 5.81 19.14 -19.68
N SER C 167 4.78 19.76 -19.16
CA SER C 167 3.91 20.68 -19.91
C SER C 167 3.20 21.64 -18.93
N PHE C 168 3.02 22.89 -19.35
CA PHE C 168 2.31 23.89 -18.54
C PHE C 168 0.83 23.54 -18.58
N GLY C 169 0.08 23.82 -17.52
CA GLY C 169 -1.34 23.45 -17.50
C GLY C 169 -2.27 24.63 -17.65
N HIS C 170 -3.57 24.35 -17.68
CA HIS C 170 -4.69 25.33 -17.82
C HIS C 170 -5.47 25.31 -16.52
N GLU C 171 -6.10 26.41 -16.09
CA GLU C 171 -6.77 26.51 -14.75
C GLU C 171 -7.87 25.47 -14.44
N VAL C 172 -8.44 24.76 -15.43
CA VAL C 172 -9.58 23.82 -15.23
C VAL C 172 -9.30 22.60 -16.09
N LEU C 173 -8.31 22.69 -16.97
CA LEU C 173 -8.05 21.68 -18.03
C LEU C 173 -6.78 20.86 -17.73
N ASN C 174 -6.94 19.53 -17.75
CA ASN C 174 -5.86 18.53 -17.88
C ASN C 174 -5.62 18.29 -19.38
N LEU C 175 -4.59 18.96 -19.89
CA LEU C 175 -4.46 19.21 -21.35
C LEU C 175 -3.84 17.97 -22.02
N THR C 176 -2.96 17.26 -21.30
CA THR C 176 -2.37 15.95 -21.68
C THR C 176 -3.38 14.78 -21.60
N ARG C 177 -4.55 14.99 -21.00
CA ARG C 177 -5.49 13.90 -20.62
C ARG C 177 -6.93 14.20 -21.00
N ASN C 178 -7.14 15.16 -21.91
CA ASN C 178 -8.48 15.50 -22.44
C ASN C 178 -8.42 15.63 -23.95
N GLY C 179 -7.50 14.96 -24.62
CA GLY C 179 -7.42 14.99 -26.09
C GLY C 179 -6.91 16.29 -26.70
N TYR C 180 -6.81 17.38 -25.93
CA TYR C 180 -6.46 18.74 -26.44
C TYR C 180 -4.98 18.73 -26.86
N GLY C 181 -4.18 18.44 -25.88
CA GLY C 181 -2.74 18.50 -26.04
C GLY C 181 -2.23 19.78 -25.44
N SER C 182 -0.92 19.83 -25.33
CA SER C 182 -0.12 20.82 -24.63
C SER C 182 1.31 20.75 -25.20
N THR C 183 1.90 21.90 -25.47
CA THR C 183 3.28 21.99 -25.96
C THR C 183 4.11 21.23 -24.95
N GLN C 184 5.10 20.47 -25.42
CA GLN C 184 5.85 19.51 -24.59
C GLN C 184 7.28 19.96 -24.45
N TYR C 185 7.80 19.95 -23.22
CA TYR C 185 9.20 20.31 -22.87
C TYR C 185 9.91 19.06 -22.33
N ILE C 186 10.93 18.62 -23.08
CA ILE C 186 11.75 17.42 -22.81
C ILE C 186 13.12 17.87 -22.25
N ARG C 187 13.31 17.69 -20.94
CA ARG C 187 14.63 17.85 -20.28
C ARG C 187 15.49 16.68 -20.73
N PHE C 188 16.59 16.96 -21.41
CA PHE C 188 17.42 15.94 -22.10
C PHE C 188 18.86 16.45 -22.31
N SER C 189 19.80 15.52 -22.27
CA SER C 189 21.22 15.72 -22.65
C SER C 189 21.76 14.49 -23.36
N PRO C 190 22.36 14.69 -24.55
CA PRO C 190 23.03 13.61 -25.26
C PRO C 190 24.52 13.50 -24.93
N ASP C 191 25.01 14.19 -23.89
CA ASP C 191 26.45 14.13 -23.53
C ASP C 191 26.71 13.02 -22.50
N PHE C 192 25.66 12.58 -21.80
CA PHE C 192 25.77 11.52 -20.77
C PHE C 192 24.83 10.38 -21.17
N THR C 193 25.02 9.18 -20.61
CA THR C 193 24.03 8.06 -20.64
C THR C 193 24.22 7.13 -19.43
N PHE C 194 23.20 6.32 -19.16
CA PHE C 194 23.15 5.43 -17.98
C PHE C 194 23.65 4.06 -18.41
N GLY C 195 24.51 3.47 -17.59
CA GLY C 195 24.93 2.05 -17.69
C GLY C 195 23.95 1.14 -16.96
N PHE C 196 23.73 -0.06 -17.52
CA PHE C 196 22.96 -1.17 -16.92
C PHE C 196 23.84 -2.43 -16.96
N GLU C 197 23.22 -3.59 -16.82
CA GLU C 197 23.87 -4.93 -16.82
C GLU C 197 22.88 -5.91 -17.44
N GLU C 198 23.35 -6.91 -18.18
CA GLU C 198 22.50 -7.89 -18.91
C GLU C 198 21.60 -7.15 -19.91
N ALA C 210 31.71 -5.98 -11.88
CA ALA C 210 31.61 -5.92 -13.36
C ALA C 210 30.40 -5.08 -13.78
N GLY C 211 30.65 -3.98 -14.51
CA GLY C 211 29.64 -3.11 -15.13
C GLY C 211 29.57 -3.32 -16.63
N LYS C 212 28.61 -4.11 -17.11
CA LYS C 212 28.49 -4.49 -18.54
C LYS C 212 28.38 -3.23 -19.40
N PHE C 213 27.15 -2.83 -19.77
CA PHE C 213 26.81 -2.05 -20.99
C PHE C 213 26.33 -0.62 -20.65
N ALA C 214 25.62 0.01 -21.61
CA ALA C 214 25.25 1.44 -21.63
C ALA C 214 24.07 1.69 -22.58
N THR C 215 23.10 2.49 -22.13
CA THR C 215 21.89 2.89 -22.90
C THR C 215 22.34 3.81 -24.07
N ASP C 216 21.80 3.51 -25.26
CA ASP C 216 21.97 4.33 -26.48
C ASP C 216 20.99 5.47 -26.36
N PRO C 217 21.50 6.72 -26.23
CA PRO C 217 20.71 7.92 -25.91
C PRO C 217 19.51 8.18 -26.82
N ALA C 218 19.55 7.67 -28.04
CA ALA C 218 18.42 7.65 -29.00
C ALA C 218 17.24 6.91 -28.39
N VAL C 219 17.51 5.98 -27.49
CA VAL C 219 16.46 5.11 -26.88
C VAL C 219 15.85 5.90 -25.74
N THR C 220 16.75 6.52 -24.95
CA THR C 220 16.42 7.52 -23.91
C THR C 220 15.60 8.69 -24.49
N LEU C 221 15.90 9.15 -25.70
CA LEU C 221 15.23 10.34 -26.32
C LEU C 221 13.91 9.88 -26.89
N ALA C 222 13.90 8.72 -27.54
CA ALA C 222 12.71 8.07 -28.13
C ALA C 222 11.64 7.84 -27.05
N HIS C 223 12.07 7.56 -25.81
CA HIS C 223 11.19 7.36 -24.63
C HIS C 223 10.40 8.62 -24.28
N GLU C 224 11.09 9.77 -24.25
CA GLU C 224 10.45 11.07 -23.94
C GLU C 224 9.56 11.48 -25.12
N LEU C 225 9.96 11.12 -26.35
CA LEU C 225 9.12 11.47 -27.54
C LEU C 225 7.84 10.65 -27.53
N ILE C 226 7.87 9.49 -26.91
CA ILE C 226 6.66 8.63 -26.73
C ILE C 226 5.71 9.43 -25.85
N HIS C 227 6.29 9.97 -24.77
CA HIS C 227 5.54 10.68 -23.71
C HIS C 227 4.96 11.97 -24.26
N ALA C 228 5.77 12.72 -25.01
CA ALA C 228 5.41 13.89 -25.87
C ALA C 228 4.21 13.54 -26.73
N GLY C 229 4.31 12.47 -27.47
CA GLY C 229 3.21 11.92 -28.30
C GLY C 229 1.91 11.70 -27.56
N HIS C 230 1.96 11.13 -26.36
CA HIS C 230 0.75 10.82 -25.54
C HIS C 230 0.12 12.14 -25.11
N ARG C 231 0.96 13.01 -24.60
CA ARG C 231 0.62 14.35 -24.05
C ARG C 231 0.18 15.28 -25.17
N LEU C 232 0.84 15.16 -26.35
CA LEU C 232 0.50 16.00 -27.53
C LEU C 232 -0.92 15.66 -28.00
N TYR C 233 -1.33 14.42 -27.85
CA TYR C 233 -2.61 13.91 -28.41
C TYR C 233 -3.66 13.80 -27.28
N GLY C 234 -3.26 14.10 -26.04
CA GLY C 234 -4.17 14.26 -24.88
C GLY C 234 -4.63 12.92 -24.32
N ILE C 235 -3.88 11.84 -24.59
CA ILE C 235 -4.23 10.42 -24.22
C ILE C 235 -3.21 9.87 -23.20
N ALA C 236 -2.59 10.75 -22.41
CA ALA C 236 -1.67 10.43 -21.30
C ALA C 236 -2.51 9.94 -20.10
N ILE C 237 -1.96 9.00 -19.35
CA ILE C 237 -2.63 8.34 -18.21
C ILE C 237 -2.24 9.15 -16.99
N ASN C 238 -3.19 9.45 -16.13
CA ASN C 238 -2.96 10.27 -14.92
C ASN C 238 -1.74 9.66 -14.26
N PRO C 239 -0.74 10.45 -13.80
CA PRO C 239 0.43 9.90 -13.12
C PRO C 239 0.19 9.15 -11.79
N ASN C 240 -1.03 9.21 -11.25
CA ASN C 240 -1.42 8.67 -9.92
C ASN C 240 -1.94 7.24 -10.10
N VAL C 258 5.31 1.06 -10.45
CA VAL C 258 5.55 1.80 -11.73
C VAL C 258 4.22 2.38 -12.24
N SER C 259 4.27 3.60 -12.77
CA SER C 259 3.11 4.29 -13.38
C SER C 259 2.67 3.48 -14.59
N PHE C 260 1.36 3.46 -14.83
CA PHE C 260 0.72 2.91 -16.05
C PHE C 260 1.35 3.57 -17.28
N GLU C 261 1.56 4.89 -17.20
CA GLU C 261 1.98 5.74 -18.34
C GLU C 261 3.34 5.30 -18.81
N GLU C 262 4.28 5.14 -17.87
CA GLU C 262 5.67 4.73 -18.16
C GLU C 262 5.71 3.25 -18.54
N LEU C 263 4.65 2.51 -18.23
CA LEU C 263 4.51 1.06 -18.56
C LEU C 263 4.04 0.90 -20.01
N ARG C 264 3.00 1.62 -20.42
CA ARG C 264 2.56 1.70 -21.87
C ARG C 264 3.77 2.02 -22.76
N THR C 265 4.62 2.91 -22.23
CA THR C 265 5.62 3.75 -22.93
C THR C 265 6.86 2.92 -23.21
N PHE C 266 7.45 2.26 -22.21
CA PHE C 266 8.57 1.26 -22.35
C PHE C 266 8.14 0.02 -23.16
N GLY C 267 6.85 -0.38 -23.12
CA GLY C 267 6.29 -1.52 -23.90
C GLY C 267 6.77 -2.90 -23.43
N GLY C 268 6.88 -3.83 -24.38
CA GLY C 268 7.48 -5.17 -24.20
C GLY C 268 6.60 -6.12 -23.40
N HIS C 269 7.24 -6.93 -22.56
CA HIS C 269 6.60 -7.95 -21.69
C HIS C 269 5.78 -7.27 -20.59
N ASP C 270 6.39 -6.35 -19.84
CA ASP C 270 5.77 -5.71 -18.64
C ASP C 270 4.49 -4.95 -19.02
N ALA C 271 4.24 -4.67 -20.31
CA ALA C 271 3.01 -4.03 -20.84
C ALA C 271 1.88 -5.06 -20.99
N LYS C 272 2.00 -6.20 -20.31
CA LYS C 272 0.95 -7.25 -20.11
C LYS C 272 0.40 -7.12 -18.68
N PHE C 273 1.24 -6.71 -17.74
CA PHE C 273 0.90 -6.40 -16.32
C PHE C 273 -0.36 -5.52 -16.24
N ILE C 274 -0.62 -4.72 -17.27
CA ILE C 274 -1.78 -3.76 -17.32
C ILE C 274 -3.08 -4.55 -17.44
N ASP C 275 -3.97 -4.44 -16.45
CA ASP C 275 -5.41 -4.77 -16.57
C ASP C 275 -5.90 -4.27 -17.95
N SER C 276 -6.20 -5.18 -18.88
CA SER C 276 -6.77 -4.91 -20.22
C SER C 276 -8.07 -4.07 -20.09
N LEU C 277 -8.84 -4.26 -19.01
CA LEU C 277 -10.15 -3.59 -18.78
C LEU C 277 -9.97 -2.28 -18.00
N GLN C 278 -8.71 -1.85 -17.73
CA GLN C 278 -8.29 -0.44 -17.47
C GLN C 278 -7.76 0.21 -18.76
N GLU C 279 -7.30 -0.60 -19.73
CA GLU C 279 -6.80 -0.17 -21.07
C GLU C 279 -8.01 0.05 -22.01
N ASN C 280 -9.01 -0.83 -21.94
CA ASN C 280 -10.34 -0.68 -22.60
C ASN C 280 -11.01 0.61 -22.09
N GLU C 281 -10.93 0.84 -20.77
CA GLU C 281 -11.61 1.93 -19.98
C GLU C 281 -11.02 3.30 -20.38
N PHE C 282 -9.78 3.32 -20.86
CA PHE C 282 -9.04 4.54 -21.26
C PHE C 282 -9.20 4.73 -22.77
N ARG C 283 -9.10 3.64 -23.54
CA ARG C 283 -9.19 3.61 -25.03
C ARG C 283 -10.61 4.01 -25.45
N LEU C 284 -11.57 3.98 -24.52
CA LEU C 284 -12.93 4.54 -24.73
C LEU C 284 -13.01 5.97 -24.16
N TYR C 285 -12.23 6.29 -23.12
CA TYR C 285 -12.28 7.64 -22.48
C TYR C 285 -11.69 8.66 -23.44
N TYR C 286 -10.75 8.26 -24.28
CA TYR C 286 -10.02 9.17 -25.21
C TYR C 286 -10.67 9.15 -26.61
N TYR C 287 -11.74 8.35 -26.79
CA TYR C 287 -12.66 8.35 -27.97
C TYR C 287 -13.75 9.42 -27.79
N ASN C 288 -14.30 9.46 -26.57
CA ASN C 288 -15.38 10.36 -26.11
C ASN C 288 -14.78 11.77 -25.99
N LYS C 289 -13.51 11.84 -25.57
CA LYS C 289 -12.69 13.08 -25.55
C LYS C 289 -12.55 13.57 -27.00
N PHE C 290 -12.01 12.76 -27.90
CA PHE C 290 -11.92 13.00 -29.36
C PHE C 290 -13.28 13.32 -29.99
N LYS C 291 -14.38 12.83 -29.41
CA LYS C 291 -15.75 13.14 -29.93
C LYS C 291 -16.22 14.51 -29.43
N ASP C 292 -15.71 14.95 -28.27
CA ASP C 292 -16.01 16.27 -27.65
C ASP C 292 -15.21 17.38 -28.38
N ILE C 293 -14.03 17.07 -28.91
CA ILE C 293 -13.23 17.93 -29.81
C ILE C 293 -14.02 18.17 -31.11
N ALA C 294 -14.56 17.07 -31.66
CA ALA C 294 -15.23 17.07 -32.97
C ALA C 294 -16.46 17.93 -32.85
N SER C 295 -17.03 17.96 -31.64
CA SER C 295 -18.24 18.72 -31.22
C SER C 295 -17.85 20.21 -31.22
N THR C 296 -16.81 20.56 -30.47
CA THR C 296 -16.27 21.94 -30.26
C THR C 296 -16.01 22.63 -31.61
N LEU C 297 -15.51 21.89 -32.62
CA LEU C 297 -15.20 22.43 -33.97
C LEU C 297 -16.51 22.69 -34.72
N ASN C 298 -17.40 21.70 -34.75
CA ASN C 298 -18.72 21.79 -35.44
C ASN C 298 -19.50 23.03 -34.95
N LYS C 299 -19.34 23.38 -33.67
CA LYS C 299 -20.12 24.40 -32.92
C LYS C 299 -19.40 25.74 -32.99
N ALA C 300 -18.11 25.71 -33.35
CA ALA C 300 -17.23 26.87 -33.63
C ALA C 300 -17.83 27.73 -34.74
N LYS C 301 -18.04 29.02 -34.45
CA LYS C 301 -18.64 30.04 -35.34
C LYS C 301 -17.66 31.22 -35.51
N SER C 302 -16.83 31.48 -34.47
CA SER C 302 -15.79 32.53 -34.45
C SER C 302 -14.45 31.87 -34.16
N ILE C 303 -13.37 32.65 -34.32
CA ILE C 303 -11.97 32.31 -33.97
C ILE C 303 -11.18 33.62 -33.74
N VAL C 304 -10.14 33.52 -32.92
CA VAL C 304 -9.28 34.59 -32.34
C VAL C 304 -7.89 34.50 -32.98
N GLY C 305 -7.33 35.65 -33.32
CA GLY C 305 -6.06 35.73 -34.05
C GLY C 305 -6.18 36.33 -35.44
N THR C 306 -5.03 36.80 -35.90
CA THR C 306 -4.76 37.32 -37.25
C THR C 306 -4.36 36.13 -38.14
N THR C 307 -3.38 35.34 -37.64
CA THR C 307 -2.78 34.12 -38.28
C THR C 307 -3.76 33.49 -39.27
N ALA C 308 -4.72 32.71 -38.76
CA ALA C 308 -5.41 31.66 -39.54
C ALA C 308 -6.93 31.71 -39.39
N SER C 309 -7.66 31.18 -40.37
CA SER C 309 -9.14 31.18 -40.38
C SER C 309 -9.68 30.01 -39.54
N LEU C 310 -10.97 30.07 -39.21
CA LEU C 310 -11.73 29.02 -38.48
C LEU C 310 -11.61 27.72 -39.26
N GLN C 311 -11.72 27.82 -40.57
CA GLN C 311 -11.64 26.68 -41.52
C GLN C 311 -10.21 26.12 -41.63
N TYR C 312 -9.15 26.94 -41.60
CA TYR C 312 -7.74 26.45 -41.69
C TYR C 312 -7.41 25.61 -40.44
N MET C 313 -7.89 26.02 -39.27
CA MET C 313 -7.53 25.34 -37.98
C MET C 313 -8.47 24.14 -37.76
N LYS C 314 -9.69 24.20 -38.28
CA LYS C 314 -10.61 23.05 -38.26
C LYS C 314 -10.05 21.91 -39.11
N ASN C 315 -9.41 22.23 -40.23
CA ASN C 315 -8.76 21.24 -41.14
C ASN C 315 -7.48 20.76 -40.44
N VAL C 316 -6.82 21.63 -39.69
CA VAL C 316 -5.52 21.31 -39.02
C VAL C 316 -5.77 20.19 -38.00
N PHE C 317 -6.92 20.24 -37.33
CA PHE C 317 -7.29 19.43 -36.15
C PHE C 317 -8.18 18.26 -36.61
N LYS C 318 -8.95 18.45 -37.67
CA LYS C 318 -9.35 17.33 -38.56
C LYS C 318 -8.12 16.46 -38.85
N GLU C 319 -6.97 17.05 -39.21
CA GLU C 319 -5.77 16.28 -39.62
C GLU C 319 -5.16 15.58 -38.39
N LYS C 320 -5.18 16.22 -37.22
CA LYS C 320 -4.63 15.68 -35.94
C LYS C 320 -5.44 14.46 -35.46
N TYR C 321 -6.76 14.63 -35.25
CA TYR C 321 -7.68 13.66 -34.59
C TYR C 321 -8.32 12.76 -35.66
N LEU C 322 -7.60 12.61 -36.78
CA LEU C 322 -8.06 11.92 -38.02
C LEU C 322 -9.58 11.93 -38.07
N LEU C 323 -10.17 13.12 -38.12
CA LEU C 323 -11.65 13.27 -38.14
C LEU C 323 -12.13 13.06 -39.57
N SER C 324 -13.44 12.85 -39.72
CA SER C 324 -14.13 12.55 -40.98
C SER C 324 -15.13 13.69 -41.29
N GLU C 325 -15.20 14.11 -42.55
CA GLU C 325 -15.94 15.31 -43.02
C GLU C 325 -17.00 14.88 -44.03
N ASP C 326 -18.28 14.93 -43.63
CA ASP C 326 -19.45 14.68 -44.54
C ASP C 326 -19.64 15.91 -45.43
N THR C 327 -20.67 15.92 -46.27
CA THR C 327 -20.92 16.93 -47.34
C THR C 327 -21.27 18.30 -46.71
N SER C 328 -22.07 18.28 -45.65
CA SER C 328 -22.43 19.44 -44.78
C SER C 328 -21.17 20.17 -44.30
N GLY C 329 -20.08 19.41 -44.08
CA GLY C 329 -18.83 19.86 -43.46
C GLY C 329 -18.85 19.74 -41.94
N LYS C 330 -19.42 18.65 -41.40
CA LYS C 330 -19.40 18.31 -39.95
C LYS C 330 -18.41 17.17 -39.73
N PHE C 331 -17.53 17.32 -38.75
CA PHE C 331 -16.55 16.29 -38.32
C PHE C 331 -17.28 15.25 -37.46
N SER C 332 -16.85 13.99 -37.62
CA SER C 332 -17.14 12.81 -36.76
C SER C 332 -15.82 12.11 -36.45
N VAL C 333 -15.70 11.51 -35.27
CA VAL C 333 -14.55 10.61 -34.93
C VAL C 333 -14.88 9.20 -35.41
N ASP C 334 -14.23 8.76 -36.49
CA ASP C 334 -14.22 7.37 -37.00
C ASP C 334 -13.61 6.49 -35.91
N LYS C 335 -14.29 5.39 -35.54
CA LYS C 335 -13.90 4.50 -34.41
C LYS C 335 -12.71 3.61 -34.83
N LEU C 336 -12.52 3.43 -36.14
CA LEU C 336 -11.49 2.57 -36.80
C LEU C 336 -10.19 3.35 -36.99
N LYS C 337 -10.28 4.56 -37.54
CA LYS C 337 -9.14 5.52 -37.66
C LYS C 337 -8.63 5.90 -36.26
N PHE C 338 -9.54 6.18 -35.31
CA PHE C 338 -9.19 6.49 -33.89
C PHE C 338 -8.46 5.31 -33.24
N ASP C 339 -8.94 4.08 -33.50
CA ASP C 339 -8.43 2.82 -32.86
C ASP C 339 -7.01 2.50 -33.38
N LYS C 340 -6.72 2.67 -34.69
CA LYS C 340 -5.35 2.52 -35.28
C LYS C 340 -4.39 3.61 -34.78
N LEU C 341 -4.85 4.86 -34.59
CA LEU C 341 -4.03 6.02 -34.12
C LEU C 341 -3.66 5.79 -32.65
N TYR C 342 -4.65 5.43 -31.82
CA TYR C 342 -4.47 5.13 -30.37
C TYR C 342 -3.49 3.96 -30.21
N LYS C 343 -3.70 2.87 -30.96
CA LYS C 343 -2.82 1.68 -31.03
C LYS C 343 -1.39 2.13 -31.35
N MET C 344 -1.23 2.92 -32.42
CA MET C 344 0.09 3.37 -32.91
C MET C 344 0.77 4.23 -31.84
N LEU C 345 0.02 5.15 -31.21
CA LEU C 345 0.53 6.10 -30.18
C LEU C 345 0.86 5.36 -28.89
N THR C 346 0.02 4.42 -28.47
CA THR C 346 0.08 3.73 -27.14
C THR C 346 0.86 2.41 -27.15
N GLU C 347 0.73 1.55 -28.15
CA GLU C 347 1.35 0.19 -28.10
C GLU C 347 2.24 -0.14 -29.31
N ILE C 348 2.30 0.68 -30.35
CA ILE C 348 3.28 0.54 -31.47
C ILE C 348 4.53 1.38 -31.16
N TYR C 349 4.33 2.54 -30.50
CA TYR C 349 5.38 3.51 -30.09
C TYR C 349 5.80 3.20 -28.64
N THR C 350 6.90 2.49 -28.47
CA THR C 350 7.34 1.93 -27.16
C THR C 350 8.88 1.79 -27.13
N GLU C 351 9.50 1.97 -25.98
CA GLU C 351 10.97 1.82 -25.84
C GLU C 351 11.41 0.51 -26.48
N ASP C 352 10.65 -0.56 -26.20
CA ASP C 352 10.95 -1.97 -26.53
C ASP C 352 11.00 -2.13 -28.05
N ASN C 353 9.90 -1.75 -28.74
CA ASN C 353 9.77 -1.72 -30.22
C ASN C 353 10.89 -0.85 -30.84
N PHE C 354 11.40 0.17 -30.15
CA PHE C 354 12.49 1.04 -30.70
C PHE C 354 13.81 0.28 -30.68
N VAL C 355 14.08 -0.53 -29.64
CA VAL C 355 15.35 -1.31 -29.45
C VAL C 355 15.40 -2.44 -30.50
N LYS C 356 14.24 -2.93 -30.95
CA LYS C 356 14.12 -3.89 -32.07
C LYS C 356 14.74 -3.24 -33.31
N PHE C 357 14.11 -2.15 -33.77
CA PHE C 357 14.48 -1.30 -34.93
C PHE C 357 15.96 -0.87 -34.85
N PHE C 358 16.44 -0.45 -33.66
CA PHE C 358 17.78 0.17 -33.48
C PHE C 358 18.88 -0.90 -33.44
N LYS C 359 18.47 -2.18 -33.35
CA LYS C 359 19.36 -3.35 -33.13
C LYS C 359 20.38 -2.99 -32.06
N VAL C 360 19.88 -2.64 -30.87
CA VAL C 360 20.73 -2.26 -29.69
C VAL C 360 20.37 -3.17 -28.51
N LEU C 361 21.10 -2.98 -27.42
CA LEU C 361 20.83 -3.63 -26.12
C LEU C 361 20.37 -2.57 -25.11
N ASN C 362 19.35 -2.93 -24.35
CA ASN C 362 18.58 -2.03 -23.48
C ASN C 362 18.01 -2.87 -22.35
N ARG C 363 18.04 -2.37 -21.12
CA ARG C 363 17.27 -2.94 -19.99
C ARG C 363 15.99 -3.56 -20.56
N LYS C 364 15.68 -4.81 -20.20
CA LYS C 364 14.56 -5.62 -20.79
C LYS C 364 13.25 -5.26 -20.08
N THR C 365 13.34 -4.33 -19.11
CA THR C 365 12.25 -3.98 -18.16
C THR C 365 12.70 -2.71 -17.42
N TYR C 366 11.76 -2.02 -16.77
CA TYR C 366 11.90 -0.63 -16.26
C TYR C 366 12.41 -0.61 -14.81
N LEU C 367 13.27 -1.56 -14.39
CA LEU C 367 13.72 -1.73 -12.97
C LEU C 367 15.12 -2.35 -12.91
N ASN C 368 15.91 -2.08 -13.94
CA ASN C 368 17.35 -2.41 -14.02
C ASN C 368 18.12 -1.20 -13.49
N PHE C 369 18.34 -1.15 -12.17
CA PHE C 369 18.96 0.01 -11.47
C PHE C 369 20.22 0.44 -12.22
N ASP C 370 20.03 1.27 -13.25
CA ASP C 370 21.15 1.95 -13.95
C ASP C 370 22.16 2.30 -12.85
N LYS C 371 23.27 1.54 -12.75
CA LYS C 371 24.23 1.63 -11.62
C LYS C 371 25.38 2.60 -11.96
N ALA C 372 25.25 3.39 -13.02
CA ALA C 372 26.30 4.37 -13.41
C ALA C 372 25.77 5.35 -14.46
N VAL C 373 26.17 6.62 -14.34
CA VAL C 373 26.07 7.65 -15.43
C VAL C 373 27.46 7.85 -16.02
N PHE C 374 27.57 7.74 -17.34
CA PHE C 374 28.83 7.84 -18.15
C PHE C 374 28.83 9.13 -18.97
N LYS C 375 29.98 9.80 -19.03
CA LYS C 375 30.28 10.91 -19.98
C LYS C 375 30.34 10.31 -21.38
N ILE C 376 29.84 11.04 -22.39
CA ILE C 376 29.88 10.59 -23.82
C ILE C 376 30.07 11.79 -24.77
N ASN C 377 30.38 11.49 -26.02
CA ASN C 377 30.36 12.44 -27.15
C ASN C 377 29.99 11.65 -28.43
N ILE C 378 28.71 11.66 -28.78
CA ILE C 378 28.10 10.88 -29.88
C ILE C 378 28.20 11.64 -31.20
N VAL C 379 28.78 12.85 -31.18
CA VAL C 379 28.78 13.84 -32.30
C VAL C 379 29.74 13.36 -33.40
N PRO C 380 30.98 12.94 -33.06
CA PRO C 380 31.88 12.31 -34.02
C PRO C 380 31.33 11.00 -34.61
N LYS C 381 31.48 10.84 -35.93
CA LYS C 381 31.00 9.63 -36.68
C LYS C 381 31.96 8.46 -36.46
N VAL C 382 33.05 8.65 -35.71
CA VAL C 382 34.01 7.58 -35.26
C VAL C 382 33.57 7.07 -33.88
N ASN C 383 32.87 7.90 -33.10
CA ASN C 383 32.35 7.59 -31.75
C ASN C 383 30.99 6.88 -31.88
N TYR C 384 30.05 7.44 -32.66
CA TYR C 384 28.63 7.01 -32.75
C TYR C 384 27.99 7.64 -34.01
N THR C 385 27.07 6.92 -34.69
CA THR C 385 26.49 7.28 -36.01
C THR C 385 24.96 6.99 -36.05
N ILE C 386 24.27 7.75 -36.88
CA ILE C 386 22.81 7.64 -37.14
C ILE C 386 22.43 6.16 -37.21
N TYR C 387 23.18 5.36 -37.96
CA TYR C 387 22.69 4.07 -38.51
C TYR C 387 22.93 2.92 -37.53
N ASP C 388 24.06 2.91 -36.80
CA ASP C 388 24.46 1.78 -35.92
C ASP C 388 24.67 2.23 -34.47
N GLY C 389 24.41 3.49 -34.17
CA GLY C 389 24.76 4.15 -32.88
C GLY C 389 26.22 3.94 -32.57
N PHE C 390 26.51 3.54 -31.33
CA PHE C 390 27.86 3.16 -30.83
C PHE C 390 28.38 1.91 -31.53
N ASN C 391 27.47 0.98 -31.89
CA ASN C 391 27.79 -0.39 -32.38
C ASN C 391 28.21 -0.32 -33.84
N LEU C 392 29.36 0.31 -34.10
CA LEU C 392 29.85 0.70 -35.45
C LEU C 392 30.09 -0.53 -36.31
N ARG C 393 29.49 -0.54 -37.50
CA ARG C 393 29.71 -1.54 -38.58
C ARG C 393 31.17 -1.45 -39.05
N ASN C 394 31.66 -2.57 -39.62
CA ASN C 394 33.04 -2.77 -40.11
C ASN C 394 34.04 -2.56 -38.95
N THR C 395 33.61 -2.74 -37.70
CA THR C 395 34.48 -2.67 -36.48
C THR C 395 34.25 -3.91 -35.61
N ASN C 396 35.00 -4.00 -34.49
CA ASN C 396 34.84 -5.01 -33.40
C ASN C 396 33.49 -4.79 -32.68
N LEU C 397 32.98 -3.55 -32.69
CA LEU C 397 31.82 -3.07 -31.87
C LEU C 397 30.47 -3.59 -32.41
N ALA C 398 30.40 -4.05 -33.67
CA ALA C 398 29.14 -4.39 -34.39
C ALA C 398 28.48 -5.68 -33.89
N ALA C 399 29.15 -6.44 -33.00
CA ALA C 399 28.57 -7.72 -32.53
C ALA C 399 28.44 -7.71 -31.00
N ASN C 400 27.52 -8.53 -30.47
CA ASN C 400 27.25 -8.64 -29.00
C ASN C 400 27.14 -7.22 -28.43
N PHE C 401 26.80 -6.26 -29.30
CA PHE C 401 26.74 -4.82 -28.96
C PHE C 401 28.00 -4.42 -28.18
N ASN C 402 29.18 -4.70 -28.74
CA ASN C 402 30.50 -4.44 -28.08
C ASN C 402 30.79 -2.93 -28.06
N GLY C 403 30.15 -2.17 -28.94
CA GLY C 403 30.16 -0.69 -28.95
C GLY C 403 29.52 -0.10 -27.71
N GLN C 404 28.51 -0.78 -27.17
CA GLN C 404 27.72 -0.40 -25.97
C GLN C 404 28.45 -0.87 -24.70
N ASN C 405 29.36 -1.84 -24.79
CA ASN C 405 30.12 -2.39 -23.64
C ASN C 405 31.04 -1.27 -23.14
N THR C 406 30.99 -0.98 -21.84
CA THR C 406 31.73 0.11 -21.15
C THR C 406 33.22 -0.28 -21.00
N GLU C 407 33.54 -1.58 -20.99
CA GLU C 407 34.93 -2.14 -20.85
C GLU C 407 35.63 -2.05 -22.22
N ILE C 408 35.06 -2.73 -23.21
CA ILE C 408 35.64 -2.94 -24.57
C ILE C 408 35.92 -1.55 -25.20
N ASN C 409 34.92 -0.66 -25.13
CA ASN C 409 34.91 0.72 -25.69
C ASN C 409 35.01 1.71 -24.52
N ASN C 410 36.12 1.71 -23.78
CA ASN C 410 36.33 2.53 -22.55
C ASN C 410 36.45 4.02 -22.90
N MET C 411 36.89 4.36 -24.11
CA MET C 411 37.09 5.76 -24.57
C MET C 411 35.74 6.50 -24.52
N ASN C 412 34.71 5.85 -25.08
CA ASN C 412 33.35 6.43 -25.34
C ASN C 412 32.48 6.39 -24.07
N PHE C 413 32.94 5.73 -23.00
CA PHE C 413 32.19 5.56 -21.73
C PHE C 413 33.17 5.75 -20.55
N THR C 414 33.12 6.93 -19.90
CA THR C 414 33.98 7.30 -18.74
C THR C 414 33.08 7.47 -17.52
N LYS C 415 33.01 6.46 -16.65
CA LYS C 415 32.12 6.44 -15.46
C LYS C 415 32.39 7.70 -14.64
N LEU C 416 31.38 8.25 -13.98
CA LEU C 416 31.44 9.55 -13.26
C LEU C 416 31.03 9.37 -11.79
N LYS C 417 31.84 9.90 -10.87
CA LYS C 417 31.60 9.94 -9.40
C LYS C 417 30.72 8.77 -8.99
N PHE D 3 18.43 -42.82 -14.15
CA PHE D 3 18.21 -42.23 -12.78
C PHE D 3 17.17 -43.05 -12.02
N VAL D 4 16.20 -43.58 -12.77
CA VAL D 4 15.28 -44.68 -12.36
C VAL D 4 15.67 -45.96 -13.15
N ASN D 5 16.46 -46.85 -12.51
CA ASN D 5 17.12 -48.03 -13.13
C ASN D 5 16.05 -48.96 -13.73
N LYS D 6 15.03 -49.32 -12.93
CA LYS D 6 13.96 -50.27 -13.35
C LYS D 6 12.69 -49.50 -13.70
N GLN D 7 11.95 -49.95 -14.72
CA GLN D 7 10.63 -49.39 -15.10
C GLN D 7 9.60 -49.97 -14.12
N PHE D 8 8.82 -49.08 -13.50
CA PHE D 8 7.76 -49.39 -12.51
C PHE D 8 6.39 -49.29 -13.19
N ASN D 9 5.49 -50.21 -12.83
CA ASN D 9 4.02 -50.11 -13.08
C ASN D 9 3.37 -50.01 -11.68
N TYR D 10 2.15 -49.44 -11.57
CA TYR D 10 1.45 -49.18 -10.29
C TYR D 10 0.80 -50.46 -9.75
N LYS D 11 0.39 -51.37 -10.64
CA LYS D 11 -0.08 -52.74 -10.33
C LYS D 11 1.06 -53.51 -9.65
N ASP D 12 2.31 -53.27 -10.05
CA ASP D 12 3.52 -54.04 -9.65
C ASP D 12 3.48 -54.30 -8.15
N PRO D 13 3.81 -55.54 -7.72
CA PRO D 13 3.51 -55.99 -6.36
C PRO D 13 4.47 -55.34 -5.37
N VAL D 14 3.99 -55.00 -4.19
CA VAL D 14 4.86 -54.39 -3.14
C VAL D 14 5.89 -55.43 -2.68
N ASN D 15 7.06 -54.94 -2.26
CA ASN D 15 8.24 -55.73 -1.79
C ASN D 15 8.81 -55.12 -0.51
N GLY D 16 8.26 -54.00 -0.03
CA GLY D 16 8.67 -53.30 1.20
C GLY D 16 10.07 -52.71 1.10
N VAL D 17 10.64 -52.61 -0.11
CA VAL D 17 12.02 -52.10 -0.38
C VAL D 17 11.91 -50.84 -1.24
N ASP D 18 11.26 -50.94 -2.42
CA ASP D 18 11.12 -49.82 -3.41
C ASP D 18 9.69 -49.72 -3.98
N ILE D 19 8.80 -50.66 -3.64
CA ILE D 19 7.32 -50.55 -3.87
C ILE D 19 6.63 -50.95 -2.56
N ALA D 20 6.01 -50.00 -1.88
CA ALA D 20 5.57 -50.18 -0.49
C ALA D 20 4.36 -49.30 -0.24
N TYR D 21 3.46 -49.76 0.62
CA TYR D 21 2.50 -48.90 1.35
C TYR D 21 3.28 -48.19 2.46
N ILE D 22 3.09 -46.88 2.56
CA ILE D 22 3.96 -45.97 3.34
C ILE D 22 3.08 -45.02 4.14
N LYS D 23 3.64 -44.42 5.19
CA LYS D 23 2.94 -43.45 6.06
C LYS D 23 3.78 -42.19 6.13
N ILE D 24 3.26 -41.08 5.61
CA ILE D 24 3.99 -39.77 5.63
C ILE D 24 3.83 -39.15 7.02
N PRO D 25 4.78 -38.32 7.49
CA PRO D 25 4.69 -37.68 8.80
C PRO D 25 3.34 -36.98 9.01
N ASN D 26 2.43 -37.63 9.75
CA ASN D 26 1.08 -37.05 10.02
C ASN D 26 0.69 -37.32 11.48
N VAL D 27 1.13 -36.46 12.39
CA VAL D 27 1.96 -35.26 12.02
C VAL D 27 3.36 -35.43 12.62
N MET D 30 -5.36 -41.82 9.73
CA MET D 30 -4.44 -41.80 8.57
C MET D 30 -4.25 -43.23 8.03
N GLN D 31 -4.23 -43.38 6.70
CA GLN D 31 -4.16 -44.69 5.99
C GLN D 31 -2.93 -44.73 5.08
N PRO D 32 -2.34 -45.93 4.87
CA PRO D 32 -1.16 -46.09 4.02
C PRO D 32 -1.44 -45.99 2.52
N VAL D 33 -0.44 -45.54 1.73
CA VAL D 33 -0.54 -45.34 0.25
C VAL D 33 0.64 -46.02 -0.46
N LYS D 34 0.36 -46.56 -1.65
CA LYS D 34 1.39 -47.15 -2.56
C LYS D 34 2.31 -46.03 -3.07
N ALA D 35 3.60 -46.21 -2.83
CA ALA D 35 4.68 -45.26 -3.17
C ALA D 35 5.83 -46.04 -3.78
N PHE D 36 6.51 -45.44 -4.74
CA PHE D 36 7.58 -46.08 -5.56
C PHE D 36 8.87 -45.31 -5.35
N LYS D 37 9.96 -46.01 -5.05
CA LYS D 37 11.31 -45.45 -4.78
C LYS D 37 12.14 -45.58 -6.06
N ILE D 38 12.13 -44.51 -6.88
CA ILE D 38 12.65 -44.42 -8.27
C ILE D 38 14.17 -44.17 -8.24
N HIS D 39 14.75 -44.06 -7.05
CA HIS D 39 16.19 -43.71 -6.84
C HIS D 39 16.44 -43.57 -5.33
N ASN D 40 17.67 -43.80 -4.88
CA ASN D 40 18.09 -43.46 -3.50
C ASN D 40 17.41 -42.13 -3.15
N LYS D 41 16.68 -42.11 -2.03
CA LYS D 41 16.24 -40.90 -1.30
C LYS D 41 15.06 -40.19 -2.01
N ILE D 42 14.54 -40.76 -3.10
CA ILE D 42 13.43 -40.18 -3.91
C ILE D 42 12.34 -41.23 -4.11
N TRP D 43 11.20 -40.98 -3.45
CA TRP D 43 9.93 -41.74 -3.54
C TRP D 43 8.93 -40.93 -4.36
N VAL D 44 7.99 -41.63 -5.00
CA VAL D 44 6.88 -41.04 -5.80
C VAL D 44 5.56 -41.64 -5.32
N ILE D 45 4.70 -40.81 -4.74
CA ILE D 45 3.32 -41.19 -4.35
C ILE D 45 2.38 -40.76 -5.46
N PRO D 46 1.87 -41.71 -6.27
CA PRO D 46 0.82 -41.41 -7.25
C PRO D 46 -0.56 -41.19 -6.61
N GLU D 47 -0.65 -40.36 -5.57
CA GLU D 47 -1.97 -40.01 -4.96
C GLU D 47 -2.10 -38.49 -4.85
N ARG D 48 -3.33 -38.00 -4.75
CA ARG D 48 -3.65 -36.59 -4.42
C ARG D 48 -3.23 -36.32 -2.97
N ASP D 49 -2.62 -35.15 -2.71
CA ASP D 49 -2.07 -34.75 -1.39
C ASP D 49 -3.20 -34.36 -0.43
N THR D 50 -3.72 -35.35 0.28
CA THR D 50 -4.72 -35.25 1.37
C THR D 50 -4.04 -35.51 2.74
N PHE D 51 -2.71 -35.38 2.83
CA PHE D 51 -1.84 -36.04 3.87
C PHE D 51 -0.95 -35.04 4.62
N THR D 52 -0.24 -34.15 3.91
CA THR D 52 0.78 -33.21 4.46
C THR D 52 0.16 -32.17 5.40
N ASN D 53 -1.12 -31.77 5.17
CA ASN D 53 -1.85 -30.67 5.89
C ASN D 53 -3.20 -31.21 6.40
N PRO D 54 -3.40 -31.31 7.74
CA PRO D 54 -4.63 -31.84 8.33
C PRO D 54 -5.96 -31.49 7.63
N GLU D 55 -6.55 -32.47 6.94
CA GLU D 55 -7.91 -32.45 6.32
C GLU D 55 -8.05 -31.30 5.31
N GLU D 56 -6.93 -30.83 4.74
CA GLU D 56 -6.87 -30.14 3.42
C GLU D 56 -7.11 -31.22 2.36
N GLY D 57 -8.17 -32.04 2.57
CA GLY D 57 -8.46 -33.30 1.86
C GLY D 57 -9.91 -33.46 1.40
N ASP D 58 -10.80 -32.51 1.78
CA ASP D 58 -12.17 -32.37 1.22
C ASP D 58 -12.08 -32.41 -0.31
N LEU D 59 -10.96 -31.91 -0.87
CA LEU D 59 -10.52 -32.17 -2.26
C LEU D 59 -11.64 -31.75 -3.23
N ASN D 60 -12.51 -30.82 -2.82
CA ASN D 60 -13.68 -30.34 -3.61
C ASN D 60 -13.71 -28.81 -3.55
N PRO D 61 -14.14 -28.14 -4.65
CA PRO D 61 -13.91 -26.70 -4.84
C PRO D 61 -14.26 -25.75 -3.69
N PRO D 62 -13.55 -24.60 -3.57
CA PRO D 62 -13.82 -23.62 -2.51
C PRO D 62 -15.10 -22.83 -2.73
N PRO D 63 -15.44 -21.92 -1.79
CA PRO D 63 -16.64 -21.08 -1.94
C PRO D 63 -16.68 -20.39 -3.31
N GLU D 64 -15.63 -19.62 -3.61
CA GLU D 64 -15.39 -18.98 -4.94
C GLU D 64 -13.90 -19.09 -5.30
N ALA D 65 -13.59 -19.87 -6.35
CA ALA D 65 -12.22 -20.16 -6.84
C ALA D 65 -11.75 -19.08 -7.80
N LYS D 66 -10.47 -19.10 -8.15
CA LYS D 66 -9.84 -18.15 -9.10
C LYS D 66 -10.17 -18.60 -10.53
N GLN D 67 -10.75 -19.80 -10.67
CA GLN D 67 -11.18 -20.39 -11.96
C GLN D 67 -10.01 -20.41 -12.95
N VAL D 68 -10.29 -20.06 -14.21
CA VAL D 68 -9.24 -20.05 -15.27
C VAL D 68 -8.72 -18.61 -15.44
N PRO D 69 -7.43 -18.43 -15.78
CA PRO D 69 -6.45 -19.51 -15.73
C PRO D 69 -5.56 -19.43 -14.48
N VAL D 70 -6.15 -19.61 -13.29
CA VAL D 70 -5.34 -19.55 -12.05
C VAL D 70 -5.71 -20.72 -11.14
N SER D 71 -6.71 -21.51 -11.53
CA SER D 71 -7.14 -22.65 -10.68
C SER D 71 -7.94 -23.68 -11.47
N TYR D 72 -7.76 -24.95 -11.12
CA TYR D 72 -8.47 -26.14 -11.69
C TYR D 72 -8.79 -27.12 -10.55
N TYR D 73 -9.97 -27.75 -10.61
CA TYR D 73 -10.58 -28.55 -9.50
C TYR D 73 -11.43 -29.70 -10.06
N ASP D 74 -10.76 -30.80 -10.44
CA ASP D 74 -11.41 -32.12 -10.69
C ASP D 74 -11.19 -33.02 -9.46
N SER D 75 -12.27 -33.41 -8.78
CA SER D 75 -12.25 -34.20 -7.51
C SER D 75 -11.79 -35.64 -7.78
N THR D 76 -11.77 -36.01 -9.07
CA THR D 76 -11.65 -37.40 -9.61
C THR D 76 -10.27 -37.67 -10.19
N TYR D 77 -9.48 -36.63 -10.50
CA TYR D 77 -8.11 -36.79 -11.06
C TYR D 77 -7.26 -37.61 -10.08
N LEU D 78 -6.51 -38.59 -10.60
CA LEU D 78 -5.58 -39.44 -9.82
C LEU D 78 -6.38 -40.28 -8.78
N SER D 79 -7.53 -40.82 -9.22
CA SER D 79 -8.37 -41.81 -8.50
C SER D 79 -8.12 -43.22 -9.08
N THR D 80 -8.15 -43.33 -10.42
CA THR D 80 -7.98 -44.59 -11.20
C THR D 80 -6.49 -45.01 -11.20
N ASP D 81 -6.25 -46.32 -11.08
CA ASP D 81 -4.92 -47.00 -11.20
C ASP D 81 -4.27 -46.63 -12.55
N ASN D 82 -5.08 -46.63 -13.63
CA ASN D 82 -4.68 -46.33 -15.02
C ASN D 82 -4.06 -44.92 -15.09
N GLU D 83 -4.62 -43.94 -14.35
CA GLU D 83 -4.08 -42.56 -14.21
C GLU D 83 -2.81 -42.57 -13.33
N LYS D 84 -2.84 -43.28 -12.19
CA LYS D 84 -1.71 -43.35 -11.22
C LYS D 84 -0.49 -43.97 -11.91
N ASP D 85 -0.70 -44.96 -12.78
CA ASP D 85 0.39 -45.62 -13.56
C ASP D 85 0.93 -44.63 -14.59
N ASN D 86 0.02 -43.93 -15.29
CA ASN D 86 0.36 -42.84 -16.24
C ASN D 86 1.11 -41.73 -15.51
N TYR D 87 0.77 -41.45 -14.25
CA TYR D 87 1.40 -40.39 -13.43
C TYR D 87 2.85 -40.74 -13.14
N LEU D 88 3.10 -41.96 -12.65
CA LEU D 88 4.42 -42.46 -12.22
C LEU D 88 5.35 -42.55 -13.43
N LYS D 89 4.83 -43.09 -14.54
CA LYS D 89 5.46 -43.05 -15.89
C LYS D 89 5.71 -41.60 -16.30
N GLY D 90 4.75 -40.70 -16.06
CA GLY D 90 4.89 -39.25 -16.28
C GLY D 90 6.07 -38.67 -15.53
N VAL D 91 6.06 -38.80 -14.20
CA VAL D 91 7.01 -38.17 -13.25
C VAL D 91 8.39 -38.80 -13.48
N THR D 92 8.41 -40.09 -13.80
CA THR D 92 9.65 -40.84 -14.11
C THR D 92 10.27 -40.25 -15.38
N LYS D 93 9.47 -39.96 -16.40
CA LYS D 93 9.93 -39.41 -17.72
C LYS D 93 10.61 -38.04 -17.55
N LEU D 94 9.97 -37.13 -16.82
CA LEU D 94 10.47 -35.75 -16.56
C LEU D 94 11.78 -35.79 -15.78
N PHE D 95 11.97 -36.73 -14.84
CA PHE D 95 13.22 -36.87 -14.04
C PHE D 95 14.39 -37.23 -14.96
N GLU D 96 14.17 -38.17 -15.91
CA GLU D 96 15.20 -38.67 -16.87
C GLU D 96 15.53 -37.51 -17.82
N ARG D 97 14.49 -36.84 -18.33
CA ARG D 97 14.60 -35.59 -19.16
C ARG D 97 15.51 -34.58 -18.44
N ILE D 98 15.26 -34.37 -17.16
CA ILE D 98 16.06 -33.49 -16.27
C ILE D 98 17.47 -34.11 -16.15
N TYR D 99 17.57 -35.44 -16.00
CA TYR D 99 18.86 -36.17 -15.80
C TYR D 99 19.73 -36.12 -17.08
N SER D 100 19.14 -36.16 -18.28
CA SER D 100 19.83 -36.09 -19.61
C SER D 100 20.71 -34.83 -19.72
N THR D 101 20.26 -33.71 -19.14
CA THR D 101 21.02 -32.44 -19.03
C THR D 101 22.12 -32.60 -17.99
N ASP D 102 23.32 -32.11 -18.29
CA ASP D 102 24.46 -32.04 -17.35
C ASP D 102 24.06 -31.27 -16.08
N LEU D 103 23.12 -30.32 -16.20
CA LEU D 103 22.69 -29.41 -15.08
C LEU D 103 21.68 -30.15 -14.18
N GLY D 104 20.65 -30.77 -14.77
CA GLY D 104 19.68 -31.61 -14.04
C GLY D 104 20.32 -32.80 -13.35
N ARG D 105 21.35 -33.39 -13.96
CA ARG D 105 22.10 -34.56 -13.40
C ARG D 105 22.90 -34.15 -12.17
N MET D 106 23.56 -32.98 -12.22
CA MET D 106 24.27 -32.35 -11.06
C MET D 106 23.26 -31.97 -9.97
N LEU D 107 22.05 -31.52 -10.33
CA LEU D 107 20.98 -31.04 -9.42
C LEU D 107 20.44 -32.22 -8.61
N LEU D 108 19.92 -33.27 -9.26
CA LEU D 108 19.42 -34.51 -8.61
C LEU D 108 20.54 -35.13 -7.78
N THR D 109 21.79 -35.09 -8.27
CA THR D 109 23.00 -35.53 -7.53
C THR D 109 23.15 -34.65 -6.28
N SER D 110 22.77 -33.37 -6.36
CA SER D 110 22.84 -32.39 -5.23
C SER D 110 21.71 -32.69 -4.24
N ILE D 111 20.54 -33.08 -4.75
CA ILE D 111 19.31 -33.44 -3.99
C ILE D 111 19.49 -34.79 -3.28
N VAL D 112 20.01 -35.81 -3.97
CA VAL D 112 20.17 -37.20 -3.43
C VAL D 112 21.19 -37.17 -2.29
N ARG D 113 22.29 -36.43 -2.49
CA ARG D 113 23.42 -36.30 -1.52
C ARG D 113 23.04 -35.41 -0.34
N GLY D 114 21.91 -34.67 -0.39
CA GLY D 114 21.53 -33.62 0.57
C GLY D 114 20.65 -34.17 1.69
N ILE D 115 21.22 -35.05 2.51
CA ILE D 115 20.50 -35.79 3.59
C ILE D 115 20.12 -34.74 4.62
N PRO D 116 18.82 -34.59 4.96
CA PRO D 116 18.41 -33.78 6.10
C PRO D 116 19.22 -34.12 7.36
N PHE D 117 19.68 -33.10 8.05
CA PHE D 117 20.66 -33.23 9.16
C PHE D 117 19.94 -33.85 10.35
N TRP D 118 20.72 -34.64 11.11
CA TRP D 118 20.32 -35.42 12.32
C TRP D 118 20.43 -34.52 13.55
N GLY D 119 19.58 -33.48 13.63
CA GLY D 119 19.59 -32.45 14.68
C GLY D 119 18.37 -32.56 15.58
N GLY D 120 18.03 -33.79 15.97
CA GLY D 120 16.74 -34.14 16.59
C GLY D 120 16.81 -34.35 18.10
N SER D 121 17.98 -34.26 18.71
CA SER D 121 18.16 -34.50 20.18
C SER D 121 18.32 -33.17 20.92
N THR D 122 17.65 -33.09 22.08
CA THR D 122 17.72 -32.02 23.09
C THR D 122 19.15 -31.91 23.63
N ILE D 123 19.92 -33.01 23.62
CA ILE D 123 21.33 -33.06 24.16
C ILE D 123 22.31 -32.88 22.98
N ASP D 124 23.34 -32.03 23.18
CA ASP D 124 24.11 -31.30 22.13
C ASP D 124 25.32 -32.12 21.68
N THR D 125 25.50 -33.32 22.23
CA THR D 125 26.64 -34.25 21.95
C THR D 125 26.12 -35.46 21.15
N GLU D 126 24.83 -35.45 20.78
CA GLU D 126 24.06 -36.62 20.27
C GLU D 126 23.50 -36.32 18.88
N LEU D 127 23.96 -37.04 17.87
CA LEU D 127 23.29 -37.08 16.53
C LEU D 127 22.03 -37.94 16.67
N LYS D 128 20.89 -37.42 16.22
CA LYS D 128 19.57 -38.10 16.28
C LYS D 128 18.73 -37.63 15.11
N VAL D 129 18.09 -38.57 14.42
CA VAL D 129 17.24 -38.29 13.23
C VAL D 129 16.07 -37.44 13.70
N ILE D 130 15.53 -36.62 12.80
CA ILE D 130 14.24 -35.89 12.99
C ILE D 130 13.21 -36.73 12.23
N ASP D 131 12.31 -37.34 12.97
CA ASP D 131 11.32 -38.29 12.43
C ASP D 131 10.56 -37.64 11.27
N THR D 132 10.50 -36.30 11.18
CA THR D 132 9.73 -35.59 10.11
C THR D 132 10.44 -35.76 8.77
N ASN D 133 11.74 -36.08 8.81
CA ASN D 133 12.59 -36.35 7.62
C ASN D 133 12.56 -37.86 7.29
N CYS D 134 11.55 -38.57 7.75
CA CYS D 134 11.41 -40.04 7.58
C CYS D 134 9.99 -40.38 7.11
N ILE D 135 9.84 -41.51 6.43
CA ILE D 135 8.53 -42.12 6.15
C ILE D 135 8.54 -43.49 6.85
N ASN D 136 7.35 -44.03 7.12
CA ASN D 136 7.16 -45.36 7.74
C ASN D 136 6.71 -46.32 6.63
N VAL D 137 7.65 -47.12 6.14
CA VAL D 137 7.40 -48.18 5.12
C VAL D 137 6.82 -49.39 5.86
N ILE D 138 5.65 -49.83 5.42
CA ILE D 138 4.93 -51.00 6.01
C ILE D 138 5.69 -52.27 5.62
N GLN D 139 5.81 -53.18 6.58
CA GLN D 139 6.50 -54.47 6.41
C GLN D 139 5.45 -55.57 6.51
N PRO D 140 5.80 -56.81 6.09
CA PRO D 140 4.86 -57.93 6.01
C PRO D 140 3.87 -58.10 7.18
N ASP D 141 4.31 -57.88 8.42
CA ASP D 141 3.54 -58.14 9.67
C ASP D 141 2.71 -56.91 10.06
N GLY D 142 2.55 -55.94 9.14
CA GLY D 142 1.72 -54.74 9.32
C GLY D 142 2.46 -53.63 10.07
N SER D 143 3.61 -53.97 10.65
CA SER D 143 4.50 -53.03 11.40
C SER D 143 5.17 -52.08 10.40
N TYR D 144 5.75 -50.98 10.92
CA TYR D 144 6.31 -49.86 10.14
C TYR D 144 7.81 -49.72 10.45
N ARG D 145 8.61 -49.38 9.42
CA ARG D 145 10.10 -49.27 9.52
C ARG D 145 10.56 -47.92 8.96
N SER D 146 10.74 -46.94 9.85
CA SER D 146 11.34 -45.60 9.55
C SER D 146 12.37 -45.76 8.42
N GLU D 147 12.14 -45.07 7.29
CA GLU D 147 13.18 -44.85 6.24
C GLU D 147 13.42 -43.35 6.05
N GLU D 148 14.68 -42.95 6.01
CA GLU D 148 15.15 -41.56 5.68
C GLU D 148 15.00 -41.31 4.17
N LEU D 149 14.45 -40.15 3.82
CA LEU D 149 14.31 -39.73 2.40
C LEU D 149 14.44 -38.21 2.27
N ASN D 150 15.07 -37.78 1.18
CA ASN D 150 15.27 -36.36 0.80
C ASN D 150 13.98 -35.82 0.14
N LEU D 151 13.23 -36.61 -0.62
CA LEU D 151 12.35 -36.03 -1.65
C LEU D 151 11.19 -36.96 -2.03
N VAL D 152 9.97 -36.42 -1.99
CA VAL D 152 8.71 -37.13 -2.30
C VAL D 152 8.02 -36.31 -3.36
N ILE D 153 7.70 -36.91 -4.49
CA ILE D 153 6.81 -36.29 -5.50
C ILE D 153 5.44 -36.92 -5.24
N ILE D 154 4.54 -36.13 -4.67
CA ILE D 154 3.11 -36.51 -4.46
C ILE D 154 2.30 -35.65 -5.43
N GLY D 155 1.08 -36.09 -5.75
CA GLY D 155 0.16 -35.38 -6.66
C GLY D 155 -0.50 -34.17 -6.00
N PRO D 156 -1.16 -33.30 -6.77
CA PRO D 156 -1.76 -32.09 -6.22
C PRO D 156 -2.87 -32.41 -5.22
N SER D 157 -3.14 -31.45 -4.33
CA SER D 157 -4.36 -31.36 -3.49
C SER D 157 -5.47 -30.76 -4.35
N ALA D 158 -6.48 -30.13 -3.74
CA ALA D 158 -7.71 -29.65 -4.42
C ALA D 158 -7.33 -28.90 -5.70
N ASP D 159 -6.67 -27.74 -5.58
CA ASP D 159 -6.15 -26.99 -6.75
C ASP D 159 -5.09 -27.88 -7.39
N ILE D 160 -5.37 -28.35 -8.61
CA ILE D 160 -4.55 -29.36 -9.33
C ILE D 160 -3.28 -28.69 -9.88
N ILE D 161 -3.33 -27.39 -10.18
CA ILE D 161 -2.19 -26.64 -10.78
C ILE D 161 -1.41 -25.90 -9.70
N GLN D 162 -1.87 -25.92 -8.44
CA GLN D 162 -1.14 -25.32 -7.29
C GLN D 162 0.03 -26.23 -6.92
N PHE D 163 1.10 -26.19 -7.73
CA PHE D 163 2.37 -26.93 -7.53
C PHE D 163 3.26 -26.13 -6.57
N GLU D 164 3.88 -26.84 -5.63
CA GLU D 164 4.74 -26.24 -4.56
C GLU D 164 5.62 -27.32 -3.91
N CYS D 165 6.65 -26.87 -3.21
CA CYS D 165 7.67 -27.66 -2.46
C CYS D 165 7.63 -27.22 -0.98
N LYS D 166 6.91 -28.01 -0.17
CA LYS D 166 6.71 -27.78 1.29
C LYS D 166 7.48 -28.83 2.10
N SER D 167 7.53 -28.62 3.41
CA SER D 167 8.24 -29.49 4.37
C SER D 167 7.63 -29.33 5.77
N PHE D 168 7.58 -30.42 6.51
CA PHE D 168 7.27 -30.44 7.96
C PHE D 168 8.36 -29.64 8.69
N GLY D 169 7.95 -28.85 9.68
CA GLY D 169 8.84 -27.99 10.47
C GLY D 169 9.13 -28.56 11.84
N HIS D 170 9.66 -27.71 12.71
CA HIS D 170 10.17 -28.01 14.06
C HIS D 170 9.73 -26.92 15.05
N GLU D 171 9.54 -27.31 16.32
CA GLU D 171 9.05 -26.45 17.44
C GLU D 171 9.87 -25.15 17.53
N VAL D 172 11.17 -25.24 17.22
CA VAL D 172 12.22 -24.19 17.42
C VAL D 172 12.98 -23.93 16.11
N LEU D 173 13.17 -24.95 15.28
CA LEU D 173 14.09 -24.97 14.12
C LEU D 173 13.33 -24.69 12.81
N ASN D 174 13.76 -23.67 12.07
CA ASN D 174 13.50 -23.49 10.61
C ASN D 174 14.56 -24.31 9.87
N LEU D 175 14.16 -25.51 9.44
CA LEU D 175 15.07 -26.57 8.96
C LEU D 175 15.52 -26.27 7.53
N THR D 176 14.74 -25.49 6.78
CA THR D 176 15.06 -25.07 5.39
C THR D 176 15.95 -23.82 5.39
N ARG D 177 16.11 -23.15 6.55
CA ARG D 177 16.81 -21.84 6.67
C ARG D 177 17.87 -21.84 7.78
N ASN D 178 18.37 -23.02 8.19
CA ASN D 178 19.44 -23.16 9.22
C ASN D 178 20.48 -24.20 8.78
N GLY D 179 20.62 -24.44 7.48
CA GLY D 179 21.61 -25.37 6.90
C GLY D 179 21.27 -26.85 7.09
N TYR D 180 20.31 -27.19 7.97
CA TYR D 180 20.04 -28.58 8.42
C TYR D 180 19.47 -29.34 7.22
N GLY D 181 18.32 -28.85 6.77
CA GLY D 181 17.56 -29.53 5.72
C GLY D 181 16.38 -30.25 6.32
N SER D 182 15.42 -30.59 5.46
CA SER D 182 14.12 -31.19 5.80
C SER D 182 13.64 -31.95 4.56
N THR D 183 13.02 -33.11 4.77
CA THR D 183 12.51 -33.96 3.66
C THR D 183 11.55 -33.05 2.90
N GLN D 184 11.73 -33.00 1.58
CA GLN D 184 10.96 -32.11 0.69
C GLN D 184 9.83 -32.92 0.04
N TYR D 185 8.62 -32.37 0.06
CA TYR D 185 7.39 -32.89 -0.60
C TYR D 185 6.98 -31.90 -1.69
N ILE D 186 7.00 -32.33 -2.95
CA ILE D 186 6.68 -31.57 -4.19
C ILE D 186 5.28 -31.97 -4.69
N ARG D 187 4.27 -31.14 -4.41
CA ARG D 187 2.94 -31.26 -5.07
C ARG D 187 3.16 -31.02 -6.57
N PHE D 188 2.80 -31.98 -7.41
CA PHE D 188 3.11 -31.94 -8.87
C PHE D 188 2.19 -32.88 -9.67
N SER D 189 1.93 -32.52 -10.93
CA SER D 189 1.24 -33.36 -11.94
C SER D 189 1.86 -33.17 -13.32
N PRO D 190 2.26 -34.26 -14.00
CA PRO D 190 2.70 -34.18 -15.39
C PRO D 190 1.54 -34.33 -16.39
N ASP D 191 0.30 -34.42 -15.92
CA ASP D 191 -0.87 -34.61 -16.83
C ASP D 191 -1.37 -33.27 -17.39
N PHE D 192 -1.01 -32.16 -16.73
CA PHE D 192 -1.45 -30.80 -17.15
C PHE D 192 -0.21 -29.88 -17.27
N THR D 193 -0.37 -28.75 -17.95
CA THR D 193 0.65 -27.64 -18.03
C THR D 193 -0.02 -26.29 -18.33
N PHE D 194 0.70 -25.23 -18.04
CA PHE D 194 0.26 -23.81 -18.13
C PHE D 194 0.65 -23.27 -19.51
N GLY D 195 -0.30 -22.69 -20.23
CA GLY D 195 -0.05 -21.93 -21.47
C GLY D 195 0.28 -20.48 -21.17
N PHE D 196 1.28 -19.92 -21.85
CA PHE D 196 1.71 -18.49 -21.75
C PHE D 196 1.60 -17.87 -23.14
N GLU D 197 2.31 -16.74 -23.37
CA GLU D 197 2.37 -15.99 -24.67
C GLU D 197 3.75 -15.34 -24.79
N GLU D 198 4.30 -15.25 -26.01
CA GLU D 198 5.68 -14.76 -26.29
C GLU D 198 6.71 -15.68 -25.62
N ALA D 210 -5.75 -14.98 -29.50
CA ALA D 210 -4.61 -15.86 -29.82
C ALA D 210 -3.86 -16.27 -28.56
N GLY D 211 -3.82 -17.57 -28.25
CA GLY D 211 -3.06 -18.16 -27.13
C GLY D 211 -1.88 -18.98 -27.64
N LYS D 212 -0.65 -18.43 -27.54
CA LYS D 212 0.55 -18.99 -28.24
C LYS D 212 0.87 -20.37 -27.65
N PHE D 213 1.83 -20.45 -26.73
CA PHE D 213 2.62 -21.67 -26.41
C PHE D 213 2.15 -22.31 -25.08
N ALA D 214 2.94 -23.24 -24.54
CA ALA D 214 2.67 -24.05 -23.32
C ALA D 214 4.00 -24.40 -22.63
N THR D 215 3.98 -24.47 -21.29
CA THR D 215 5.20 -24.72 -20.45
C THR D 215 5.54 -26.22 -20.52
N ASP D 216 6.82 -26.54 -20.77
CA ASP D 216 7.37 -27.92 -20.66
C ASP D 216 7.36 -28.33 -19.19
N PRO D 217 6.53 -29.34 -18.80
CA PRO D 217 6.45 -29.80 -17.42
C PRO D 217 7.80 -30.08 -16.75
N ALA D 218 8.82 -30.44 -17.53
CA ALA D 218 10.21 -30.67 -17.12
C ALA D 218 10.79 -29.39 -16.52
N VAL D 219 10.31 -28.25 -17.00
CA VAL D 219 10.73 -26.90 -16.54
C VAL D 219 10.00 -26.63 -15.23
N THR D 220 8.70 -26.93 -15.21
CA THR D 220 7.83 -26.81 -14.01
C THR D 220 8.34 -27.71 -12.87
N LEU D 221 8.86 -28.91 -13.18
CA LEU D 221 9.34 -29.90 -12.18
C LEU D 221 10.73 -29.49 -11.71
N ALA D 222 11.53 -28.95 -12.62
CA ALA D 222 12.92 -28.50 -12.36
C ALA D 222 12.88 -27.29 -11.41
N HIS D 223 11.85 -26.45 -11.53
CA HIS D 223 11.61 -25.27 -10.65
C HIS D 223 11.45 -25.73 -9.18
N GLU D 224 10.67 -26.79 -8.98
CA GLU D 224 10.44 -27.35 -7.62
C GLU D 224 11.71 -28.03 -7.12
N LEU D 225 12.43 -28.75 -7.99
CA LEU D 225 13.67 -29.44 -7.59
C LEU D 225 14.70 -28.39 -7.14
N ILE D 226 14.62 -27.19 -7.73
CA ILE D 226 15.50 -26.04 -7.33
C ILE D 226 15.14 -25.72 -5.89
N HIS D 227 13.83 -25.61 -5.63
CA HIS D 227 13.26 -25.26 -4.30
C HIS D 227 13.67 -26.30 -3.26
N ALA D 228 13.41 -27.59 -3.55
CA ALA D 228 13.92 -28.78 -2.85
C ALA D 228 15.40 -28.63 -2.49
N GLY D 229 16.24 -28.41 -3.48
CA GLY D 229 17.70 -28.21 -3.33
C GLY D 229 18.07 -27.12 -2.33
N HIS D 230 17.38 -25.98 -2.32
CA HIS D 230 17.61 -24.88 -1.34
C HIS D 230 17.19 -25.34 0.05
N ARG D 231 16.00 -25.95 0.14
CA ARG D 231 15.37 -26.42 1.41
C ARG D 231 16.13 -27.63 1.97
N LEU D 232 16.68 -28.48 1.09
CA LEU D 232 17.43 -29.69 1.50
C LEU D 232 18.80 -29.28 2.08
N TYR D 233 19.38 -28.18 1.61
CA TYR D 233 20.72 -27.71 2.06
C TYR D 233 20.56 -26.59 3.10
N GLY D 234 19.31 -26.22 3.40
CA GLY D 234 18.93 -25.30 4.48
C GLY D 234 19.30 -23.85 4.19
N ILE D 235 19.29 -23.44 2.91
CA ILE D 235 19.78 -22.12 2.42
C ILE D 235 18.61 -21.39 1.74
N ALA D 236 17.39 -21.80 2.07
CA ALA D 236 16.15 -21.17 1.58
C ALA D 236 16.01 -19.79 2.22
N ILE D 237 15.48 -18.83 1.47
CA ILE D 237 15.21 -17.44 1.95
C ILE D 237 13.83 -17.45 2.59
N ASN D 238 13.69 -16.81 3.75
CA ASN D 238 12.40 -16.62 4.47
C ASN D 238 11.37 -16.21 3.42
N PRO D 239 10.18 -16.84 3.38
CA PRO D 239 9.10 -16.44 2.48
C PRO D 239 8.60 -14.99 2.61
N ASN D 240 8.90 -14.30 3.72
CA ASN D 240 8.45 -12.91 4.03
C ASN D 240 9.48 -11.91 3.50
N VAL D 258 7.37 -9.97 -5.72
CA VAL D 258 7.81 -11.39 -5.82
C VAL D 258 8.79 -11.70 -4.69
N SER D 259 8.68 -12.91 -4.12
CA SER D 259 9.60 -13.45 -3.08
C SER D 259 11.02 -13.54 -3.66
N PHE D 260 12.01 -13.20 -2.84
CA PHE D 260 13.46 -13.36 -3.10
C PHE D 260 13.70 -14.81 -3.55
N GLU D 261 13.08 -15.74 -2.83
CA GLU D 261 13.30 -17.20 -2.98
C GLU D 261 12.94 -17.61 -4.40
N GLU D 262 11.72 -17.27 -4.84
CA GLU D 262 11.18 -17.56 -6.19
C GLU D 262 12.03 -16.85 -7.25
N LEU D 263 12.78 -15.81 -6.87
CA LEU D 263 13.56 -14.94 -7.79
C LEU D 263 14.93 -15.56 -8.05
N ARG D 264 15.66 -15.97 -7.02
CA ARG D 264 16.88 -16.84 -7.13
C ARG D 264 16.58 -18.04 -8.05
N THR D 265 15.42 -18.65 -7.85
CA THR D 265 15.02 -19.97 -8.38
C THR D 265 14.81 -19.85 -9.89
N PHE D 266 13.96 -18.93 -10.34
CA PHE D 266 13.66 -18.69 -11.78
C PHE D 266 14.90 -18.15 -12.49
N GLY D 267 15.72 -17.33 -11.80
CA GLY D 267 17.01 -16.79 -12.29
C GLY D 267 16.84 -15.79 -13.42
N GLY D 268 17.80 -15.81 -14.35
CA GLY D 268 17.81 -15.00 -15.59
C GLY D 268 18.09 -13.53 -15.31
N HIS D 269 17.36 -12.64 -16.00
CA HIS D 269 17.45 -11.16 -15.87
C HIS D 269 16.92 -10.74 -14.50
N ASP D 270 15.69 -11.15 -14.17
CA ASP D 270 14.94 -10.68 -12.96
C ASP D 270 15.75 -10.96 -11.67
N ALA D 271 16.78 -11.82 -11.73
CA ALA D 271 17.68 -12.17 -10.61
C ALA D 271 18.82 -11.15 -10.47
N LYS D 272 18.69 -9.98 -11.10
CA LYS D 272 19.56 -8.78 -10.92
C LYS D 272 18.84 -7.75 -10.04
N PHE D 273 17.51 -7.85 -9.96
CA PHE D 273 16.62 -7.03 -9.10
C PHE D 273 16.99 -7.23 -7.62
N ILE D 274 17.66 -8.34 -7.31
CA ILE D 274 18.03 -8.74 -5.92
C ILE D 274 19.19 -7.86 -5.47
N ASP D 275 18.95 -6.99 -4.47
CA ASP D 275 20.02 -6.27 -3.75
C ASP D 275 21.16 -7.28 -3.53
N SER D 276 22.35 -7.01 -4.07
CA SER D 276 23.52 -7.90 -3.97
C SER D 276 24.02 -7.96 -2.51
N LEU D 277 23.75 -6.91 -1.70
CA LEU D 277 24.14 -6.81 -0.26
C LEU D 277 23.01 -7.32 0.65
N GLN D 278 21.96 -7.93 0.08
CA GLN D 278 21.05 -8.88 0.78
C GLN D 278 21.44 -10.32 0.37
N GLU D 279 22.12 -10.50 -0.78
CA GLU D 279 22.65 -11.79 -1.28
C GLU D 279 23.95 -12.12 -0.51
N ASN D 280 24.88 -11.15 -0.42
CA ASN D 280 26.11 -11.18 0.42
C ASN D 280 25.72 -11.56 1.86
N GLU D 281 24.69 -10.89 2.38
CA GLU D 281 24.17 -10.98 3.78
C GLU D 281 23.67 -12.40 4.08
N PHE D 282 23.16 -13.10 3.06
CA PHE D 282 22.65 -14.50 3.16
C PHE D 282 23.79 -15.49 2.90
N ARG D 283 24.63 -15.22 1.89
CA ARG D 283 25.76 -16.11 1.47
C ARG D 283 26.80 -16.18 2.60
N LEU D 284 26.75 -15.24 3.56
CA LEU D 284 27.56 -15.29 4.82
C LEU D 284 26.76 -15.94 5.96
N TYR D 285 25.43 -15.76 5.99
CA TYR D 285 24.52 -16.31 7.06
C TYR D 285 24.47 -17.84 6.98
N TYR D 286 24.61 -18.40 5.77
CA TYR D 286 24.50 -19.86 5.50
C TYR D 286 25.89 -20.51 5.52
N TYR D 287 26.95 -19.72 5.69
CA TYR D 287 28.35 -20.16 5.93
C TYR D 287 28.53 -20.36 7.43
N ASN D 288 28.07 -19.37 8.20
CA ASN D 288 28.02 -19.36 9.68
C ASN D 288 27.14 -20.52 10.17
N LYS D 289 26.09 -20.87 9.42
CA LYS D 289 25.17 -22.02 9.72
C LYS D 289 25.87 -23.35 9.36
N PHE D 290 26.57 -23.41 8.22
CA PHE D 290 27.37 -24.60 7.78
C PHE D 290 28.50 -24.84 8.79
N LYS D 291 28.97 -23.80 9.47
CA LYS D 291 30.06 -23.85 10.50
C LYS D 291 29.52 -24.30 11.86
N ASP D 292 28.22 -24.11 12.12
CA ASP D 292 27.53 -24.56 13.36
C ASP D 292 27.22 -26.06 13.23
N ILE D 293 27.05 -26.54 11.99
CA ILE D 293 26.93 -27.98 11.61
C ILE D 293 28.28 -28.68 11.86
N ALA D 294 29.38 -28.07 11.40
CA ALA D 294 30.75 -28.59 11.51
C ALA D 294 31.12 -28.70 12.98
N SER D 295 30.58 -27.79 13.80
CA SER D 295 30.72 -27.74 15.28
C SER D 295 29.95 -28.93 15.87
N THR D 296 28.65 -29.03 15.57
CA THR D 296 27.71 -30.05 16.11
C THR D 296 28.27 -31.45 15.89
N LEU D 297 28.92 -31.72 14.75
CA LEU D 297 29.57 -33.02 14.42
C LEU D 297 30.84 -33.20 15.26
N ASN D 298 31.68 -32.18 15.37
CA ASN D 298 32.98 -32.24 16.09
C ASN D 298 32.74 -32.48 17.59
N LYS D 299 31.61 -31.97 18.11
CA LYS D 299 31.17 -32.06 19.53
C LYS D 299 30.36 -33.33 19.76
N ALA D 300 29.99 -34.03 18.67
CA ALA D 300 29.22 -35.30 18.69
C ALA D 300 30.03 -36.39 19.40
N LYS D 301 29.41 -37.08 20.36
CA LYS D 301 30.04 -38.14 21.20
C LYS D 301 29.18 -39.43 21.15
N SER D 302 27.85 -39.27 21.19
CA SER D 302 26.86 -40.36 21.07
C SER D 302 26.04 -40.18 19.78
N ILE D 303 25.18 -41.16 19.45
CA ILE D 303 24.33 -41.25 18.24
C ILE D 303 23.14 -42.16 18.59
N VAL D 304 21.93 -41.72 18.24
CA VAL D 304 20.68 -42.50 18.53
C VAL D 304 20.25 -43.21 17.25
N GLY D 305 19.82 -44.48 17.38
CA GLY D 305 19.37 -45.28 16.22
C GLY D 305 20.22 -46.52 16.03
N THR D 306 19.61 -47.61 15.53
CA THR D 306 20.34 -48.88 15.30
C THR D 306 20.54 -49.10 13.80
N THR D 307 21.04 -48.08 13.10
CA THR D 307 21.28 -48.17 11.63
C THR D 307 22.76 -47.92 11.34
N ALA D 308 23.17 -46.65 11.30
CA ALA D 308 24.58 -46.28 11.03
C ALA D 308 25.26 -45.86 12.34
N SER D 309 26.59 -45.68 12.31
CA SER D 309 27.36 -45.28 13.51
C SER D 309 27.53 -43.75 13.52
N LEU D 310 28.23 -43.23 14.53
CA LEU D 310 28.47 -41.77 14.66
C LEU D 310 29.37 -41.32 13.52
N GLN D 311 30.27 -42.21 13.06
CA GLN D 311 31.31 -41.89 12.05
C GLN D 311 30.75 -42.08 10.63
N TYR D 312 29.77 -42.96 10.40
CA TYR D 312 29.21 -43.13 9.03
C TYR D 312 28.40 -41.88 8.69
N MET D 313 27.65 -41.36 9.67
CA MET D 313 26.75 -40.19 9.52
C MET D 313 27.58 -38.90 9.53
N LYS D 314 28.70 -38.88 10.25
CA LYS D 314 29.65 -37.72 10.23
C LYS D 314 30.25 -37.58 8.82
N ASN D 315 30.60 -38.71 8.20
CA ASN D 315 31.15 -38.76 6.81
C ASN D 315 30.01 -38.41 5.84
N VAL D 316 28.76 -38.77 6.15
CA VAL D 316 27.57 -38.52 5.29
C VAL D 316 27.38 -37.03 5.12
N PHE D 317 27.50 -36.27 6.21
CA PHE D 317 27.22 -34.81 6.32
C PHE D 317 28.51 -34.01 6.04
N LYS D 318 29.67 -34.62 6.24
CA LYS D 318 30.93 -34.18 5.61
C LYS D 318 30.70 -34.12 4.09
N GLU D 319 30.04 -35.12 3.51
CA GLU D 319 29.85 -35.26 2.05
C GLU D 319 28.77 -34.28 1.58
N LYS D 320 27.84 -33.90 2.46
CA LYS D 320 26.73 -32.96 2.14
C LYS D 320 27.26 -31.53 2.08
N TYR D 321 27.84 -31.05 3.20
CA TYR D 321 28.27 -29.65 3.47
C TYR D 321 29.73 -29.47 3.00
N LEU D 322 30.14 -30.33 2.06
CA LEU D 322 31.52 -30.48 1.50
C LEU D 322 32.55 -30.04 2.55
N LEU D 323 32.50 -30.63 3.75
CA LEU D 323 33.39 -30.25 4.87
C LEU D 323 34.78 -30.80 4.62
N SER D 324 35.77 -30.31 5.37
CA SER D 324 37.21 -30.66 5.28
C SER D 324 37.64 -31.31 6.60
N GLU D 325 38.32 -32.47 6.51
CA GLU D 325 38.74 -33.34 7.65
C GLU D 325 40.27 -33.28 7.78
N ASP D 326 40.79 -32.68 8.85
CA ASP D 326 42.23 -32.66 9.24
C ASP D 326 42.60 -34.02 9.85
N THR D 327 43.87 -34.20 10.23
CA THR D 327 44.46 -35.45 10.77
C THR D 327 43.73 -35.86 12.06
N SER D 328 43.38 -34.89 12.92
CA SER D 328 42.69 -35.10 14.22
C SER D 328 41.32 -35.74 13.98
N GLY D 329 40.70 -35.43 12.84
CA GLY D 329 39.34 -35.87 12.46
C GLY D 329 38.29 -34.84 12.84
N LYS D 330 38.68 -33.55 12.79
CA LYS D 330 37.79 -32.39 13.06
C LYS D 330 37.42 -31.77 11.71
N PHE D 331 36.13 -31.60 11.45
CA PHE D 331 35.59 -30.97 10.23
C PHE D 331 35.74 -29.45 10.35
N SER D 332 36.10 -28.80 9.24
CA SER D 332 36.05 -27.34 9.03
C SER D 332 35.21 -27.08 7.78
N VAL D 333 34.68 -25.87 7.63
CA VAL D 333 33.98 -25.42 6.38
C VAL D 333 34.97 -24.60 5.55
N ASP D 334 35.47 -25.20 4.47
CA ASP D 334 36.22 -24.56 3.36
C ASP D 334 35.32 -23.48 2.75
N LYS D 335 35.77 -22.22 2.78
CA LYS D 335 35.03 -21.01 2.30
C LYS D 335 34.91 -21.03 0.76
N LEU D 336 35.84 -21.75 0.11
CA LEU D 336 35.99 -21.85 -1.37
C LEU D 336 35.06 -22.94 -1.92
N LYS D 337 35.09 -24.14 -1.33
CA LYS D 337 34.16 -25.26 -1.63
C LYS D 337 32.72 -24.81 -1.36
N PHE D 338 32.47 -24.16 -0.21
CA PHE D 338 31.15 -23.64 0.22
C PHE D 338 30.64 -22.66 -0.84
N ASP D 339 31.51 -21.77 -1.34
CA ASP D 339 31.11 -20.66 -2.24
C ASP D 339 30.66 -21.25 -3.59
N LYS D 340 31.26 -22.35 -4.05
CA LYS D 340 30.89 -23.06 -5.32
C LYS D 340 29.57 -23.82 -5.14
N LEU D 341 29.34 -24.44 -3.98
CA LEU D 341 28.11 -25.21 -3.64
C LEU D 341 26.93 -24.25 -3.55
N TYR D 342 27.07 -23.19 -2.75
CA TYR D 342 26.11 -22.06 -2.62
C TYR D 342 25.81 -21.49 -4.01
N LYS D 343 26.84 -21.17 -4.80
CA LYS D 343 26.70 -20.63 -6.18
C LYS D 343 25.90 -21.62 -7.04
N MET D 344 26.28 -22.91 -7.00
CA MET D 344 25.66 -23.98 -7.83
C MET D 344 24.17 -24.07 -7.50
N LEU D 345 23.82 -23.99 -6.21
CA LEU D 345 22.45 -24.26 -5.69
C LEU D 345 21.56 -23.05 -5.96
N THR D 346 22.08 -21.84 -5.75
CA THR D 346 21.33 -20.56 -5.75
C THR D 346 21.30 -19.87 -7.14
N GLU D 347 22.36 -19.93 -7.97
CA GLU D 347 22.43 -19.10 -9.21
C GLU D 347 22.90 -19.89 -10.44
N ILE D 348 23.37 -21.14 -10.30
CA ILE D 348 23.62 -22.06 -11.45
C ILE D 348 22.38 -22.91 -11.67
N TYR D 349 21.67 -23.28 -10.58
CA TYR D 349 20.41 -24.05 -10.61
C TYR D 349 19.23 -23.09 -10.64
N THR D 350 18.68 -22.83 -11.84
CA THR D 350 17.64 -21.79 -12.13
C THR D 350 16.74 -22.24 -13.30
N GLU D 351 15.44 -22.03 -13.21
CA GLU D 351 14.47 -22.27 -14.32
C GLU D 351 15.02 -21.75 -15.64
N ASP D 352 15.65 -20.55 -15.60
CA ASP D 352 16.18 -19.84 -16.79
C ASP D 352 17.33 -20.66 -17.40
N ASN D 353 18.31 -21.07 -16.57
CA ASN D 353 19.50 -21.87 -16.98
C ASN D 353 19.04 -23.27 -17.43
N PHE D 354 17.81 -23.70 -17.09
CA PHE D 354 17.24 -25.02 -17.49
C PHE D 354 16.67 -24.94 -18.92
N VAL D 355 16.03 -23.83 -19.29
CA VAL D 355 15.39 -23.64 -20.62
C VAL D 355 16.49 -23.44 -21.67
N LYS D 356 17.67 -23.00 -21.26
CA LYS D 356 18.88 -23.01 -22.13
C LYS D 356 19.10 -24.47 -22.55
N PHE D 357 19.44 -25.31 -21.58
CA PHE D 357 19.77 -26.76 -21.74
C PHE D 357 18.68 -27.47 -22.55
N PHE D 358 17.41 -27.32 -22.16
CA PHE D 358 16.24 -28.03 -22.74
C PHE D 358 15.95 -27.55 -24.17
N LYS D 359 16.55 -26.43 -24.59
CA LYS D 359 16.24 -25.72 -25.86
C LYS D 359 14.72 -25.68 -26.02
N VAL D 360 14.02 -25.05 -25.07
CA VAL D 360 12.53 -24.89 -25.06
C VAL D 360 12.20 -23.40 -25.01
N LEU D 361 10.93 -23.08 -25.18
CA LEU D 361 10.36 -21.73 -24.90
C LEU D 361 9.69 -21.76 -23.53
N ASN D 362 9.99 -20.75 -22.73
CA ASN D 362 9.43 -20.54 -21.37
C ASN D 362 9.21 -19.03 -21.19
N ARG D 363 8.19 -18.66 -20.42
CA ARG D 363 8.04 -17.29 -19.85
C ARG D 363 9.43 -16.75 -19.55
N LYS D 364 9.77 -15.57 -20.08
CA LYS D 364 11.13 -14.95 -19.95
C LYS D 364 11.27 -14.30 -18.57
N THR D 365 10.21 -14.34 -17.76
CA THR D 365 10.08 -13.61 -16.47
C THR D 365 8.89 -14.22 -15.70
N TYR D 366 8.83 -13.99 -14.39
CA TYR D 366 7.98 -14.72 -13.42
C TYR D 366 6.52 -14.21 -13.45
N LEU D 367 6.19 -13.18 -14.23
CA LEU D 367 4.86 -12.51 -14.16
C LEU D 367 4.14 -12.57 -15.52
N ASN D 368 4.43 -13.60 -16.33
CA ASN D 368 3.72 -13.93 -17.59
C ASN D 368 2.46 -14.74 -17.24
N PHE D 369 1.35 -14.06 -16.98
CA PHE D 369 0.10 -14.65 -16.44
C PHE D 369 -0.38 -15.78 -17.37
N ASP D 370 0.04 -17.00 -17.02
CA ASP D 370 -0.44 -18.27 -17.61
C ASP D 370 -1.97 -18.17 -17.76
N LYS D 371 -2.47 -17.88 -18.97
CA LYS D 371 -3.90 -17.59 -19.28
C LYS D 371 -4.66 -18.89 -19.65
N ALA D 372 -4.08 -20.08 -19.43
CA ALA D 372 -4.77 -21.39 -19.57
C ALA D 372 -3.97 -22.53 -18.92
N VAL D 373 -4.70 -23.50 -18.36
CA VAL D 373 -4.20 -24.87 -18.00
C VAL D 373 -4.68 -25.83 -19.08
N PHE D 374 -3.76 -26.61 -19.65
CA PHE D 374 -4.04 -27.60 -20.73
C PHE D 374 -3.86 -29.02 -20.20
N LYS D 375 -4.82 -29.89 -20.46
CA LYS D 375 -4.68 -31.37 -20.34
C LYS D 375 -3.57 -31.81 -21.30
N ILE D 376 -2.70 -32.74 -20.87
CA ILE D 376 -1.57 -33.26 -21.69
C ILE D 376 -1.39 -34.74 -21.36
N ASN D 377 -0.65 -35.45 -22.22
CA ASN D 377 -0.16 -36.84 -21.99
C ASN D 377 1.24 -36.97 -22.60
N ILE D 378 2.26 -36.79 -21.78
CA ILE D 378 3.71 -36.76 -22.17
C ILE D 378 4.33 -38.17 -22.16
N VAL D 379 3.57 -39.23 -21.86
CA VAL D 379 4.09 -40.62 -21.65
C VAL D 379 4.43 -41.21 -23.02
N PRO D 380 3.52 -41.15 -24.00
CA PRO D 380 3.84 -41.59 -25.36
C PRO D 380 5.05 -40.82 -25.93
N LYS D 381 5.95 -41.54 -26.60
CA LYS D 381 7.15 -40.96 -27.26
C LYS D 381 6.84 -40.40 -28.65
N VAL D 382 5.57 -40.45 -29.08
CA VAL D 382 5.02 -39.76 -30.28
C VAL D 382 4.48 -38.38 -29.85
N ASN D 383 4.14 -38.21 -28.57
CA ASN D 383 3.59 -36.97 -27.97
C ASN D 383 4.75 -36.10 -27.45
N TYR D 384 5.69 -36.70 -26.70
CA TYR D 384 6.74 -36.00 -25.88
C TYR D 384 7.86 -37.01 -25.54
N THR D 385 9.13 -36.57 -25.64
CA THR D 385 10.33 -37.42 -25.45
C THR D 385 11.32 -36.75 -24.49
N ILE D 386 12.12 -37.57 -23.80
CA ILE D 386 13.21 -37.18 -22.87
C ILE D 386 14.06 -36.06 -23.49
N TYR D 387 14.41 -36.18 -24.76
CA TYR D 387 15.59 -35.46 -25.37
C TYR D 387 15.15 -34.14 -26.01
N ASP D 388 13.90 -34.04 -26.48
CA ASP D 388 13.36 -32.89 -27.26
C ASP D 388 12.06 -32.36 -26.65
N GLY D 389 11.54 -33.00 -25.60
CA GLY D 389 10.23 -32.70 -25.01
C GLY D 389 9.13 -32.85 -26.04
N PHE D 390 8.21 -31.87 -26.10
CA PHE D 390 7.13 -31.73 -27.12
C PHE D 390 7.71 -31.46 -28.52
N ASN D 391 8.84 -30.75 -28.57
CA ASN D 391 9.49 -30.27 -29.82
C ASN D 391 10.23 -31.44 -30.49
N LEU D 392 9.48 -32.41 -31.03
CA LEU D 392 10.02 -33.66 -31.61
C LEU D 392 10.98 -33.32 -32.77
N ARG D 393 12.21 -33.83 -32.70
CA ARG D 393 13.19 -33.81 -33.83
C ARG D 393 12.60 -34.63 -34.97
N ASN D 394 12.97 -34.30 -36.22
CA ASN D 394 12.54 -35.01 -37.45
C ASN D 394 11.01 -34.88 -37.61
N THR D 395 10.43 -33.76 -37.13
CA THR D 395 8.98 -33.41 -37.25
C THR D 395 8.84 -31.91 -37.54
N ASN D 396 7.61 -31.43 -37.81
CA ASN D 396 7.28 -29.99 -38.03
C ASN D 396 7.52 -29.19 -36.74
N LEU D 397 7.60 -29.88 -35.58
CA LEU D 397 7.54 -29.30 -34.21
C LEU D 397 8.93 -28.82 -33.72
N ALA D 398 10.02 -29.21 -34.39
CA ALA D 398 11.42 -28.99 -33.92
C ALA D 398 11.85 -27.53 -34.11
N ALA D 399 11.05 -26.71 -34.80
CA ALA D 399 11.41 -25.35 -35.27
C ALA D 399 10.39 -24.33 -34.75
N ASN D 400 10.89 -23.22 -34.18
CA ASN D 400 10.13 -22.12 -33.51
C ASN D 400 9.30 -22.73 -32.37
N PHE D 401 9.84 -23.78 -31.73
CA PHE D 401 9.17 -24.55 -30.65
C PHE D 401 7.72 -24.83 -31.04
N ASN D 402 7.48 -25.27 -32.28
CA ASN D 402 6.11 -25.52 -32.84
C ASN D 402 5.45 -26.71 -32.12
N GLY D 403 6.23 -27.52 -31.37
CA GLY D 403 5.73 -28.59 -30.48
C GLY D 403 5.02 -28.04 -29.26
N GLN D 404 5.48 -26.89 -28.76
CA GLN D 404 4.94 -26.16 -27.59
C GLN D 404 3.74 -25.29 -27.98
N ASN D 405 3.55 -24.97 -29.27
CA ASN D 405 2.43 -24.13 -29.79
C ASN D 405 1.12 -24.92 -29.63
N THR D 406 0.13 -24.33 -28.97
CA THR D 406 -1.19 -24.96 -28.65
C THR D 406 -2.03 -25.09 -29.92
N GLU D 407 -1.86 -24.18 -30.89
CA GLU D 407 -2.58 -24.18 -32.20
C GLU D 407 -2.03 -25.33 -33.07
N ILE D 408 -0.74 -25.28 -33.39
CA ILE D 408 -0.02 -26.18 -34.36
C ILE D 408 -0.19 -27.65 -33.93
N ASN D 409 -0.04 -27.92 -32.62
CA ASN D 409 -0.07 -29.26 -31.97
C ASN D 409 -1.30 -29.31 -31.06
N ASN D 410 -2.52 -29.20 -31.62
CA ASN D 410 -3.79 -29.07 -30.86
C ASN D 410 -4.18 -30.40 -30.19
N MET D 411 -3.64 -31.54 -30.65
CA MET D 411 -3.95 -32.90 -30.10
C MET D 411 -3.34 -33.00 -28.70
N ASN D 412 -2.10 -32.53 -28.53
CA ASN D 412 -1.29 -32.63 -27.29
C ASN D 412 -1.70 -31.54 -26.27
N PHE D 413 -2.48 -30.54 -26.69
CA PHE D 413 -2.88 -29.39 -25.83
C PHE D 413 -4.38 -29.12 -26.00
N THR D 414 -5.19 -29.56 -25.02
CA THR D 414 -6.65 -29.31 -24.94
C THR D 414 -6.91 -28.34 -23.77
N LYS D 415 -7.20 -27.07 -24.07
CA LYS D 415 -7.53 -26.04 -23.05
C LYS D 415 -8.65 -26.60 -22.17
N LEU D 416 -8.71 -26.19 -20.90
CA LEU D 416 -9.75 -26.65 -19.92
C LEU D 416 -10.44 -25.44 -19.29
N LYS D 417 -11.77 -25.52 -19.15
CA LYS D 417 -12.66 -24.51 -18.51
C LYS D 417 -12.00 -23.13 -18.54
#